data_7KCM
#
_entry.id   7KCM
#
_cell.length_a   1.00
_cell.length_b   1.00
_cell.length_c   1.00
_cell.angle_alpha   90.00
_cell.angle_beta   90.00
_cell.angle_gamma   90.00
#
_symmetry.space_group_name_H-M   'P 1'
#
loop_
_entity.id
_entity.type
_entity.pdbx_description
1 polymer 'Heat shock protein 75 kDa, mitochondrial'
2 polymer 'Succinate dehydrogenase [ubiquinone] iron-sulfur subunit, mitochondrial'
3 non-polymer 'PHOSPHOAMINOPHOSPHONIC ACID-ADENYLATE ESTER'
4 non-polymer 'MAGNESIUM ION'
5 non-polymer 'POTASSIUM ION'
6 non-polymer 'FE2/S2 (INORGANIC) CLUSTER'
#
loop_
_entity_poly.entity_id
_entity_poly.type
_entity_poly.pdbx_seq_one_letter_code
_entity_poly.pdbx_strand_id
1 'polypeptide(L)'
;GIDPFTSTQTAEDKEEPLHSIISSTESVQGSTSKHEFQAETKKLLDIVARSLYSEKEVFIRELISNASDALEKLRHKLVS
DGQALPEMEIHLQTNAEKGTITIQDTGIGMTQEELVSNLGTIARSGSKAFLDALQNQAEASSKIIGQFGVGFYSAFMVAD
RVEVYSRSAAPGSLGYQWLSDGSGVFEIAEASGVRTGTKIIIHLKSDCKEFSSEARVRDVVTKYSNFVSFPLYLNGRRMN
TLQAIWMMDPKDVGEWQHEEFYRYVAQAHDKPRYTLHYKTDAPLNIRSIFYVPDMKPSMFDVSRELGSSVALYSRKVLIQ
TKATDILPKWLRFIRGVVDSEDIPLNLSRELLQESALIRKLRDVLQQRLIKFFIDQSKKDAEKYAKFFEDYGLFMREGIV
TATEQEVKEDIAKLLRYESSALPSGQLTSLSEYASRMRAGTRNIYYLCAPNRHLAEHSPYYEAMKKKDTEVLFCFEQFDE
LTLLHLREFDKKKLISVETDIVVDHYKEEKFEDRSPAAECLSEKETEELMAWMRNVLGSRVTNVKVTLRLDTHPAMVTVL
EMGAARHFLRMQQLAKTQEERAQLLQPTLEINPRHALIKKLNQLRASEPGLAQLLVDQIYENAMIAAGLVDDPRAMVGRL
NELLVKALERH
;
A,B
2 'polypeptide(L)'
;GSAQTAAATAPRIKKFAIYRWDPDKAGDKPHMQTYEVDLNKCGPMVLDALIKIKNEVDSTLTFRRSCREGICGSCAMNIN
GGNTLACTRRIDTNLNKVSKIYPLPHMYVIKDLVPDLSNFYAQYKSIEPYLKKK
;
C
#
# COMPACT_ATOMS: atom_id res chain seq x y z
N PRO A 17 45.19 -9.70 -10.87
CA PRO A 17 45.21 -11.10 -10.47
C PRO A 17 44.38 -11.36 -9.20
N LEU A 18 44.77 -12.37 -8.43
CA LEU A 18 44.10 -12.72 -7.19
C LEU A 18 45.06 -12.56 -6.03
N HIS A 19 44.64 -11.83 -5.01
CA HIS A 19 45.43 -11.62 -3.79
C HIS A 19 44.70 -12.29 -2.63
N SER A 20 45.22 -13.45 -2.21
CA SER A 20 44.60 -14.24 -1.15
C SER A 20 45.57 -14.40 0.01
N ILE A 21 45.06 -14.20 1.23
CA ILE A 21 45.86 -14.33 2.44
C ILE A 21 45.45 -15.54 3.25
N ILE A 22 44.56 -16.38 2.72
CA ILE A 22 44.12 -17.58 3.42
C ILE A 22 45.17 -18.67 3.24
N SER A 23 45.62 -19.25 4.36
CA SER A 23 46.61 -20.31 4.34
C SER A 23 46.26 -21.35 5.38
N SER A 24 46.81 -22.56 5.20
CA SER A 24 46.60 -23.66 6.11
C SER A 24 47.84 -23.99 6.92
N THR A 25 48.81 -23.07 6.97
CA THR A 25 50.07 -23.33 7.66
C THR A 25 49.94 -23.32 9.18
N GLU A 26 48.82 -22.85 9.71
CA GLU A 26 48.64 -22.79 11.16
C GLU A 26 48.51 -24.20 11.73
N SER A 27 48.92 -24.35 12.99
CA SER A 27 48.88 -25.63 13.66
C SER A 27 48.59 -25.42 15.14
N VAL A 28 48.16 -26.50 15.80
CA VAL A 28 47.81 -26.49 17.21
C VAL A 28 48.81 -27.35 17.97
N GLN A 29 49.37 -26.79 19.05
CA GLN A 29 50.30 -27.54 19.88
C GLN A 29 49.89 -27.48 21.35
N GLY A 30 49.18 -26.42 21.72
CA GLY A 30 48.79 -26.26 23.11
C GLY A 30 47.70 -27.21 23.53
N SER A 31 47.58 -27.39 24.84
CA SER A 31 46.54 -28.25 25.39
C SER A 31 45.16 -27.64 25.17
N THR A 32 44.20 -28.48 24.82
CA THR A 32 42.84 -28.03 24.56
C THR A 32 42.10 -27.93 25.89
N SER A 33 41.72 -26.72 26.27
CA SER A 33 41.00 -26.48 27.51
C SER A 33 39.50 -26.74 27.28
N LYS A 34 38.68 -26.35 28.24
CA LYS A 34 37.24 -26.51 28.13
C LYS A 34 36.56 -25.47 29.00
N HIS A 35 35.65 -24.70 28.40
CA HIS A 35 34.95 -23.63 29.11
C HIS A 35 33.47 -23.69 28.79
N GLU A 36 32.68 -23.15 29.71
CA GLU A 36 31.24 -23.06 29.56
C GLU A 36 30.87 -21.64 29.14
N PHE A 37 29.95 -21.54 28.18
CA PHE A 37 29.49 -20.24 27.72
C PHE A 37 28.90 -19.44 28.86
N GLN A 38 29.28 -18.16 28.93
CA GLN A 38 28.76 -17.24 29.92
C GLN A 38 27.76 -16.29 29.26
N ALA A 39 27.09 -15.50 30.09
CA ALA A 39 26.15 -14.50 29.59
C ALA A 39 25.95 -13.45 30.67
N GLU A 40 26.45 -12.24 30.43
CA GLU A 40 26.27 -11.16 31.39
C GLU A 40 24.84 -10.64 31.30
N THR A 41 24.20 -10.48 32.45
CA THR A 41 22.78 -10.16 32.50
C THR A 41 22.48 -8.68 32.35
N LYS A 42 23.45 -7.80 32.65
CA LYS A 42 23.22 -6.36 32.52
C LYS A 42 22.89 -6.00 31.08
N LYS A 43 23.73 -6.43 30.14
CA LYS A 43 23.49 -6.11 28.73
C LYS A 43 22.29 -6.85 28.18
N LEU A 44 22.01 -8.06 28.68
CA LEU A 44 20.81 -8.76 28.24
C LEU A 44 19.55 -8.01 28.65
N LEU A 45 19.50 -7.54 29.90
CA LEU A 45 18.37 -6.73 30.34
C LEU A 45 18.27 -5.44 29.54
N ASP A 46 19.41 -4.81 29.26
CA ASP A 46 19.39 -3.58 28.47
C ASP A 46 18.85 -3.84 27.06
N ILE A 47 19.28 -4.94 26.44
CA ILE A 47 18.82 -5.28 25.10
C ILE A 47 17.32 -5.55 25.10
N VAL A 48 16.84 -6.32 26.09
CA VAL A 48 15.41 -6.63 26.14
C VAL A 48 14.59 -5.36 26.35
N ALA A 49 15.04 -4.48 27.26
CA ALA A 49 14.26 -3.31 27.61
C ALA A 49 14.37 -2.20 26.57
N ARG A 50 15.41 -2.21 25.73
CA ARG A 50 15.64 -1.14 24.78
C ARG A 50 15.52 -1.59 23.33
N SER A 51 16.29 -2.60 22.93
CA SER A 51 16.45 -2.96 21.54
C SER A 51 15.91 -4.36 21.23
N LEU A 52 14.77 -4.71 21.80
CA LEU A 52 14.10 -5.97 21.48
C LEU A 52 12.73 -5.76 20.87
N TYR A 53 11.87 -5.01 21.53
CA TYR A 53 10.49 -4.82 21.08
C TYR A 53 10.35 -3.42 20.49
N SER A 54 9.85 -3.37 19.24
CA SER A 54 9.64 -2.09 18.58
C SER A 54 8.57 -1.28 19.29
N GLU A 55 7.49 -1.93 19.73
CA GLU A 55 6.39 -1.24 20.38
C GLU A 55 6.54 -1.31 21.89
N LYS A 56 6.43 -0.16 22.54
CA LYS A 56 6.51 -0.08 23.99
C LYS A 56 5.31 -0.71 24.68
N GLU A 57 4.25 -1.01 23.94
CA GLU A 57 2.98 -1.46 24.50
C GLU A 57 2.87 -2.97 24.62
N VAL A 58 3.91 -3.73 24.25
CA VAL A 58 3.81 -5.18 24.24
C VAL A 58 4.05 -5.81 25.60
N PHE A 59 4.42 -5.02 26.61
CA PHE A 59 4.76 -5.61 27.91
C PHE A 59 3.52 -6.19 28.59
N ILE A 60 2.37 -5.50 28.50
CA ILE A 60 1.16 -6.08 29.07
C ILE A 60 0.67 -7.26 28.25
N ARG A 61 0.93 -7.27 26.93
CA ARG A 61 0.62 -8.46 26.15
C ARG A 61 1.43 -9.65 26.64
N GLU A 62 2.72 -9.44 26.90
CA GLU A 62 3.55 -10.52 27.43
C GLU A 62 3.08 -10.95 28.81
N LEU A 63 2.69 -10.00 29.66
CA LEU A 63 2.20 -10.35 30.99
C LEU A 63 0.89 -11.11 30.92
N ILE A 64 -0.01 -10.74 30.01
CA ILE A 64 -1.27 -11.46 29.84
C ILE A 64 -1.00 -12.86 29.31
N SER A 65 -0.03 -13.01 28.41
CA SER A 65 0.36 -14.33 27.94
C SER A 65 0.89 -15.18 29.09
N ASN A 66 1.70 -14.58 29.96
CA ASN A 66 2.21 -15.31 31.12
C ASN A 66 1.07 -15.73 32.05
N ALA A 67 0.10 -14.84 32.28
CA ALA A 67 -1.04 -15.18 33.12
C ALA A 67 -1.86 -16.30 32.50
N SER A 68 -2.07 -16.26 31.19
CA SER A 68 -2.79 -17.33 30.51
C SER A 68 -2.04 -18.66 30.62
N ASP A 69 -0.71 -18.62 30.48
CA ASP A 69 0.08 -19.84 30.64
C ASP A 69 -0.04 -20.39 32.04
N ALA A 70 0.01 -19.52 33.05
CA ALA A 70 -0.12 -19.97 34.43
C ALA A 70 -1.49 -20.58 34.68
N LEU A 71 -2.55 -19.95 34.16
CA LEU A 71 -3.89 -20.49 34.34
C LEU A 71 -4.05 -21.84 33.63
N GLU A 72 -3.45 -21.97 32.44
CA GLU A 72 -3.49 -23.24 31.73
C GLU A 72 -2.76 -24.32 32.50
N LYS A 73 -1.59 -23.98 33.08
CA LYS A 73 -0.86 -24.95 33.89
C LYS A 73 -1.67 -25.38 35.10
N LEU A 74 -2.33 -24.43 35.77
CA LEU A 74 -3.17 -24.78 36.90
C LEU A 74 -4.31 -25.67 36.49
N ARG A 75 -4.96 -25.36 35.36
CA ARG A 75 -6.06 -26.18 34.88
C ARG A 75 -5.59 -27.60 34.58
N HIS A 76 -4.43 -27.73 33.93
CA HIS A 76 -3.90 -29.05 33.62
C HIS A 76 -3.59 -29.82 34.89
N LYS A 77 -2.97 -29.16 35.88
CA LYS A 77 -2.67 -29.84 37.13
C LYS A 77 -3.94 -30.29 37.84
N LEU A 78 -4.97 -29.45 37.84
CA LEU A 78 -6.21 -29.79 38.53
C LEU A 78 -6.95 -30.93 37.84
N VAL A 79 -6.99 -30.92 36.50
CA VAL A 79 -7.66 -32.02 35.80
C VAL A 79 -6.86 -33.31 35.92
N SER A 80 -5.53 -33.20 36.04
CA SER A 80 -4.73 -34.39 36.33
C SER A 80 -5.06 -34.92 37.72
N ASP A 81 -5.21 -34.02 38.70
CA ASP A 81 -5.64 -34.44 40.04
C ASP A 81 -7.13 -34.80 40.06
N GLY A 82 -7.90 -34.33 39.09
CA GLY A 82 -9.31 -34.70 39.01
C GLY A 82 -10.15 -34.20 40.16
N GLN A 83 -9.93 -32.96 40.59
CA GLN A 83 -10.69 -32.35 41.67
C GLN A 83 -11.42 -31.11 41.16
N ALA A 84 -12.06 -30.40 42.08
CA ALA A 84 -12.87 -29.25 41.72
C ALA A 84 -12.01 -28.15 41.08
N LEU A 85 -12.59 -27.44 40.12
CA LEU A 85 -11.91 -26.37 39.42
C LEU A 85 -12.39 -25.03 39.94
N PRO A 86 -11.57 -24.29 40.70
CA PRO A 86 -11.99 -22.96 41.16
C PRO A 86 -11.98 -21.96 40.01
N GLU A 87 -12.50 -20.77 40.29
CA GLU A 87 -12.54 -19.73 39.28
C GLU A 87 -11.13 -19.28 38.94
N MET A 88 -10.85 -19.15 37.65
CA MET A 88 -9.56 -18.70 37.15
C MET A 88 -9.79 -17.58 36.15
N GLU A 89 -9.13 -16.44 36.37
CA GLU A 89 -9.32 -15.28 35.52
C GLU A 89 -8.11 -14.36 35.66
N ILE A 90 -7.94 -13.47 34.68
CA ILE A 90 -6.86 -12.50 34.68
C ILE A 90 -7.43 -11.12 34.98
N HIS A 91 -6.87 -10.46 35.98
CA HIS A 91 -7.34 -9.16 36.43
C HIS A 91 -6.29 -8.10 36.16
N LEU A 92 -6.71 -7.01 35.52
CA LEU A 92 -5.83 -5.88 35.23
C LEU A 92 -6.33 -4.67 36.02
N GLN A 93 -5.43 -4.05 36.77
CA GLN A 93 -5.76 -2.87 37.58
C GLN A 93 -4.92 -1.69 37.11
N THR A 94 -5.59 -0.57 36.88
CA THR A 94 -4.93 0.67 36.44
C THR A 94 -5.17 1.74 37.47
N ASN A 95 -4.09 2.39 37.93
CA ASN A 95 -4.17 3.43 38.94
C ASN A 95 -3.49 4.68 38.38
N ALA A 96 -4.30 5.61 37.87
CA ALA A 96 -3.75 6.85 37.32
C ALA A 96 -3.09 7.70 38.40
N GLU A 97 -3.69 7.75 39.59
CA GLU A 97 -3.12 8.56 40.66
C GLU A 97 -1.75 8.05 41.09
N LYS A 98 -1.61 6.72 41.24
CA LYS A 98 -0.33 6.14 41.61
C LYS A 98 0.60 5.95 40.42
N GLY A 99 0.10 6.04 39.20
CA GLY A 99 0.92 5.79 38.03
C GLY A 99 1.41 4.36 37.95
N THR A 100 0.55 3.39 38.24
CA THR A 100 0.94 1.99 38.25
C THR A 100 -0.12 1.17 37.54
N ILE A 101 0.31 0.01 37.02
CA ILE A 101 -0.58 -0.96 36.41
C ILE A 101 -0.34 -2.30 37.08
N THR A 102 -1.43 -2.95 37.50
CA THR A 102 -1.37 -4.20 38.24
C THR A 102 -2.07 -5.29 37.45
N ILE A 103 -1.39 -6.41 37.25
CA ILE A 103 -1.97 -7.59 36.61
C ILE A 103 -1.92 -8.74 37.61
N GLN A 104 -3.06 -9.36 37.85
CA GLN A 104 -3.16 -10.47 38.80
C GLN A 104 -3.89 -11.63 38.15
N ASP A 105 -3.37 -12.83 38.37
CA ASP A 105 -3.96 -14.05 37.85
C ASP A 105 -4.10 -15.06 38.98
N THR A 106 -5.02 -16.00 38.79
CA THR A 106 -5.29 -17.05 39.78
C THR A 106 -4.67 -18.37 39.34
N GLY A 107 -3.48 -18.32 38.76
CA GLY A 107 -2.82 -19.49 38.22
C GLY A 107 -2.13 -20.32 39.28
N ILE A 108 -1.19 -21.15 38.82
CA ILE A 108 -0.48 -22.05 39.73
C ILE A 108 0.33 -21.25 40.75
N GLY A 109 0.99 -20.20 40.30
CA GLY A 109 1.89 -19.46 41.17
C GLY A 109 3.28 -20.08 41.19
N MET A 110 4.19 -19.37 41.85
CA MET A 110 5.59 -19.74 41.88
C MET A 110 6.13 -19.68 43.30
N THR A 111 6.87 -20.71 43.69
CA THR A 111 7.55 -20.71 44.97
C THR A 111 8.80 -19.84 44.90
N GLN A 112 9.48 -19.69 46.04
CA GLN A 112 10.71 -18.91 46.09
C GLN A 112 11.76 -19.52 45.17
N GLU A 113 11.94 -20.84 45.23
CA GLU A 113 12.85 -21.51 44.32
C GLU A 113 12.39 -21.35 42.88
N GLU A 114 11.09 -21.49 42.63
CA GLU A 114 10.56 -21.30 41.28
C GLU A 114 10.74 -19.86 40.82
N LEU A 115 10.51 -18.90 41.73
CA LEU A 115 10.71 -17.48 41.38
C LEU A 115 12.15 -17.21 40.99
N VAL A 116 13.10 -17.74 41.77
CA VAL A 116 14.51 -17.54 41.46
C VAL A 116 14.87 -18.22 40.14
N SER A 117 14.38 -19.44 39.93
CA SER A 117 14.73 -20.19 38.73
C SER A 117 14.18 -19.53 37.46
N ASN A 118 12.94 -19.04 37.51
CA ASN A 118 12.30 -18.51 36.31
C ASN A 118 12.57 -17.02 36.14
N LEU A 119 12.17 -16.21 37.12
CA LEU A 119 12.28 -14.76 36.98
C LEU A 119 13.74 -14.32 36.91
N GLY A 120 14.59 -14.92 37.74
CA GLY A 120 15.97 -14.50 37.83
C GLY A 120 16.90 -15.01 36.76
N THR A 121 16.42 -15.85 35.85
CA THR A 121 17.24 -16.41 34.78
C THR A 121 16.69 -15.98 33.44
N ILE A 122 17.56 -15.39 32.61
CA ILE A 122 17.15 -14.97 31.27
C ILE A 122 17.00 -16.19 30.38
N ALA A 123 15.99 -16.18 29.52
CA ALA A 123 15.68 -17.25 28.58
C ALA A 123 15.32 -18.56 29.25
N ARG A 124 15.07 -18.56 30.56
CA ARG A 124 14.60 -19.73 31.27
C ARG A 124 13.10 -19.61 31.48
N SER A 125 12.34 -20.51 30.88
CA SER A 125 10.89 -20.47 30.92
C SER A 125 10.37 -21.76 31.52
N GLY A 126 9.49 -21.64 32.53
CA GLY A 126 8.83 -22.82 33.07
C GLY A 126 7.79 -23.41 32.16
N SER A 127 7.35 -22.65 31.16
CA SER A 127 6.37 -23.18 30.20
C SER A 127 6.96 -24.33 29.40
N LYS A 128 8.21 -24.21 28.96
CA LYS A 128 8.84 -25.29 28.20
C LYS A 128 9.05 -26.52 29.08
N ALA A 129 9.43 -26.31 30.34
CA ALA A 129 9.59 -27.44 31.26
C ALA A 129 8.25 -28.14 31.50
N PHE A 130 7.18 -27.36 31.64
CA PHE A 130 5.86 -27.94 31.81
C PHE A 130 5.43 -28.71 30.56
N LEU A 131 5.72 -28.17 29.38
CA LEU A 131 5.37 -28.85 28.13
C LEU A 131 6.15 -30.15 27.98
N ASP A 132 7.41 -30.17 28.42
CA ASP A 132 8.20 -31.40 28.38
C ASP A 132 7.63 -32.47 29.30
N ALA A 133 6.80 -32.10 30.28
CA ALA A 133 6.16 -33.03 31.18
C ALA A 133 4.72 -33.34 30.77
N LEU A 134 4.35 -33.05 29.52
CA LEU A 134 2.98 -33.31 29.07
C LEU A 134 2.83 -34.72 28.50
N GLN A 135 3.83 -35.17 27.74
CA GLN A 135 3.89 -36.50 27.15
C GLN A 135 2.77 -36.77 26.14
N ASN A 136 1.98 -35.76 25.79
CA ASN A 136 0.95 -35.93 24.78
C ASN A 136 1.02 -34.81 23.75
N GLN A 137 1.50 -33.64 24.17
CA GLN A 137 1.70 -32.48 23.31
C GLN A 137 0.40 -32.02 22.65
N ALA A 138 -0.75 -32.35 23.21
CA ALA A 138 -2.02 -31.93 22.65
C ALA A 138 -2.94 -31.35 23.71
N GLU A 139 -2.77 -31.78 24.97
CA GLU A 139 -3.64 -31.33 26.04
C GLU A 139 -3.43 -29.84 26.32
N ALA A 140 -2.17 -29.40 26.40
CA ALA A 140 -1.86 -28.02 26.71
C ALA A 140 -0.80 -27.40 25.82
N SER A 141 -0.15 -28.18 24.94
CA SER A 141 0.86 -27.61 24.07
C SER A 141 0.26 -26.62 23.08
N SER A 142 -1.00 -26.79 22.71
CA SER A 142 -1.68 -25.89 21.79
C SER A 142 -2.11 -24.59 22.46
N LYS A 143 -2.05 -24.51 23.79
CA LYS A 143 -2.52 -23.33 24.51
C LYS A 143 -1.42 -22.63 25.31
N ILE A 144 -0.24 -23.22 25.44
CA ILE A 144 0.87 -22.57 26.13
C ILE A 144 1.57 -21.63 25.16
N ILE A 145 1.69 -20.36 25.55
CA ILE A 145 2.26 -19.36 24.66
C ILE A 145 3.75 -19.18 24.86
N GLY A 146 4.20 -19.17 26.11
CA GLY A 146 5.60 -18.94 26.41
C GLY A 146 6.55 -19.97 25.84
N GLN A 147 7.54 -19.51 25.07
CA GLN A 147 8.52 -20.41 24.47
C GLN A 147 9.96 -19.93 24.56
N PHE A 148 10.21 -18.66 24.89
CA PHE A 148 11.56 -18.12 24.90
C PHE A 148 12.12 -17.96 26.31
N GLY A 149 11.39 -17.29 27.19
CA GLY A 149 11.86 -17.01 28.53
C GLY A 149 12.26 -15.57 28.79
N VAL A 150 11.94 -14.65 27.88
CA VAL A 150 12.25 -13.23 28.03
C VAL A 150 10.99 -12.37 28.02
N GLY A 151 9.81 -12.99 28.09
CA GLY A 151 8.59 -12.22 28.02
C GLY A 151 8.37 -11.30 29.21
N PHE A 152 8.72 -11.78 30.41
CA PHE A 152 8.52 -10.97 31.61
C PHE A 152 9.37 -9.71 31.56
N TYR A 153 10.60 -9.82 31.08
CA TYR A 153 11.54 -8.70 31.09
C TYR A 153 11.12 -7.58 30.15
N SER A 154 10.13 -7.82 29.29
CA SER A 154 9.55 -6.72 28.52
C SER A 154 8.87 -5.70 29.42
N ALA A 155 8.45 -6.10 30.62
CA ALA A 155 7.85 -5.17 31.56
C ALA A 155 8.83 -4.11 32.03
N PHE A 156 10.13 -4.36 31.93
CA PHE A 156 11.13 -3.38 32.33
C PHE A 156 11.29 -2.27 31.31
N MET A 157 10.65 -2.38 30.15
CA MET A 157 10.66 -1.30 29.18
C MET A 157 9.97 -0.05 29.72
N VAL A 158 9.00 -0.20 30.61
CA VAL A 158 8.24 0.92 31.14
C VAL A 158 8.32 1.04 32.65
N ALA A 159 8.91 0.06 33.35
CA ALA A 159 8.87 0.01 34.80
C ALA A 159 10.27 0.25 35.37
N ASP A 160 10.38 1.24 36.26
CA ASP A 160 11.62 1.43 37.01
C ASP A 160 11.75 0.43 38.15
N ARG A 161 10.64 -0.15 38.59
CA ARG A 161 10.65 -1.19 39.61
C ARG A 161 9.41 -2.05 39.45
N VAL A 162 9.56 -3.34 39.71
CA VAL A 162 8.48 -4.32 39.53
C VAL A 162 8.31 -5.09 40.83
N GLU A 163 7.07 -5.17 41.32
CA GLU A 163 6.73 -5.96 42.49
C GLU A 163 5.89 -7.15 42.05
N VAL A 164 6.32 -8.36 42.43
CA VAL A 164 5.63 -9.59 42.08
C VAL A 164 5.28 -10.31 43.37
N TYR A 165 3.99 -10.59 43.57
CA TYR A 165 3.50 -11.32 44.73
C TYR A 165 2.89 -12.63 44.22
N SER A 166 3.67 -13.69 44.27
CA SER A 166 3.26 -14.99 43.75
C SER A 166 3.25 -16.02 44.87
N ARG A 167 2.13 -16.72 45.01
CA ARG A 167 2.00 -17.83 45.93
C ARG A 167 1.61 -19.08 45.15
N SER A 168 2.34 -20.17 45.37
CA SER A 168 2.11 -21.38 44.62
C SER A 168 0.77 -22.02 45.00
N ALA A 169 0.19 -22.76 44.06
CA ALA A 169 -1.10 -23.41 44.28
C ALA A 169 -1.00 -24.64 45.18
N ALA A 170 0.20 -25.06 45.54
CA ALA A 170 0.34 -26.23 46.40
C ALA A 170 -0.30 -25.96 47.76
N PRO A 171 -0.93 -26.95 48.37
CA PRO A 171 -1.63 -26.72 49.65
C PRO A 171 -0.67 -26.55 50.81
N GLY A 172 -0.15 -25.34 50.98
CA GLY A 172 0.77 -25.05 52.07
C GLY A 172 1.90 -24.12 51.68
N SER A 173 1.94 -23.74 50.40
CA SER A 173 2.96 -22.83 49.92
C SER A 173 2.74 -21.43 50.51
N LEU A 174 3.84 -20.74 50.77
CA LEU A 174 3.81 -19.41 51.35
C LEU A 174 3.99 -18.36 50.26
N GLY A 175 3.32 -17.22 50.45
CA GLY A 175 3.47 -16.13 49.52
C GLY A 175 4.85 -15.51 49.58
N TYR A 176 5.30 -15.01 48.43
CA TYR A 176 6.63 -14.40 48.33
C TYR A 176 6.52 -13.07 47.59
N GLN A 177 7.38 -12.14 47.98
CA GLN A 177 7.46 -10.82 47.36
C GLN A 177 8.73 -10.73 46.54
N TRP A 178 8.60 -10.22 45.31
CA TRP A 178 9.71 -10.16 44.36
C TRP A 178 9.91 -8.72 43.94
N LEU A 179 11.13 -8.21 44.09
CA LEU A 179 11.49 -6.86 43.70
C LEU A 179 12.62 -6.89 42.68
N SER A 180 12.57 -5.95 41.73
CA SER A 180 13.61 -5.81 40.73
C SER A 180 13.51 -4.42 40.12
N ASP A 181 14.61 -3.69 40.12
CA ASP A 181 14.66 -2.36 39.54
C ASP A 181 15.08 -2.38 38.08
N GLY A 182 15.32 -3.55 37.50
CA GLY A 182 15.75 -3.64 36.12
C GLY A 182 17.21 -3.32 35.89
N SER A 183 18.00 -3.23 36.95
CA SER A 183 19.42 -2.90 36.86
C SER A 183 20.30 -4.14 37.01
N GLY A 184 19.78 -5.30 36.66
CA GLY A 184 20.54 -6.53 36.75
C GLY A 184 20.56 -7.19 38.12
N VAL A 185 19.88 -6.60 39.11
CA VAL A 185 19.84 -7.15 40.46
C VAL A 185 18.38 -7.20 40.91
N PHE A 186 17.99 -8.32 41.50
CA PHE A 186 16.64 -8.50 42.01
C PHE A 186 16.70 -9.10 43.40
N GLU A 187 15.67 -8.82 44.19
CA GLU A 187 15.60 -9.30 45.57
C GLU A 187 14.25 -9.95 45.81
N ILE A 188 14.22 -10.90 46.76
CA ILE A 188 13.04 -11.65 47.10
C ILE A 188 12.84 -11.57 48.61
N ALA A 189 11.59 -11.78 49.04
CA ALA A 189 11.25 -11.73 50.45
C ALA A 189 9.98 -12.53 50.68
N GLU A 190 9.75 -12.88 51.94
CA GLU A 190 8.53 -13.57 52.33
C GLU A 190 7.39 -12.58 52.41
N ALA A 191 6.25 -12.94 51.82
CA ALA A 191 5.08 -12.08 51.77
C ALA A 191 3.90 -12.78 52.43
N SER A 192 3.12 -12.02 53.19
CA SER A 192 1.94 -12.53 53.87
C SER A 192 0.69 -11.88 53.29
N GLY A 193 -0.40 -12.65 53.27
CA GLY A 193 -1.65 -12.18 52.74
C GLY A 193 -1.81 -12.31 51.25
N VAL A 194 -0.80 -12.82 50.54
CA VAL A 194 -0.91 -12.97 49.10
C VAL A 194 -1.84 -14.12 48.77
N ARG A 195 -2.84 -13.86 47.94
CA ARG A 195 -3.77 -14.89 47.54
C ARG A 195 -3.12 -15.83 46.52
N THR A 196 -3.74 -16.99 46.32
CA THR A 196 -3.21 -17.98 45.40
C THR A 196 -3.17 -17.41 43.98
N GLY A 197 -2.03 -17.62 43.30
CA GLY A 197 -1.82 -17.09 41.98
C GLY A 197 -0.57 -16.25 41.91
N THR A 198 -0.61 -15.22 41.07
CA THR A 198 0.51 -14.30 40.90
C THR A 198 -0.01 -12.89 40.70
N LYS A 199 0.50 -11.96 41.49
CA LYS A 199 0.15 -10.54 41.38
C LYS A 199 1.40 -9.74 41.04
N ILE A 200 1.33 -8.97 39.97
CA ILE A 200 2.47 -8.20 39.47
C ILE A 200 2.13 -6.73 39.54
N ILE A 201 2.98 -5.96 40.22
CA ILE A 201 2.83 -4.51 40.33
C ILE A 201 3.91 -3.86 39.51
N ILE A 202 3.52 -2.96 38.61
CA ILE A 202 4.45 -2.26 37.74
C ILE A 202 4.35 -0.77 38.03
N HIS A 203 5.47 -0.16 38.38
CA HIS A 203 5.55 1.28 38.60
C HIS A 203 6.07 1.92 37.32
N LEU A 204 5.22 2.70 36.66
CA LEU A 204 5.51 3.19 35.33
C LEU A 204 6.66 4.19 35.36
N LYS A 205 7.38 4.27 34.24
CA LYS A 205 8.45 5.24 34.10
C LYS A 205 7.88 6.64 33.94
N SER A 206 8.75 7.64 34.09
CA SER A 206 8.32 9.03 33.96
C SER A 206 7.82 9.33 32.56
N ASP A 207 8.50 8.81 31.54
CA ASP A 207 8.15 9.08 30.15
C ASP A 207 7.20 8.04 29.56
N CYS A 208 6.82 7.02 30.33
CA CYS A 208 5.92 5.97 29.87
C CYS A 208 4.70 5.88 30.76
N LYS A 209 4.17 7.02 31.20
CA LYS A 209 3.01 7.03 32.07
C LYS A 209 1.69 6.86 31.31
N GLU A 210 1.73 6.81 29.97
CA GLU A 210 0.51 6.62 29.20
C GLU A 210 -0.13 5.26 29.42
N PHE A 211 0.62 4.30 29.97
CA PHE A 211 0.07 2.99 30.28
C PHE A 211 -0.67 2.96 31.61
N SER A 212 -0.68 4.07 32.35
CA SER A 212 -1.48 4.18 33.57
C SER A 212 -2.85 4.80 33.30
N SER A 213 -3.36 4.69 32.07
CA SER A 213 -4.65 5.22 31.69
C SER A 213 -5.54 4.07 31.23
N GLU A 214 -6.81 4.11 31.64
CA GLU A 214 -7.73 3.01 31.36
C GLU A 214 -7.98 2.85 29.86
N ALA A 215 -8.15 3.97 29.15
CA ALA A 215 -8.54 3.90 27.74
C ALA A 215 -7.44 3.26 26.89
N ARG A 216 -6.20 3.72 27.06
CA ARG A 216 -5.09 3.16 26.28
C ARG A 216 -4.89 1.68 26.58
N VAL A 217 -4.96 1.31 27.86
CA VAL A 217 -4.78 -0.08 28.24
C VAL A 217 -5.89 -0.95 27.65
N ARG A 218 -7.13 -0.47 27.72
CA ARG A 218 -8.23 -1.24 27.15
C ARG A 218 -8.06 -1.41 25.64
N ASP A 219 -7.68 -0.34 24.94
CA ASP A 219 -7.51 -0.43 23.49
C ASP A 219 -6.41 -1.42 23.13
N VAL A 220 -5.27 -1.34 23.82
CA VAL A 220 -4.16 -2.23 23.46
C VAL A 220 -4.46 -3.68 23.85
N VAL A 221 -5.18 -3.90 24.95
CA VAL A 221 -5.57 -5.25 25.32
C VAL A 221 -6.52 -5.84 24.29
N THR A 222 -7.51 -5.05 23.85
CA THR A 222 -8.39 -5.52 22.79
C THR A 222 -7.63 -5.75 21.49
N LYS A 223 -6.55 -4.99 21.27
CA LYS A 223 -5.73 -5.23 20.08
C LYS A 223 -4.97 -6.54 20.17
N TYR A 224 -4.40 -6.85 21.34
CA TYR A 224 -3.47 -7.97 21.46
C TYR A 224 -4.14 -9.27 21.91
N SER A 225 -4.72 -9.27 23.11
CA SER A 225 -5.11 -10.51 23.78
C SER A 225 -6.53 -10.43 24.30
N ASN A 226 -7.46 -10.00 23.45
CA ASN A 226 -8.86 -10.07 23.83
C ASN A 226 -9.45 -11.45 23.56
N PHE A 227 -8.67 -12.34 22.92
CA PHE A 227 -9.06 -13.73 22.72
C PHE A 227 -8.34 -14.67 23.67
N VAL A 228 -7.88 -14.17 24.81
CA VAL A 228 -7.25 -15.04 25.79
C VAL A 228 -8.25 -16.08 26.27
N SER A 229 -7.78 -17.32 26.44
CA SER A 229 -8.68 -18.44 26.73
C SER A 229 -9.42 -18.26 28.04
N PHE A 230 -8.95 -17.40 28.93
CA PHE A 230 -9.54 -17.20 30.24
C PHE A 230 -10.14 -15.81 30.35
N PRO A 231 -11.12 -15.62 31.23
CA PRO A 231 -11.71 -14.29 31.39
C PRO A 231 -10.66 -13.26 31.80
N LEU A 232 -10.75 -12.09 31.17
CA LEU A 232 -9.83 -10.99 31.43
C LEU A 232 -10.62 -9.78 31.93
N TYR A 233 -10.21 -9.24 33.07
CA TYR A 233 -10.89 -8.11 33.69
C TYR A 233 -9.91 -6.96 33.82
N LEU A 234 -10.32 -5.78 33.33
CA LEU A 234 -9.54 -4.57 33.48
C LEU A 234 -10.36 -3.58 34.32
N ASN A 235 -9.81 -3.19 35.47
CA ASN A 235 -10.49 -2.30 36.41
C ASN A 235 -11.85 -2.84 36.82
N GLY A 236 -11.99 -4.16 36.88
CA GLY A 236 -13.21 -4.80 37.30
C GLY A 236 -14.21 -5.06 36.19
N ARG A 237 -13.93 -4.62 34.96
CA ARG A 237 -14.84 -4.80 33.84
C ARG A 237 -14.23 -5.75 32.82
N ARG A 238 -14.96 -6.81 32.49
CA ARG A 238 -14.50 -7.77 31.49
C ARG A 238 -14.89 -7.30 30.10
N MET A 239 -13.95 -7.42 29.16
CA MET A 239 -14.18 -7.00 27.78
C MET A 239 -14.01 -8.13 26.78
N ASN A 240 -13.91 -9.38 27.22
CA ASN A 240 -13.78 -10.48 26.26
C ASN A 240 -15.13 -10.77 25.60
N THR A 241 -16.08 -11.27 26.39
CA THR A 241 -17.48 -11.44 25.98
C THR A 241 -17.64 -12.18 24.65
N LEU A 242 -16.57 -12.83 24.18
CA LEU A 242 -16.60 -13.45 22.86
C LEU A 242 -15.47 -14.48 22.80
N GLN A 243 -15.84 -15.75 22.72
CA GLN A 243 -14.85 -16.81 22.65
C GLN A 243 -14.22 -16.87 21.26
N ALA A 244 -13.01 -17.43 21.21
CA ALA A 244 -12.30 -17.59 19.94
C ALA A 244 -12.98 -18.68 19.14
N ILE A 245 -13.85 -18.28 18.21
CA ILE A 245 -14.66 -19.25 17.47
C ILE A 245 -13.88 -20.03 16.44
N TRP A 246 -12.63 -19.64 16.16
CA TRP A 246 -11.83 -20.37 15.19
C TRP A 246 -11.19 -21.62 15.77
N MET A 247 -11.30 -21.84 17.08
CA MET A 247 -10.80 -23.07 17.70
C MET A 247 -11.85 -24.17 17.72
N MET A 248 -13.11 -23.83 17.94
CA MET A 248 -14.16 -24.83 18.04
C MET A 248 -14.49 -25.42 16.67
N ASP A 249 -15.19 -26.54 16.69
CA ASP A 249 -15.57 -27.20 15.45
C ASP A 249 -16.58 -26.35 14.67
N PRO A 250 -16.54 -26.40 13.34
CA PRO A 250 -17.50 -25.62 12.55
C PRO A 250 -18.95 -25.97 12.84
N LYS A 251 -19.26 -27.23 13.14
CA LYS A 251 -20.63 -27.60 13.43
C LYS A 251 -21.08 -27.07 14.79
N ASP A 252 -20.17 -26.99 15.75
CA ASP A 252 -20.53 -26.46 17.07
C ASP A 252 -20.88 -24.98 17.00
N VAL A 253 -20.12 -24.22 16.22
CA VAL A 253 -20.32 -22.77 16.13
C VAL A 253 -21.47 -22.48 15.17
N GLY A 254 -22.38 -21.58 15.60
CA GLY A 254 -23.53 -21.22 14.82
C GLY A 254 -23.39 -19.86 14.16
N GLU A 255 -24.33 -19.58 13.24
CA GLU A 255 -24.20 -18.44 12.36
C GLU A 255 -24.32 -17.11 13.11
N TRP A 256 -25.00 -17.10 14.26
CA TRP A 256 -25.20 -15.86 14.99
C TRP A 256 -23.88 -15.32 15.51
N GLN A 257 -23.09 -16.16 16.18
CA GLN A 257 -21.78 -15.69 16.62
C GLN A 257 -20.78 -15.63 15.48
N HIS A 258 -21.05 -16.29 14.35
CA HIS A 258 -20.29 -15.99 13.15
C HIS A 258 -20.47 -14.53 12.75
N GLU A 259 -21.73 -14.06 12.74
CA GLU A 259 -21.99 -12.66 12.43
C GLU A 259 -21.37 -11.73 13.46
N GLU A 260 -21.46 -12.10 14.74
CA GLU A 260 -20.84 -11.27 15.78
C GLU A 260 -19.32 -11.18 15.59
N PHE A 261 -18.68 -12.33 15.34
CA PHE A 261 -17.24 -12.36 15.14
C PHE A 261 -16.83 -11.56 13.92
N TYR A 262 -17.60 -11.67 12.83
CA TYR A 262 -17.33 -10.85 11.66
C TYR A 262 -17.46 -9.37 11.98
N ARG A 263 -18.54 -8.99 12.67
CA ARG A 263 -18.75 -7.58 12.98
C ARG A 263 -17.63 -7.04 13.85
N TYR A 264 -17.02 -7.90 14.68
CA TYR A 264 -15.92 -7.43 15.51
C TYR A 264 -14.62 -7.33 14.70
N VAL A 265 -14.29 -8.38 13.94
CA VAL A 265 -12.99 -8.42 13.27
C VAL A 265 -12.93 -7.42 12.13
N ALA A 266 -14.01 -7.29 11.37
CA ALA A 266 -14.02 -6.38 10.23
C ALA A 266 -14.34 -4.95 10.61
N GLN A 267 -14.65 -4.69 11.89
CA GLN A 267 -15.03 -3.36 12.35
C GLN A 267 -16.19 -2.82 11.53
N ALA A 268 -17.19 -3.66 11.29
CA ALA A 268 -18.36 -3.31 10.51
C ALA A 268 -19.61 -3.79 11.25
N HIS A 269 -20.77 -3.51 10.67
CA HIS A 269 -22.05 -3.88 11.26
C HIS A 269 -22.93 -4.69 10.30
N ASP A 270 -22.38 -5.16 9.19
CA ASP A 270 -23.14 -5.96 8.24
C ASP A 270 -22.92 -7.45 8.54
N LYS A 271 -23.39 -8.30 7.64
CA LYS A 271 -23.26 -9.74 7.80
C LYS A 271 -22.28 -10.30 6.76
N PRO A 272 -21.63 -11.42 7.06
CA PRO A 272 -20.73 -12.04 6.07
C PRO A 272 -21.52 -12.95 5.13
N ARG A 273 -21.38 -12.70 3.82
CA ARG A 273 -22.08 -13.52 2.85
C ARG A 273 -21.47 -14.91 2.73
N TYR A 274 -20.17 -15.04 2.98
CA TYR A 274 -19.48 -16.32 2.90
C TYR A 274 -18.69 -16.54 4.18
N THR A 275 -18.72 -17.76 4.68
CA THR A 275 -18.01 -18.14 5.91
C THR A 275 -17.27 -19.44 5.65
N LEU A 276 -15.94 -19.39 5.67
CA LEU A 276 -15.10 -20.56 5.46
C LEU A 276 -14.35 -20.86 6.75
N HIS A 277 -14.49 -22.09 7.25
CA HIS A 277 -13.80 -22.53 8.46
C HIS A 277 -12.79 -23.60 8.06
N TYR A 278 -11.51 -23.24 8.11
CA TYR A 278 -10.43 -24.14 7.71
C TYR A 278 -9.72 -24.65 8.95
N LYS A 279 -9.60 -25.98 9.05
CA LYS A 279 -8.97 -26.61 10.21
C LYS A 279 -8.26 -27.87 9.72
N THR A 280 -6.95 -27.75 9.48
CA THR A 280 -6.14 -28.88 9.05
C THR A 280 -4.86 -28.93 9.87
N ASP A 281 -4.29 -30.13 9.96
CA ASP A 281 -3.06 -30.34 10.72
C ASP A 281 -2.00 -31.15 9.98
N ALA A 282 -2.35 -31.89 8.93
CA ALA A 282 -1.37 -32.72 8.24
C ALA A 282 -0.24 -31.91 7.61
N PRO A 283 -0.50 -30.87 6.80
CA PRO A 283 0.63 -30.06 6.32
C PRO A 283 1.18 -29.14 7.39
N LEU A 284 0.31 -28.47 8.14
CA LEU A 284 0.65 -27.59 9.24
C LEU A 284 -0.62 -27.18 9.94
N ASN A 285 -0.53 -26.95 11.25
CA ASN A 285 -1.70 -26.67 12.06
C ASN A 285 -2.26 -25.30 11.69
N ILE A 286 -3.45 -25.28 11.10
CA ILE A 286 -4.14 -24.05 10.74
C ILE A 286 -5.55 -24.11 11.34
N ARG A 287 -5.93 -23.05 12.05
CA ARG A 287 -7.29 -22.88 12.56
C ARG A 287 -7.73 -21.48 12.13
N SER A 288 -8.25 -21.37 10.93
CA SER A 288 -8.56 -20.07 10.33
C SER A 288 -10.01 -20.01 9.91
N ILE A 289 -10.57 -18.80 9.98
CA ILE A 289 -11.93 -18.54 9.51
C ILE A 289 -11.90 -17.28 8.66
N PHE A 290 -12.66 -17.30 7.57
CA PHE A 290 -12.67 -16.20 6.61
C PHE A 290 -14.09 -15.77 6.32
N TYR A 291 -14.26 -14.49 6.00
CA TYR A 291 -15.56 -13.92 5.72
C TYR A 291 -15.48 -13.05 4.46
N VAL A 292 -16.64 -12.86 3.84
CA VAL A 292 -16.78 -11.98 2.68
C VAL A 292 -17.89 -10.99 2.99
N PRO A 293 -17.63 -9.68 2.91
CA PRO A 293 -18.66 -8.70 3.27
C PRO A 293 -19.84 -8.70 2.30
N ASP A 294 -21.02 -8.35 2.83
CA ASP A 294 -22.18 -8.13 1.97
C ASP A 294 -21.99 -6.87 1.13
N MET A 295 -21.51 -5.79 1.74
CA MET A 295 -21.38 -4.52 1.05
C MET A 295 -20.24 -4.57 0.04
N LYS A 296 -20.35 -3.71 -0.97
CA LYS A 296 -19.31 -3.61 -1.98
C LYS A 296 -18.01 -3.09 -1.36
N PRO A 297 -16.86 -3.54 -1.86
CA PRO A 297 -15.59 -3.12 -1.27
C PRO A 297 -15.36 -1.62 -1.42
N SER A 298 -14.73 -1.03 -0.41
CA SER A 298 -14.40 0.38 -0.43
C SER A 298 -13.07 0.61 -1.15
N MET A 299 -12.86 1.84 -1.61
CA MET A 299 -11.64 2.19 -2.32
C MET A 299 -10.41 2.12 -1.43
N PHE A 300 -10.59 2.20 -0.10
CA PHE A 300 -9.45 2.06 0.81
C PHE A 300 -8.85 0.66 0.70
N ASP A 301 -9.70 -0.37 0.61
CA ASP A 301 -9.19 -1.72 0.41
C ASP A 301 -8.53 -1.87 -0.96
N VAL A 302 -9.11 -1.28 -1.99
CA VAL A 302 -8.57 -1.37 -3.35
C VAL A 302 -7.26 -0.59 -3.44
N GLY A 307 -2.90 -5.99 7.37
CA GLY A 307 -2.98 -7.23 6.64
C GLY A 307 -4.41 -7.59 6.24
N SER A 308 -5.16 -6.59 5.80
CA SER A 308 -6.55 -6.74 5.36
C SER A 308 -7.42 -7.32 6.47
N SER A 309 -7.11 -6.98 7.73
CA SER A 309 -7.86 -7.44 8.90
C SER A 309 -7.91 -8.96 8.96
N VAL A 310 -6.86 -9.63 8.50
CA VAL A 310 -6.76 -11.09 8.54
C VAL A 310 -5.49 -11.38 9.35
N ALA A 311 -5.24 -10.54 10.34
CA ALA A 311 -4.00 -10.62 11.12
C ALA A 311 -3.83 -12.01 11.74
N LEU A 312 -2.61 -12.51 11.66
CA LEU A 312 -2.32 -13.87 12.11
C LEU A 312 -2.34 -13.96 13.63
N TYR A 313 -2.76 -15.13 14.12
CA TYR A 313 -2.79 -15.43 15.54
C TYR A 313 -1.97 -16.67 15.82
N SER A 314 -1.52 -16.80 17.06
CA SER A 314 -0.75 -17.98 17.49
C SER A 314 -1.00 -18.17 18.97
N ARG A 315 -1.66 -19.28 19.32
CA ARG A 315 -2.05 -19.56 20.70
C ARG A 315 -2.89 -18.42 21.26
N LYS A 316 -3.75 -17.84 20.41
CA LYS A 316 -4.70 -16.80 20.79
C LYS A 316 -4.00 -15.53 21.28
N VAL A 317 -3.08 -15.02 20.45
CA VAL A 317 -2.46 -13.73 20.69
C VAL A 317 -2.03 -13.16 19.35
N LEU A 318 -2.11 -11.83 19.23
CA LEU A 318 -1.84 -11.16 17.96
C LEU A 318 -0.36 -11.23 17.60
N ILE A 319 -0.08 -11.24 16.30
CA ILE A 319 1.28 -11.19 15.80
C ILE A 319 1.58 -9.90 15.03
N GLN A 320 0.57 -9.26 14.44
CA GLN A 320 0.70 -8.02 13.67
C GLN A 320 1.94 -8.01 12.78
N THR A 321 1.96 -8.93 11.81
CA THR A 321 3.09 -8.97 10.88
C THR A 321 3.05 -7.78 9.91
N LYS A 322 2.00 -7.66 9.10
CA LYS A 322 1.84 -6.64 8.07
C LYS A 322 3.00 -6.59 7.09
N ALA A 323 3.90 -7.55 7.12
CA ALA A 323 5.03 -7.57 6.20
C ALA A 323 5.17 -8.90 5.46
N THR A 324 4.88 -10.02 6.13
CA THR A 324 4.97 -11.31 5.47
C THR A 324 3.81 -11.55 4.50
N ASP A 325 2.65 -10.93 4.76
CA ASP A 325 1.46 -11.09 3.92
C ASP A 325 1.08 -12.57 3.82
N ILE A 326 0.67 -13.11 4.98
CA ILE A 326 0.24 -14.50 5.07
C ILE A 326 -0.88 -14.81 4.09
N LEU A 327 -1.61 -13.81 3.65
CA LEU A 327 -2.70 -13.96 2.70
C LEU A 327 -2.39 -13.18 1.43
N PRO A 328 -2.70 -13.73 0.26
CA PRO A 328 -2.31 -13.07 -0.99
C PRO A 328 -2.89 -11.67 -1.12
N LYS A 329 -2.15 -10.82 -1.83
CA LYS A 329 -2.52 -9.41 -1.94
C LYS A 329 -3.89 -9.24 -2.57
N TRP A 330 -4.19 -10.01 -3.62
CA TRP A 330 -5.49 -9.92 -4.26
C TRP A 330 -6.60 -10.44 -3.36
N LEU A 331 -6.28 -11.35 -2.45
CA LEU A 331 -7.27 -11.85 -1.49
C LEU A 331 -7.32 -10.96 -0.25
N ARG A 332 -7.44 -9.65 -0.47
CA ARG A 332 -7.57 -8.70 0.62
C ARG A 332 -9.01 -8.26 0.86
N PHE A 333 -9.94 -8.69 0.02
CA PHE A 333 -11.35 -8.37 0.20
C PHE A 333 -12.01 -9.24 1.26
N ILE A 334 -11.35 -10.29 1.72
CA ILE A 334 -11.90 -11.18 2.74
C ILE A 334 -11.38 -10.75 4.11
N ARG A 335 -12.24 -10.91 5.11
CA ARG A 335 -11.90 -10.60 6.49
C ARG A 335 -11.99 -11.87 7.32
N GLY A 336 -11.19 -11.93 8.37
CA GLY A 336 -11.21 -13.09 9.23
C GLY A 336 -9.97 -13.13 10.11
N VAL A 337 -9.57 -14.35 10.46
CA VAL A 337 -8.42 -14.57 11.33
C VAL A 337 -7.78 -15.90 10.96
N VAL A 338 -6.46 -15.97 11.08
CA VAL A 338 -5.70 -17.18 10.84
C VAL A 338 -4.90 -17.50 12.10
N ASP A 339 -4.96 -18.76 12.52
CA ASP A 339 -4.23 -19.21 13.70
C ASP A 339 -3.35 -20.39 13.34
N SER A 340 -2.14 -20.39 13.88
CA SER A 340 -1.20 -21.48 13.66
C SER A 340 -0.26 -21.57 14.86
N GLU A 341 -0.22 -22.74 15.49
CA GLU A 341 0.60 -22.94 16.67
C GLU A 341 2.06 -23.25 16.35
N ASP A 342 2.40 -23.44 15.08
CA ASP A 342 3.74 -23.84 14.69
C ASP A 342 4.48 -22.78 13.87
N ILE A 343 3.94 -21.58 13.76
CA ILE A 343 4.64 -20.52 13.02
C ILE A 343 5.89 -20.11 13.76
N PRO A 344 7.03 -19.97 13.10
CA PRO A 344 8.21 -19.42 13.78
C PRO A 344 8.00 -17.97 14.16
N LEU A 345 8.62 -17.57 15.26
CA LEU A 345 8.45 -16.23 15.79
C LEU A 345 9.80 -15.63 16.15
N ASN A 346 9.89 -14.31 16.08
CA ASN A 346 11.08 -13.59 16.51
C ASN A 346 11.18 -13.63 18.03
N LEU A 347 12.32 -13.16 18.55
CA LEU A 347 12.45 -12.96 19.99
C LEU A 347 11.47 -11.91 20.48
N SER A 348 11.05 -11.00 19.60
CA SER A 348 10.06 -9.99 19.90
C SER A 348 8.64 -10.42 19.56
N ARG A 349 8.41 -11.72 19.39
CA ARG A 349 7.09 -12.26 19.06
C ARG A 349 6.56 -11.69 17.76
N GLU A 350 7.39 -11.77 16.72
CA GLU A 350 7.02 -11.33 15.38
C GLU A 350 7.44 -12.40 14.38
N LEU A 351 6.74 -12.42 13.25
CA LEU A 351 6.99 -13.46 12.25
C LEU A 351 8.39 -13.34 11.65
N LEU A 352 8.97 -14.49 11.33
CA LEU A 352 10.24 -14.54 10.62
C LEU A 352 9.99 -14.15 9.15
N GLN A 353 10.64 -13.08 8.72
CA GLN A 353 10.45 -12.60 7.35
C GLN A 353 10.95 -13.63 6.34
N GLU A 354 10.17 -13.85 5.28
CA GLU A 354 10.51 -14.76 4.20
C GLU A 354 10.80 -16.16 4.74
N SER A 355 9.87 -16.67 5.52
CA SER A 355 9.98 -18.01 6.10
C SER A 355 9.28 -19.01 5.19
N ALA A 356 9.86 -20.22 5.10
CA ALA A 356 9.28 -21.25 4.26
C ALA A 356 7.90 -21.66 4.76
N LEU A 357 7.73 -21.75 6.09
CA LEU A 357 6.43 -22.09 6.65
C LEU A 357 5.40 -21.02 6.31
N ILE A 358 5.80 -19.74 6.35
CA ILE A 358 4.88 -18.66 6.01
C ILE A 358 4.46 -18.78 4.54
N ARG A 359 5.42 -19.04 3.65
CA ARG A 359 5.08 -19.16 2.23
C ARG A 359 4.15 -20.35 1.97
N LYS A 360 4.42 -21.49 2.60
CA LYS A 360 3.56 -22.64 2.39
C LYS A 360 2.18 -22.41 3.00
N LEU A 361 2.11 -21.70 4.13
CA LEU A 361 0.80 -21.35 4.69
C LEU A 361 0.03 -20.45 3.76
N ARG A 362 0.71 -19.46 3.15
CA ARG A 362 0.04 -18.59 2.19
C ARG A 362 -0.47 -19.37 0.99
N ASP A 363 0.35 -20.27 0.47
CA ASP A 363 -0.08 -21.08 -0.68
C ASP A 363 -1.26 -21.97 -0.33
N VAL A 364 -1.22 -22.60 0.84
CA VAL A 364 -2.32 -23.46 1.27
C VAL A 364 -3.60 -22.65 1.44
N LEU A 365 -3.49 -21.47 2.06
CA LEU A 365 -4.67 -20.63 2.24
C LEU A 365 -5.25 -20.18 0.91
N GLN A 366 -4.39 -19.79 -0.03
CA GLN A 366 -4.87 -19.38 -1.35
C GLN A 366 -5.57 -20.53 -2.06
N GLN A 367 -4.99 -21.73 -2.02
CA GLN A 367 -5.60 -22.87 -2.67
C GLN A 367 -6.94 -23.22 -2.03
N ARG A 368 -7.00 -23.18 -0.70
CA ARG A 368 -8.25 -23.49 -0.01
C ARG A 368 -9.33 -22.46 -0.32
N LEU A 369 -8.95 -21.18 -0.39
CA LEU A 369 -9.93 -20.14 -0.70
C LEU A 369 -10.42 -20.28 -2.13
N ILE A 370 -9.54 -20.61 -3.07
CA ILE A 370 -9.95 -20.84 -4.45
C ILE A 370 -10.93 -22.01 -4.52
N LYS A 371 -10.61 -23.10 -3.82
CA LYS A 371 -11.51 -24.25 -3.82
C LYS A 371 -12.85 -23.90 -3.19
N PHE A 372 -12.83 -23.11 -2.11
CA PHE A 372 -14.07 -22.71 -1.46
C PHE A 372 -14.93 -21.85 -2.37
N PHE A 373 -14.30 -20.93 -3.10
CA PHE A 373 -15.05 -20.10 -4.05
C PHE A 373 -15.62 -20.94 -5.18
N ILE A 374 -14.86 -21.92 -5.66
CA ILE A 374 -15.38 -22.83 -6.69
C ILE A 374 -16.58 -23.59 -6.17
N ASP A 375 -16.49 -24.11 -4.94
CA ASP A 375 -17.61 -24.84 -4.36
C ASP A 375 -18.83 -23.94 -4.19
N GLN A 376 -18.61 -22.70 -3.75
CA GLN A 376 -19.73 -21.76 -3.60
C GLN A 376 -20.38 -21.46 -4.94
N SER A 377 -19.58 -21.32 -6.00
CA SER A 377 -20.13 -21.12 -7.33
C SER A 377 -20.94 -22.34 -7.77
N LYS A 378 -20.45 -23.54 -7.46
CA LYS A 378 -21.18 -24.75 -7.85
C LYS A 378 -22.50 -24.86 -7.11
N LYS A 379 -22.51 -24.53 -5.81
CA LYS A 379 -23.70 -24.75 -4.98
C LYS A 379 -24.67 -23.58 -4.97
N ASP A 380 -24.30 -22.43 -5.53
CA ASP A 380 -25.20 -21.28 -5.56
C ASP A 380 -24.80 -20.39 -6.74
N ALA A 381 -25.56 -20.46 -7.83
CA ALA A 381 -25.22 -19.71 -9.03
C ALA A 381 -25.49 -18.21 -8.84
N GLU A 382 -26.65 -17.86 -8.30
CA GLU A 382 -27.03 -16.45 -8.24
C GLU A 382 -26.26 -15.70 -7.16
N LYS A 383 -26.09 -16.33 -5.99
CA LYS A 383 -25.30 -15.69 -4.93
C LYS A 383 -23.86 -15.49 -5.36
N TYR A 384 -23.28 -16.50 -6.01
CA TYR A 384 -21.92 -16.36 -6.49
C TYR A 384 -21.82 -15.32 -7.60
N ALA A 385 -22.84 -15.21 -8.45
CA ALA A 385 -22.82 -14.18 -9.47
C ALA A 385 -22.84 -12.79 -8.84
N LYS A 386 -23.68 -12.60 -7.83
CA LYS A 386 -23.71 -11.33 -7.12
C LYS A 386 -22.36 -11.04 -6.47
N PHE A 387 -21.75 -12.06 -5.89
CA PHE A 387 -20.42 -11.90 -5.31
C PHE A 387 -19.39 -11.52 -6.37
N PHE A 388 -19.50 -12.12 -7.56
CA PHE A 388 -18.54 -11.83 -8.63
C PHE A 388 -18.66 -10.40 -9.11
N GLU A 389 -19.88 -9.95 -9.39
CA GLU A 389 -20.01 -8.52 -9.71
C GLU A 389 -19.76 -7.63 -8.51
N ASP A 390 -19.66 -8.19 -7.30
CA ASP A 390 -19.25 -7.42 -6.15
C ASP A 390 -17.73 -7.41 -5.96
N TYR A 391 -17.04 -8.52 -6.27
CA TYR A 391 -15.61 -8.64 -5.99
C TYR A 391 -14.85 -9.22 -7.17
N GLY A 392 -15.31 -8.96 -8.40
CA GLY A 392 -14.59 -9.46 -9.56
C GLY A 392 -13.23 -8.83 -9.76
N LEU A 393 -13.11 -7.54 -9.45
CA LEU A 393 -11.85 -6.84 -9.68
C LEU A 393 -10.71 -7.45 -8.89
N PHE A 394 -11.00 -8.02 -7.72
CA PHE A 394 -9.96 -8.67 -6.94
C PHE A 394 -9.42 -9.91 -7.65
N MET A 395 -10.31 -10.73 -8.22
CA MET A 395 -9.86 -11.89 -8.98
C MET A 395 -9.11 -11.46 -10.25
N ARG A 396 -9.57 -10.40 -10.90
CA ARG A 396 -8.85 -9.88 -12.06
C ARG A 396 -7.44 -9.44 -11.68
N GLU A 397 -7.31 -8.74 -10.55
CA GLU A 397 -5.99 -8.32 -10.08
C GLU A 397 -5.13 -9.53 -9.71
N GLY A 398 -5.75 -10.56 -9.14
CA GLY A 398 -5.01 -11.76 -8.83
C GLY A 398 -4.47 -12.45 -10.07
N ILE A 399 -5.27 -12.51 -11.12
CA ILE A 399 -4.79 -13.07 -12.38
C ILE A 399 -3.67 -12.21 -12.95
N VAL A 400 -3.82 -10.89 -12.88
CA VAL A 400 -2.83 -9.98 -13.45
C VAL A 400 -1.50 -10.12 -12.72
N THR A 401 -1.53 -10.19 -11.40
CA THR A 401 -0.31 -10.21 -10.58
C THR A 401 0.27 -11.61 -10.37
N ALA A 402 -0.43 -12.65 -10.80
CA ALA A 402 0.06 -14.01 -10.59
C ALA A 402 1.26 -14.28 -11.48
N THR A 403 2.06 -15.27 -11.06
CA THR A 403 3.22 -15.71 -11.83
C THR A 403 3.10 -17.16 -12.27
N GLU A 404 2.74 -18.06 -11.36
CA GLU A 404 2.56 -19.46 -11.73
C GLU A 404 1.32 -19.63 -12.61
N GLN A 405 1.43 -20.50 -13.61
CA GLN A 405 0.31 -20.72 -14.52
C GLN A 405 -0.87 -21.37 -13.81
N GLU A 406 -0.61 -22.46 -13.08
CA GLU A 406 -1.70 -23.17 -12.41
C GLU A 406 -2.48 -22.25 -11.48
N VAL A 407 -1.81 -21.26 -10.88
CA VAL A 407 -2.52 -20.24 -10.11
C VAL A 407 -3.41 -19.43 -11.04
N LYS A 408 -2.93 -19.13 -12.24
CA LYS A 408 -3.73 -18.36 -13.20
C LYS A 408 -5.02 -19.10 -13.54
N GLU A 409 -4.92 -20.38 -13.90
CA GLU A 409 -6.15 -21.12 -14.21
C GLU A 409 -7.02 -21.33 -12.98
N ASP A 410 -6.42 -21.52 -11.79
CA ASP A 410 -7.22 -21.68 -10.59
C ASP A 410 -8.06 -20.44 -10.31
N ILE A 411 -7.46 -19.25 -10.46
CA ILE A 411 -8.23 -18.02 -10.27
C ILE A 411 -9.22 -17.82 -11.41
N ALA A 412 -8.82 -18.17 -12.64
CA ALA A 412 -9.70 -17.99 -13.78
C ALA A 412 -10.94 -18.88 -13.69
N LYS A 413 -10.83 -20.01 -12.98
CA LYS A 413 -12.02 -20.82 -12.73
C LYS A 413 -13.08 -20.05 -11.96
N LEU A 414 -12.70 -18.98 -11.26
CA LEU A 414 -13.65 -18.13 -10.56
C LEU A 414 -14.26 -17.06 -11.46
N LEU A 415 -13.75 -16.87 -12.67
CA LEU A 415 -14.25 -15.82 -13.55
C LEU A 415 -15.63 -16.20 -14.10
N ARG A 416 -16.49 -15.20 -14.25
CA ARG A 416 -17.82 -15.38 -14.80
C ARG A 416 -18.03 -14.39 -15.94
N TYR A 417 -18.39 -14.91 -17.11
CA TYR A 417 -18.65 -14.08 -18.29
C TYR A 417 -19.92 -14.58 -18.96
N GLU A 418 -20.55 -13.68 -19.72
CA GLU A 418 -21.73 -14.02 -20.50
C GLU A 418 -21.36 -14.07 -21.97
N SER A 419 -21.77 -15.14 -22.64
CA SER A 419 -21.40 -15.39 -24.02
C SER A 419 -22.52 -14.92 -24.96
N SER A 420 -22.21 -14.94 -26.26
CA SER A 420 -23.16 -14.52 -27.27
C SER A 420 -24.25 -15.54 -27.51
N ALA A 421 -24.07 -16.78 -27.08
CA ALA A 421 -25.03 -17.85 -27.31
C ALA A 421 -26.05 -17.97 -26.18
N LEU A 422 -26.05 -17.04 -25.23
CA LEU A 422 -26.96 -17.13 -24.09
C LEU A 422 -27.66 -15.80 -23.89
N PRO A 423 -28.88 -15.82 -23.33
CA PRO A 423 -29.61 -14.58 -23.10
C PRO A 423 -28.96 -13.73 -22.03
N SER A 424 -29.34 -12.46 -22.00
CA SER A 424 -28.78 -11.51 -21.04
C SER A 424 -29.16 -11.89 -19.62
N GLY A 425 -28.26 -11.61 -18.70
CA GLY A 425 -28.50 -11.76 -17.28
C GLY A 425 -27.84 -12.96 -16.63
N GLN A 426 -27.37 -13.93 -17.42
CA GLN A 426 -26.69 -15.09 -16.87
C GLN A 426 -25.25 -15.12 -17.35
N LEU A 427 -24.36 -15.60 -16.48
CA LEU A 427 -22.93 -15.62 -16.74
C LEU A 427 -22.41 -17.05 -16.66
N THR A 428 -21.31 -17.31 -17.36
CA THR A 428 -20.69 -18.62 -17.40
C THR A 428 -19.18 -18.50 -17.19
N SER A 429 -18.59 -19.57 -16.69
CA SER A 429 -17.15 -19.64 -16.50
C SER A 429 -16.46 -20.14 -17.77
N LEU A 430 -15.13 -20.05 -17.78
CA LEU A 430 -14.37 -20.52 -18.93
C LEU A 430 -14.41 -22.04 -19.06
N SER A 431 -14.46 -22.75 -17.94
CA SER A 431 -14.46 -24.22 -17.99
C SER A 431 -15.70 -24.74 -18.70
N GLU A 432 -16.88 -24.30 -18.27
CA GLU A 432 -18.11 -24.73 -18.91
C GLU A 432 -18.32 -24.07 -20.28
N TYR A 433 -17.60 -22.99 -20.56
CA TYR A 433 -17.60 -22.45 -21.91
C TYR A 433 -16.85 -23.38 -22.87
N ALA A 434 -15.67 -23.82 -22.46
CA ALA A 434 -14.88 -24.74 -23.28
C ALA A 434 -15.49 -26.15 -23.31
N SER A 435 -16.28 -26.51 -22.30
CA SER A 435 -16.94 -27.81 -22.31
C SER A 435 -17.91 -27.93 -23.47
N ARG A 436 -18.67 -26.87 -23.75
CA ARG A 436 -19.66 -26.87 -24.82
C ARG A 436 -19.09 -26.45 -26.17
N MET A 437 -17.83 -26.04 -26.22
CA MET A 437 -17.24 -25.61 -27.48
C MET A 437 -16.98 -26.81 -28.39
N ARG A 438 -16.87 -26.53 -29.68
CA ARG A 438 -16.64 -27.57 -30.66
C ARG A 438 -15.27 -28.22 -30.47
N ALA A 439 -15.19 -29.51 -30.80
CA ALA A 439 -13.95 -30.24 -30.65
C ALA A 439 -12.86 -29.70 -31.57
N GLY A 440 -13.23 -29.32 -32.80
CA GLY A 440 -12.24 -28.81 -33.72
C GLY A 440 -11.61 -27.50 -33.26
N THR A 441 -12.43 -26.61 -32.70
CA THR A 441 -11.92 -25.34 -32.20
C THR A 441 -11.01 -25.54 -31.01
N ARG A 442 -9.91 -24.79 -30.97
CA ARG A 442 -8.92 -24.92 -29.90
C ARG A 442 -8.53 -23.57 -29.34
N ASN A 443 -9.36 -22.56 -29.55
CA ASN A 443 -9.09 -21.23 -29.02
C ASN A 443 -10.39 -20.64 -28.50
N ILE A 444 -10.27 -19.72 -27.54
CA ILE A 444 -11.40 -19.08 -26.89
C ILE A 444 -11.45 -17.63 -27.37
N TYR A 445 -12.62 -17.20 -27.83
CA TYR A 445 -12.83 -15.85 -28.34
C TYR A 445 -13.57 -15.02 -27.31
N TYR A 446 -13.08 -13.81 -27.05
CA TYR A 446 -13.70 -12.89 -26.11
C TYR A 446 -13.75 -11.50 -26.72
N LEU A 447 -14.87 -10.81 -26.50
CA LEU A 447 -15.07 -9.46 -26.98
C LEU A 447 -15.31 -8.53 -25.81
N CYS A 448 -14.78 -7.31 -25.90
CA CYS A 448 -14.85 -6.34 -24.83
C CYS A 448 -15.69 -5.15 -25.24
N ALA A 449 -16.72 -4.85 -24.44
CA ALA A 449 -17.61 -3.72 -24.69
C ALA A 449 -18.21 -3.30 -23.36
N PRO A 450 -18.57 -2.02 -23.20
CA PRO A 450 -19.19 -1.60 -21.93
C PRO A 450 -20.45 -2.36 -21.58
N ASN A 451 -21.30 -2.65 -22.57
CA ASN A 451 -22.56 -3.34 -22.34
C ASN A 451 -22.70 -4.48 -23.34
N ARG A 452 -23.60 -5.41 -23.04
CA ARG A 452 -23.92 -6.47 -23.99
C ARG A 452 -24.60 -5.91 -25.23
N HIS A 453 -25.36 -4.81 -25.08
CA HIS A 453 -25.97 -4.19 -26.24
C HIS A 453 -24.91 -3.69 -27.22
N LEU A 454 -23.84 -3.08 -26.70
CA LEU A 454 -22.75 -2.66 -27.57
C LEU A 454 -21.99 -3.86 -28.13
N ALA A 455 -21.80 -4.89 -27.32
CA ALA A 455 -21.06 -6.06 -27.76
C ALA A 455 -21.76 -6.77 -28.91
N GLU A 456 -23.07 -6.91 -28.83
CA GLU A 456 -23.83 -7.55 -29.91
C GLU A 456 -23.80 -6.69 -31.17
N HIS A 457 -23.79 -5.37 -31.01
CA HIS A 457 -23.71 -4.45 -32.13
C HIS A 457 -22.29 -3.99 -32.44
N SER A 458 -21.29 -4.55 -31.75
CA SER A 458 -19.91 -4.17 -32.02
C SER A 458 -19.50 -4.61 -33.42
N PRO A 459 -18.76 -3.78 -34.15
CA PRO A 459 -18.33 -4.18 -35.50
C PRO A 459 -17.47 -5.43 -35.51
N TYR A 460 -16.63 -5.62 -34.49
CA TYR A 460 -15.77 -6.80 -34.44
C TYR A 460 -16.59 -8.07 -34.26
N TYR A 461 -17.63 -8.02 -33.41
CA TYR A 461 -18.53 -9.16 -33.29
C TYR A 461 -19.25 -9.44 -34.60
N GLU A 462 -19.69 -8.38 -35.29
CA GLU A 462 -20.36 -8.56 -36.57
C GLU A 462 -19.41 -9.15 -37.61
N ALA A 463 -18.15 -8.71 -37.61
CA ALA A 463 -17.19 -9.26 -38.54
C ALA A 463 -16.94 -10.74 -38.28
N MET A 464 -16.85 -11.15 -37.02
CA MET A 464 -16.66 -12.53 -36.65
C MET A 464 -17.96 -13.33 -36.69
N LYS A 465 -19.11 -12.66 -36.80
CA LYS A 465 -20.41 -13.34 -36.85
C LYS A 465 -20.56 -14.27 -38.04
N LYS A 466 -19.59 -14.29 -38.98
CA LYS A 466 -19.67 -15.22 -40.09
C LYS A 466 -19.62 -16.66 -39.60
N LYS A 467 -18.77 -16.95 -38.64
CA LYS A 467 -18.68 -18.28 -38.05
C LYS A 467 -19.62 -18.39 -36.85
N ASP A 468 -19.90 -19.63 -36.45
CA ASP A 468 -20.80 -19.92 -35.34
C ASP A 468 -20.07 -20.10 -34.02
N THR A 469 -18.77 -19.84 -33.99
CA THR A 469 -18.00 -20.02 -32.74
C THR A 469 -18.50 -19.07 -31.67
N GLU A 470 -18.66 -19.59 -30.47
CA GLU A 470 -19.12 -18.79 -29.34
C GLU A 470 -18.03 -17.81 -28.90
N VAL A 471 -18.47 -16.64 -28.43
CA VAL A 471 -17.57 -15.59 -27.98
C VAL A 471 -18.07 -15.08 -26.63
N LEU A 472 -17.13 -14.86 -25.70
CA LEU A 472 -17.46 -14.34 -24.38
C LEU A 472 -17.48 -12.82 -24.42
N PHE A 473 -18.37 -12.23 -23.62
CA PHE A 473 -18.51 -10.78 -23.52
C PHE A 473 -18.14 -10.37 -22.11
N CYS A 474 -17.06 -9.59 -21.99
CA CYS A 474 -16.61 -9.06 -20.71
C CYS A 474 -16.73 -7.55 -20.72
N PHE A 475 -17.34 -6.99 -19.67
CA PHE A 475 -17.67 -5.58 -19.62
C PHE A 475 -16.78 -4.78 -18.68
N GLU A 476 -16.40 -5.34 -17.54
CA GLU A 476 -15.63 -4.61 -16.55
C GLU A 476 -14.25 -4.27 -17.09
N GLN A 477 -13.67 -3.21 -16.55
CA GLN A 477 -12.33 -2.79 -16.96
C GLN A 477 -11.29 -3.82 -16.52
N PHE A 478 -10.12 -3.73 -17.12
CA PHE A 478 -9.00 -4.64 -16.91
C PHE A 478 -9.30 -6.06 -17.38
N ASP A 479 -10.46 -6.29 -18.00
CA ASP A 479 -10.75 -7.61 -18.55
C ASP A 479 -9.83 -7.93 -19.72
N GLU A 480 -9.53 -6.93 -20.55
CA GLU A 480 -8.58 -7.13 -21.64
C GLU A 480 -7.24 -7.61 -21.11
N LEU A 481 -6.70 -6.90 -20.11
CA LEU A 481 -5.39 -7.24 -19.58
C LEU A 481 -5.44 -8.58 -18.84
N THR A 482 -6.53 -8.85 -18.14
CA THR A 482 -6.66 -10.12 -17.43
C THR A 482 -6.65 -11.29 -18.41
N LEU A 483 -7.42 -11.18 -19.50
CA LEU A 483 -7.45 -12.24 -20.49
C LEU A 483 -6.11 -12.36 -21.22
N LEU A 484 -5.43 -11.23 -21.46
CA LEU A 484 -4.13 -11.28 -22.10
C LEU A 484 -3.11 -11.99 -21.22
N HIS A 485 -3.11 -11.70 -19.92
CA HIS A 485 -2.15 -12.34 -19.02
C HIS A 485 -2.49 -13.81 -18.80
N LEU A 486 -3.78 -14.15 -18.75
CA LEU A 486 -4.15 -15.56 -18.64
C LEU A 486 -3.63 -16.35 -19.84
N ARG A 487 -4.08 -15.97 -21.04
CA ARG A 487 -3.49 -16.40 -22.31
C ARG A 487 -3.69 -17.89 -22.58
N GLU A 488 -4.24 -18.62 -21.61
CA GLU A 488 -4.41 -20.06 -21.74
C GLU A 488 -5.38 -20.54 -20.68
N PHE A 489 -6.17 -21.55 -21.02
CA PHE A 489 -7.10 -22.17 -20.08
C PHE A 489 -7.48 -23.54 -20.59
N ASP A 490 -7.18 -24.58 -19.81
CA ASP A 490 -7.45 -25.97 -20.21
C ASP A 490 -6.82 -26.29 -21.56
N LYS A 491 -5.56 -25.86 -21.72
CA LYS A 491 -4.81 -26.07 -22.95
C LYS A 491 -5.50 -25.44 -24.16
N LYS A 492 -6.21 -24.35 -23.94
CA LYS A 492 -6.89 -23.62 -25.00
C LYS A 492 -6.48 -22.15 -24.94
N LYS A 493 -6.07 -21.61 -26.08
CA LYS A 493 -5.64 -20.22 -26.14
C LYS A 493 -6.83 -19.27 -26.06
N LEU A 494 -6.55 -18.04 -25.63
CA LEU A 494 -7.54 -16.98 -25.57
C LEU A 494 -7.18 -15.93 -26.63
N ILE A 495 -7.99 -15.85 -27.67
CA ILE A 495 -7.77 -14.93 -28.78
C ILE A 495 -8.93 -13.95 -28.81
N SER A 496 -8.64 -12.66 -28.73
CA SER A 496 -9.68 -11.66 -28.82
C SER A 496 -10.26 -11.61 -30.23
N VAL A 497 -11.46 -11.05 -30.34
CA VAL A 497 -12.14 -10.97 -31.63
C VAL A 497 -11.32 -10.12 -32.60
N GLU A 498 -10.79 -9.00 -32.13
CA GLU A 498 -9.97 -8.15 -32.99
C GLU A 498 -8.70 -8.89 -33.43
N THR A 499 -8.08 -9.63 -32.52
CA THR A 499 -6.91 -10.42 -32.90
C THR A 499 -7.26 -11.48 -33.94
N ASP A 500 -8.40 -12.14 -33.76
CA ASP A 500 -8.82 -13.14 -34.74
C ASP A 500 -9.08 -12.49 -36.11
N ILE A 501 -9.66 -11.29 -36.10
CA ILE A 501 -9.92 -10.59 -37.36
C ILE A 501 -8.61 -10.23 -38.04
N VAL A 502 -7.65 -9.68 -37.28
CA VAL A 502 -6.41 -9.22 -37.90
C VAL A 502 -5.56 -10.39 -38.38
N VAL A 503 -5.60 -11.53 -37.67
CA VAL A 503 -4.85 -12.71 -38.12
C VAL A 503 -5.61 -13.53 -39.14
N ASP A 504 -6.85 -13.18 -39.43
CA ASP A 504 -7.61 -13.91 -40.44
C ASP A 504 -7.03 -13.65 -41.84
N HIS A 505 -7.04 -14.67 -42.67
CA HIS A 505 -6.53 -14.57 -44.03
C HIS A 505 -7.66 -14.57 -45.05
N CYS A 520 -22.26 -0.28 -56.33
CA CYS A 520 -21.95 0.05 -54.95
C CYS A 520 -20.46 -0.03 -54.68
N LEU A 521 -19.76 1.09 -54.91
CA LEU A 521 -18.31 1.20 -54.69
C LEU A 521 -17.55 0.15 -55.51
N SER A 522 -17.62 0.34 -56.83
CA SER A 522 -16.88 -0.50 -57.75
C SER A 522 -15.39 -0.44 -57.47
N GLU A 523 -14.64 -1.35 -58.11
CA GLU A 523 -13.22 -1.52 -57.78
C GLU A 523 -12.42 -0.26 -58.03
N LYS A 524 -12.65 0.40 -59.17
CA LYS A 524 -11.86 1.58 -59.52
C LYS A 524 -12.13 2.74 -58.55
N GLU A 525 -13.41 3.04 -58.31
CA GLU A 525 -13.74 4.12 -57.39
C GLU A 525 -13.33 3.78 -55.96
N THR A 526 -13.45 2.52 -55.56
CA THR A 526 -12.98 2.12 -54.23
C THR A 526 -11.47 2.31 -54.10
N GLU A 527 -10.72 1.95 -55.14
CA GLU A 527 -9.27 2.16 -55.12
C GLU A 527 -8.95 3.64 -55.01
N GLU A 528 -9.62 4.48 -55.81
CA GLU A 528 -9.39 5.91 -55.73
C GLU A 528 -9.74 6.46 -54.36
N LEU A 529 -10.79 5.92 -53.73
CA LEU A 529 -11.26 6.47 -52.46
C LEU A 529 -10.34 6.05 -51.30
N MET A 530 -9.86 4.80 -51.29
CA MET A 530 -8.87 4.46 -50.27
C MET A 530 -7.53 5.17 -50.53
N ALA A 531 -7.20 5.45 -51.80
CA ALA A 531 -6.05 6.29 -52.07
C ALA A 531 -6.27 7.70 -51.51
N TRP A 532 -7.51 8.18 -51.58
CA TRP A 532 -7.85 9.45 -50.96
C TRP A 532 -7.59 9.44 -49.46
N MET A 533 -8.04 8.39 -48.76
CA MET A 533 -7.72 8.30 -47.34
C MET A 533 -6.22 8.25 -47.11
N ARG A 534 -5.51 7.45 -47.91
CA ARG A 534 -4.06 7.34 -47.73
C ARG A 534 -3.37 8.69 -47.90
N ASN A 535 -3.89 9.52 -48.81
CA ASN A 535 -3.33 10.85 -48.99
C ASN A 535 -3.68 11.77 -47.83
N VAL A 536 -4.94 11.73 -47.37
CA VAL A 536 -5.40 12.67 -46.34
C VAL A 536 -5.29 12.12 -44.93
N LEU A 537 -4.94 10.85 -44.75
CA LEU A 537 -4.78 10.26 -43.43
C LEU A 537 -3.48 9.48 -43.33
N GLY A 538 -2.47 9.85 -44.12
CA GLY A 538 -1.22 9.13 -44.10
C GLY A 538 -0.52 9.18 -42.75
N SER A 539 -0.57 10.35 -42.10
CA SER A 539 0.06 10.49 -40.79
C SER A 539 -0.64 9.62 -39.74
N ARG A 540 -1.97 9.54 -39.80
CA ARG A 540 -2.74 8.81 -38.80
C ARG A 540 -2.97 7.36 -39.23
N VAL A 541 -3.59 7.16 -40.38
CA VAL A 541 -3.94 5.83 -40.87
C VAL A 541 -2.79 5.35 -41.75
N THR A 542 -2.07 4.33 -41.29
CA THR A 542 -0.95 3.81 -42.05
C THR A 542 -1.40 3.00 -43.25
N ASN A 543 -2.44 2.18 -43.07
CA ASN A 543 -2.94 1.32 -44.13
C ASN A 543 -4.46 1.39 -44.19
N VAL A 544 -5.00 1.41 -45.41
CA VAL A 544 -6.44 1.42 -45.64
C VAL A 544 -6.78 0.23 -46.51
N LYS A 545 -7.80 -0.54 -46.10
CA LYS A 545 -8.21 -1.71 -46.85
C LYS A 545 -9.72 -1.87 -46.72
N VAL A 546 -10.28 -2.67 -47.62
CA VAL A 546 -11.72 -2.92 -47.68
C VAL A 546 -12.00 -4.34 -47.21
N THR A 547 -12.87 -4.48 -46.22
CA THR A 547 -13.31 -5.77 -45.71
C THR A 547 -14.81 -5.91 -45.96
N LEU A 548 -15.21 -7.06 -46.51
CA LEU A 548 -16.61 -7.33 -46.83
C LEU A 548 -17.36 -7.99 -45.68
N ARG A 549 -16.90 -7.81 -44.45
CA ARG A 549 -17.52 -8.42 -43.28
C ARG A 549 -18.18 -7.41 -42.37
N LEU A 550 -18.58 -6.26 -42.91
CA LEU A 550 -19.24 -5.21 -42.14
C LEU A 550 -20.57 -4.87 -42.77
N ASP A 551 -21.58 -4.66 -41.92
CA ASP A 551 -22.92 -4.36 -42.39
C ASP A 551 -23.49 -3.07 -41.81
N THR A 552 -23.21 -2.77 -40.55
CA THR A 552 -23.77 -1.60 -39.89
C THR A 552 -22.75 -0.54 -39.55
N HIS A 553 -21.50 -0.92 -39.27
CA HIS A 553 -20.47 0.05 -38.91
C HIS A 553 -19.71 0.45 -40.17
N PRO A 554 -19.69 1.74 -40.52
CA PRO A 554 -18.98 2.15 -41.75
C PRO A 554 -17.49 1.88 -41.73
N ALA A 555 -16.85 1.94 -40.56
CA ALA A 555 -15.41 1.85 -40.48
C ALA A 555 -14.99 0.89 -39.37
N MET A 556 -13.78 0.36 -39.51
CA MET A 556 -13.18 -0.52 -38.53
C MET A 556 -11.72 -0.14 -38.34
N VAL A 557 -11.26 -0.21 -37.09
CA VAL A 557 -9.84 -0.02 -36.77
C VAL A 557 -9.36 -1.31 -36.13
N THR A 558 -8.30 -1.90 -36.70
CA THR A 558 -7.75 -3.16 -36.23
C THR A 558 -6.23 -3.03 -36.10
N VAL A 559 -5.70 -3.50 -34.98
CA VAL A 559 -4.26 -3.58 -34.76
C VAL A 559 -3.94 -4.96 -34.21
N LEU A 560 -2.67 -5.36 -34.36
CA LEU A 560 -2.26 -6.70 -33.95
C LEU A 560 -2.37 -6.87 -32.44
N GLU A 561 -1.81 -5.94 -31.68
CA GLU A 561 -1.84 -6.00 -30.22
C GLU A 561 -3.01 -5.19 -29.64
N MET A 562 -4.22 -5.51 -30.10
CA MET A 562 -5.38 -4.67 -29.82
C MET A 562 -5.58 -4.46 -28.33
N GLY A 563 -5.65 -5.55 -27.56
CA GLY A 563 -5.79 -5.41 -26.12
C GLY A 563 -4.58 -4.76 -25.48
N ALA A 564 -3.38 -5.20 -25.87
CA ALA A 564 -2.15 -4.64 -25.31
C ALA A 564 -2.02 -3.16 -25.65
N ALA A 565 -2.26 -2.81 -26.92
CA ALA A 565 -2.17 -1.41 -27.32
C ALA A 565 -3.23 -0.57 -26.62
N ARG A 566 -4.46 -1.08 -26.51
CA ARG A 566 -5.52 -0.34 -25.86
C ARG A 566 -5.19 -0.06 -24.39
N HIS A 567 -4.64 -1.06 -23.69
CA HIS A 567 -4.36 -0.85 -22.27
C HIS A 567 -3.11 -0.01 -22.06
N PHE A 568 -2.11 -0.18 -22.94
CA PHE A 568 -0.91 0.64 -22.86
C PHE A 568 -1.19 2.10 -23.17
N LEU A 569 -2.13 2.37 -24.07
CA LEU A 569 -2.51 3.76 -24.32
C LEU A 569 -3.16 4.37 -23.09
N ARG A 570 -3.98 3.60 -22.37
CA ARG A 570 -4.54 4.09 -21.11
C ARG A 570 -3.44 4.35 -20.09
N MET A 571 -2.46 3.46 -20.00
CA MET A 571 -1.28 3.74 -19.17
C MET A 571 -0.63 5.06 -19.56
N GLN A 572 -0.34 5.24 -20.85
CA GLN A 572 0.40 6.42 -21.29
C GLN A 572 -0.38 7.70 -21.03
N GLN A 573 -1.68 7.69 -21.30
CA GLN A 573 -2.49 8.88 -21.07
C GLN A 573 -2.72 9.12 -19.59
N LEU A 574 -2.65 8.07 -18.77
CA LEU A 574 -2.84 8.25 -17.33
C LEU A 574 -1.62 8.89 -16.68
N ALA A 575 -0.43 8.54 -17.13
CA ALA A 575 0.79 9.08 -16.55
C ALA A 575 1.86 9.17 -17.63
N LYS A 576 2.55 10.31 -17.69
CA LYS A 576 3.62 10.50 -18.65
C LYS A 576 4.87 9.73 -18.21
N THR A 577 5.04 8.51 -18.71
CA THR A 577 6.13 7.65 -18.31
C THR A 577 6.74 7.02 -19.56
N GLN A 578 7.60 6.03 -19.35
CA GLN A 578 8.26 5.32 -20.44
C GLN A 578 7.25 4.53 -21.28
N LEU A 584 4.01 5.36 -31.65
CA LEU A 584 3.10 4.89 -30.61
C LEU A 584 2.54 3.51 -30.94
N LEU A 585 1.80 3.42 -32.04
CA LEU A 585 1.20 2.17 -32.47
C LEU A 585 1.01 2.23 -33.99
N GLN A 586 0.45 1.16 -34.54
CA GLN A 586 0.31 0.98 -35.99
C GLN A 586 -1.16 0.77 -36.31
N PRO A 587 -1.94 1.85 -36.45
CA PRO A 587 -3.39 1.69 -36.65
C PRO A 587 -3.72 1.43 -38.11
N THR A 588 -4.64 0.50 -38.35
CA THR A 588 -5.15 0.18 -39.68
C THR A 588 -6.65 0.40 -39.70
N LEU A 589 -7.13 1.15 -40.67
CA LEU A 589 -8.54 1.49 -40.79
C LEU A 589 -9.14 0.73 -41.97
N GLU A 590 -10.29 0.12 -41.75
CA GLU A 590 -11.02 -0.61 -42.78
C GLU A 590 -12.40 -0.01 -42.94
N ILE A 591 -12.79 0.24 -44.19
CA ILE A 591 -14.07 0.86 -44.50
C ILE A 591 -15.05 -0.22 -44.95
N ASN A 592 -16.34 0.11 -44.88
CA ASN A 592 -17.39 -0.80 -45.30
C ASN A 592 -17.90 -0.36 -46.68
N PRO A 593 -17.68 -1.15 -47.73
CA PRO A 593 -18.14 -0.74 -49.07
C PRO A 593 -19.64 -0.53 -49.15
N ARG A 594 -20.44 -1.34 -48.47
CA ARG A 594 -21.88 -1.30 -48.60
C ARG A 594 -22.55 -0.27 -47.69
N HIS A 595 -21.79 0.35 -46.79
CA HIS A 595 -22.38 1.34 -45.90
C HIS A 595 -22.80 2.58 -46.67
N ALA A 596 -23.98 3.11 -46.32
CA ALA A 596 -24.48 4.29 -47.02
C ALA A 596 -23.61 5.51 -46.73
N LEU A 597 -23.11 5.63 -45.50
CA LEU A 597 -22.25 6.76 -45.16
C LEU A 597 -20.99 6.78 -46.01
N ILE A 598 -20.34 5.62 -46.17
CA ILE A 598 -19.14 5.54 -47.00
C ILE A 598 -19.50 5.78 -48.46
N LYS A 599 -20.63 5.22 -48.92
CA LYS A 599 -21.04 5.43 -50.30
C LYS A 599 -21.33 6.89 -50.61
N LYS A 600 -21.71 7.67 -49.58
CA LYS A 600 -21.97 9.09 -49.79
C LYS A 600 -20.70 9.84 -50.19
N LEU A 601 -19.53 9.35 -49.78
CA LEU A 601 -18.28 10.03 -50.12
C LEU A 601 -18.06 10.10 -51.62
N ASN A 602 -18.55 9.11 -52.37
CA ASN A 602 -18.33 9.09 -53.81
C ASN A 602 -18.94 10.32 -54.47
N GLN A 603 -20.16 10.70 -54.06
CA GLN A 603 -20.80 11.87 -54.63
C GLN A 603 -20.47 13.15 -53.88
N LEU A 604 -20.00 13.06 -52.63
CA LEU A 604 -19.78 14.27 -51.84
C LEU A 604 -18.36 14.78 -51.98
N ARG A 605 -17.42 13.93 -52.42
CA ARG A 605 -16.06 14.41 -52.67
C ARG A 605 -16.02 15.44 -53.78
N ALA A 606 -16.79 15.23 -54.85
CA ALA A 606 -16.79 16.13 -55.98
C ALA A 606 -17.49 17.46 -55.68
N SER A 607 -18.32 17.50 -54.65
CA SER A 607 -19.09 18.70 -54.32
C SER A 607 -18.43 19.56 -53.26
N GLU A 608 -18.09 18.99 -52.10
CA GLU A 608 -17.50 19.72 -50.99
C GLU A 608 -16.25 18.99 -50.52
N PRO A 609 -15.10 19.24 -51.16
CA PRO A 609 -13.85 18.62 -50.70
C PRO A 609 -13.57 18.82 -49.22
N GLY A 610 -13.80 20.03 -48.71
CA GLY A 610 -13.55 20.29 -47.30
C GLY A 610 -14.48 19.51 -46.38
N LEU A 611 -15.77 19.48 -46.71
CA LEU A 611 -16.70 18.68 -45.94
C LEU A 611 -16.37 17.20 -46.05
N ALA A 612 -15.89 16.75 -47.21
CA ALA A 612 -15.48 15.36 -47.36
C ALA A 612 -14.31 15.02 -46.46
N GLN A 613 -13.30 15.92 -46.39
CA GLN A 613 -12.17 15.69 -45.51
C GLN A 613 -12.60 15.69 -44.05
N LEU A 614 -13.48 16.61 -43.68
CA LEU A 614 -13.98 16.63 -42.30
C LEU A 614 -14.75 15.36 -41.97
N LEU A 615 -15.55 14.87 -42.91
CA LEU A 615 -16.35 13.67 -42.68
C LEU A 615 -15.47 12.43 -42.57
N VAL A 616 -14.44 12.33 -43.42
CA VAL A 616 -13.55 11.17 -43.29
C VAL A 616 -12.74 11.24 -42.01
N ASP A 617 -12.35 12.45 -41.57
CA ASP A 617 -11.69 12.58 -40.28
C ASP A 617 -12.60 12.15 -39.14
N GLN A 618 -13.88 12.55 -39.20
CA GLN A 618 -14.83 12.14 -38.17
C GLN A 618 -15.06 10.64 -38.19
N ILE A 619 -15.09 10.04 -39.39
CA ILE A 619 -15.25 8.60 -39.49
C ILE A 619 -14.06 7.90 -38.84
N TYR A 620 -12.85 8.40 -39.10
CA TYR A 620 -11.66 7.84 -38.47
C TYR A 620 -11.72 7.97 -36.96
N GLU A 621 -12.15 9.12 -36.46
CA GLU A 621 -12.24 9.32 -35.01
C GLU A 621 -13.29 8.39 -34.40
N ASN A 622 -14.43 8.21 -35.08
CA ASN A 622 -15.45 7.30 -34.58
C ASN A 622 -14.95 5.86 -34.54
N ALA A 623 -14.22 5.45 -35.59
CA ALA A 623 -13.65 4.11 -35.60
C ALA A 623 -12.64 3.94 -34.47
N MET A 624 -11.83 4.96 -34.22
CA MET A 624 -10.87 4.90 -33.11
C MET A 624 -11.59 4.80 -31.77
N ILE A 625 -12.67 5.57 -31.61
CA ILE A 625 -13.43 5.52 -30.36
C ILE A 625 -14.04 4.13 -30.16
N ALA A 626 -14.63 3.58 -31.22
CA ALA A 626 -15.23 2.25 -31.12
C ALA A 626 -14.17 1.19 -30.81
N ALA A 627 -12.99 1.33 -31.40
CA ALA A 627 -11.90 0.40 -31.10
C ALA A 627 -11.40 0.55 -29.67
N GLY A 628 -11.71 1.66 -29.01
CA GLY A 628 -11.19 1.92 -27.68
C GLY A 628 -9.79 2.49 -27.66
N LEU A 629 -9.18 2.71 -28.83
CA LEU A 629 -7.83 3.22 -28.94
C LEU A 629 -7.77 4.74 -28.92
N VAL A 630 -8.92 5.42 -28.79
CA VAL A 630 -8.95 6.87 -28.86
C VAL A 630 -8.33 7.47 -27.61
N ASP A 631 -7.75 8.66 -27.75
CA ASP A 631 -7.24 9.44 -26.64
C ASP A 631 -8.42 10.16 -25.98
N ASP A 632 -8.11 11.14 -25.13
CA ASP A 632 -9.15 11.95 -24.51
C ASP A 632 -10.04 12.57 -25.58
N PRO A 633 -11.32 12.21 -25.64
CA PRO A 633 -12.18 12.63 -26.76
C PRO A 633 -12.66 14.07 -26.70
N ARG A 634 -12.11 14.91 -25.81
CA ARG A 634 -12.51 16.31 -25.79
C ARG A 634 -12.13 17.05 -27.06
N ALA A 635 -11.11 16.58 -27.78
CA ALA A 635 -10.70 17.23 -29.02
C ALA A 635 -11.66 16.97 -30.16
N MET A 636 -12.28 15.78 -30.18
CA MET A 636 -13.20 15.42 -31.26
C MET A 636 -14.49 16.25 -31.21
N VAL A 637 -14.82 16.84 -30.06
CA VAL A 637 -16.08 17.55 -29.91
C VAL A 637 -16.14 18.75 -30.85
N GLY A 638 -15.05 19.51 -30.93
CA GLY A 638 -15.05 20.69 -31.79
C GLY A 638 -15.19 20.33 -33.26
N ARG A 639 -14.47 19.30 -33.70
CA ARG A 639 -14.59 18.86 -35.09
C ARG A 639 -16.00 18.35 -35.38
N LEU A 640 -16.60 17.62 -34.43
CA LEU A 640 -17.96 17.14 -34.64
C LEU A 640 -18.95 18.28 -34.73
N ASN A 641 -18.80 19.29 -33.87
CA ASN A 641 -19.70 20.44 -33.93
C ASN A 641 -19.54 21.20 -35.24
N GLU A 642 -18.30 21.39 -35.69
CA GLU A 642 -18.07 22.07 -36.97
C GLU A 642 -18.67 21.28 -38.12
N LEU A 643 -18.49 19.95 -38.11
CA LEU A 643 -19.06 19.12 -39.16
C LEU A 643 -20.59 19.18 -39.16
N LEU A 644 -21.20 19.14 -37.97
CA LEU A 644 -22.65 19.20 -37.89
C LEU A 644 -23.18 20.55 -38.37
N VAL A 645 -22.52 21.65 -38.02
CA VAL A 645 -23.02 22.95 -38.46
C VAL A 645 -22.79 23.15 -39.96
N LYS A 646 -21.70 22.61 -40.50
CA LYS A 646 -21.37 22.80 -41.90
C LYS A 646 -22.13 21.88 -42.85
N ALA A 647 -22.45 20.66 -42.42
CA ALA A 647 -23.05 19.67 -43.31
C ALA A 647 -24.58 19.70 -43.30
N LEU A 648 -25.18 20.62 -42.55
CA LEU A 648 -26.64 20.70 -42.47
C LEU A 648 -27.20 21.94 -43.17
N GLU A 649 -26.47 22.51 -44.13
CA GLU A 649 -26.97 23.65 -44.86
C GLU A 649 -27.73 23.20 -46.11
N ARG A 650 -28.67 22.26 -45.93
CA ARG A 650 -29.50 21.76 -47.02
C ARG A 650 -30.97 21.69 -46.68
N HIS A 651 -31.37 21.63 -45.41
CA HIS A 651 -32.77 21.52 -45.04
C HIS A 651 -33.41 22.89 -44.90
N PRO B 17 -21.82 -6.43 37.53
CA PRO B 17 -20.81 -7.10 36.71
C PRO B 17 -19.43 -6.44 36.80
N LEU B 18 -19.23 -5.65 37.86
CA LEU B 18 -17.97 -4.95 38.10
C LEU B 18 -17.36 -5.52 39.37
N HIS B 19 -16.48 -6.51 39.21
CA HIS B 19 -15.81 -7.15 40.33
C HIS B 19 -14.32 -7.26 40.03
N SER B 20 -13.51 -7.08 41.07
CA SER B 20 -12.06 -7.18 40.94
C SER B 20 -11.49 -7.85 42.18
N ILE B 21 -10.35 -8.50 42.00
CA ILE B 21 -9.66 -9.19 43.09
C ILE B 21 -8.37 -8.48 43.48
N ILE B 22 -8.15 -7.26 42.98
CA ILE B 22 -6.95 -6.51 43.28
C ILE B 22 -7.07 -5.93 44.69
N SER B 23 -6.04 -6.14 45.50
CA SER B 23 -6.02 -5.62 46.86
C SER B 23 -4.57 -5.37 47.27
N SER B 24 -4.40 -4.52 48.28
CA SER B 24 -3.09 -4.19 48.82
C SER B 24 -2.81 -4.91 50.14
N THR B 25 -3.50 -6.02 50.39
CA THR B 25 -3.31 -6.75 51.64
C THR B 25 -1.93 -7.38 51.75
N GLU B 26 -1.22 -7.55 50.64
CA GLU B 26 0.09 -8.17 50.66
C GLU B 26 1.10 -7.27 51.37
N SER B 27 1.98 -7.90 52.16
CA SER B 27 3.01 -7.17 52.88
C SER B 27 4.15 -8.13 53.19
N VAL B 28 5.33 -7.56 53.43
CA VAL B 28 6.50 -8.36 53.74
C VAL B 28 6.44 -8.77 55.20
N GLN B 29 6.78 -10.04 55.47
CA GLN B 29 6.76 -10.58 56.82
C GLN B 29 8.11 -11.07 57.31
N GLY B 30 9.04 -11.37 56.41
CA GLY B 30 10.35 -11.85 56.77
C GLY B 30 11.45 -10.93 56.28
N SER B 31 12.68 -11.32 56.59
CA SER B 31 13.84 -10.56 56.16
C SER B 31 14.02 -10.67 54.65
N THR B 32 14.20 -9.53 54.00
CA THR B 32 14.40 -9.53 52.55
C THR B 32 15.73 -10.18 52.18
N SER B 33 15.75 -10.83 51.03
CA SER B 33 16.92 -11.49 50.51
C SER B 33 17.56 -10.63 49.42
N LYS B 34 18.60 -11.16 48.78
CA LYS B 34 19.26 -10.48 47.68
C LYS B 34 19.75 -11.53 46.68
N HIS B 35 19.62 -11.22 45.39
CA HIS B 35 19.98 -12.17 44.36
C HIS B 35 20.49 -11.42 43.14
N GLU B 36 21.18 -12.16 42.28
CA GLU B 36 21.71 -11.62 41.02
C GLU B 36 21.07 -12.36 39.86
N PHE B 37 20.80 -11.64 38.78
CA PHE B 37 20.17 -12.24 37.62
C PHE B 37 21.07 -13.27 36.98
N GLN B 38 20.47 -14.37 36.53
CA GLN B 38 21.17 -15.44 35.82
C GLN B 38 20.71 -15.45 34.36
N ALA B 39 21.29 -16.36 33.58
CA ALA B 39 20.94 -16.49 32.17
C ALA B 39 21.20 -17.91 31.71
N GLU B 40 20.22 -18.50 31.03
CA GLU B 40 20.36 -19.84 30.48
C GLU B 40 21.09 -19.72 29.15
N THR B 41 22.37 -20.10 29.14
CA THR B 41 23.19 -19.92 27.96
C THR B 41 22.74 -20.81 26.81
N LYS B 42 22.34 -22.05 27.10
CA LYS B 42 21.91 -22.96 26.05
C LYS B 42 20.69 -22.41 25.32
N LYS B 43 19.69 -21.95 26.06
CA LYS B 43 18.51 -21.38 25.43
C LYS B 43 18.82 -20.09 24.70
N LEU B 44 19.75 -19.29 25.22
CA LEU B 44 20.15 -18.07 24.52
C LEU B 44 20.79 -18.41 23.18
N LEU B 45 21.67 -19.41 23.15
CA LEU B 45 22.27 -19.83 21.89
C LEU B 45 21.21 -20.35 20.92
N ASP B 46 20.26 -21.15 21.43
CA ASP B 46 19.20 -21.65 20.58
C ASP B 46 18.35 -20.53 20.01
N ILE B 47 18.04 -19.52 20.84
CA ILE B 47 17.25 -18.38 20.38
C ILE B 47 18.01 -17.60 19.31
N VAL B 48 19.29 -17.35 19.55
CA VAL B 48 20.08 -16.57 18.60
C VAL B 48 20.21 -17.31 17.27
N ALA B 49 20.46 -18.61 17.32
CA ALA B 49 20.71 -19.39 16.12
C ALA B 49 19.44 -19.89 15.44
N ARG B 50 18.28 -19.74 16.06
CA ARG B 50 17.05 -20.27 15.49
C ARG B 50 15.97 -19.22 15.27
N SER B 51 15.77 -18.31 16.22
CA SER B 51 14.62 -17.41 16.19
C SER B 51 15.03 -15.98 16.45
N LEU B 52 16.12 -15.54 15.83
CA LEU B 52 16.56 -14.16 15.93
C LEU B 52 16.61 -13.46 14.58
N TYR B 53 17.21 -14.09 13.57
CA TYR B 53 17.40 -13.47 12.26
C TYR B 53 16.49 -14.14 11.25
N SER B 54 15.74 -13.32 10.50
CA SER B 54 14.84 -13.86 9.48
C SER B 54 15.62 -14.55 8.37
N GLU B 55 16.71 -13.95 7.91
CA GLU B 55 17.50 -14.48 6.81
C GLU B 55 18.72 -15.21 7.37
N LYS B 56 18.97 -16.40 6.86
CA LYS B 56 20.10 -17.22 7.31
C LYS B 56 21.44 -16.73 6.80
N GLU B 57 21.45 -15.76 5.88
CA GLU B 57 22.69 -15.29 5.27
C GLU B 57 23.31 -14.11 6.02
N VAL B 58 22.70 -13.65 7.11
CA VAL B 58 23.23 -12.51 7.84
C VAL B 58 24.45 -12.84 8.67
N PHE B 59 24.83 -14.12 8.77
CA PHE B 59 25.98 -14.48 9.58
C PHE B 59 27.27 -13.94 8.98
N ILE B 60 27.42 -14.00 7.66
CA ILE B 60 28.62 -13.42 7.06
C ILE B 60 28.60 -11.91 7.15
N ARG B 61 27.41 -11.29 7.11
CA ARG B 61 27.35 -9.85 7.33
C ARG B 61 27.83 -9.49 8.74
N GLU B 62 27.39 -10.26 9.74
CA GLU B 62 27.85 -10.02 11.10
C GLU B 62 29.34 -10.24 11.24
N LEU B 63 29.87 -11.28 10.58
CA LEU B 63 31.30 -11.55 10.65
C LEU B 63 32.11 -10.45 9.97
N ILE B 64 31.63 -9.94 8.85
CA ILE B 64 32.30 -8.84 8.17
C ILE B 64 32.25 -7.58 9.03
N SER B 65 31.13 -7.35 9.70
CA SER B 65 31.05 -6.22 10.62
C SER B 65 32.05 -6.36 11.76
N ASN B 66 32.19 -7.58 12.30
CA ASN B 66 33.17 -7.81 13.36
C ASN B 66 34.58 -7.59 12.84
N ALA B 67 34.88 -8.04 11.63
CA ALA B 67 36.20 -7.83 11.05
C ALA B 67 36.48 -6.33 10.85
N SER B 68 35.48 -5.59 10.38
CA SER B 68 35.64 -4.15 10.21
C SER B 68 35.87 -3.46 11.55
N ASP B 69 35.14 -3.90 12.58
CA ASP B 69 35.33 -3.33 13.92
C ASP B 69 36.74 -3.61 14.43
N ALA B 70 37.23 -4.84 14.23
CA ALA B 70 38.58 -5.18 14.67
C ALA B 70 39.63 -4.36 13.92
N LEU B 71 39.44 -4.19 12.61
CA LEU B 71 40.38 -3.40 11.83
C LEU B 71 40.36 -1.93 12.27
N GLU B 72 39.18 -1.39 12.57
CA GLU B 72 39.09 -0.03 13.07
C GLU B 72 39.78 0.10 14.42
N LYS B 73 39.60 -0.88 15.30
CA LYS B 73 40.28 -0.86 16.59
C LYS B 73 41.79 -0.88 16.42
N LEU B 74 42.28 -1.72 15.52
CA LEU B 74 43.72 -1.76 15.26
C LEU B 74 44.22 -0.44 14.68
N ARG B 75 43.45 0.16 13.78
CA ARG B 75 43.83 1.44 13.21
C ARG B 75 43.91 2.51 14.29
N HIS B 76 42.92 2.55 15.19
CA HIS B 76 42.96 3.52 16.28
C HIS B 76 44.14 3.27 17.20
N LYS B 77 44.44 2.00 17.49
CA LYS B 77 45.58 1.69 18.36
C LYS B 77 46.89 2.12 17.73
N LEU B 78 47.05 1.90 16.42
CA LEU B 78 48.28 2.26 15.73
C LEU B 78 48.38 3.75 15.43
N VAL B 79 47.26 4.47 15.43
CA VAL B 79 47.31 5.92 15.27
C VAL B 79 47.56 6.60 16.62
N SER B 80 47.12 5.98 17.71
CA SER B 80 47.31 6.58 19.03
C SER B 80 48.80 6.75 19.35
N ASP B 81 49.61 5.74 19.05
CA ASP B 81 51.06 5.85 19.22
C ASP B 81 51.75 6.39 17.97
N GLY B 82 51.02 6.59 16.88
CA GLY B 82 51.60 7.18 15.69
C GLY B 82 52.67 6.34 15.02
N GLN B 83 52.44 5.04 14.90
CA GLN B 83 53.39 4.14 14.27
C GLN B 83 52.89 3.75 12.88
N ALA B 84 53.67 2.91 12.21
CA ALA B 84 53.35 2.50 10.84
C ALA B 84 52.07 1.67 10.81
N LEU B 85 51.34 1.78 9.70
CA LEU B 85 50.09 1.07 9.51
C LEU B 85 50.26 -0.04 8.48
N PRO B 86 50.17 -1.31 8.86
CA PRO B 86 50.31 -2.39 7.88
C PRO B 86 49.06 -2.55 7.02
N GLU B 87 49.04 -3.57 6.18
CA GLU B 87 47.89 -3.83 5.33
C GLU B 87 46.67 -4.16 6.19
N MET B 88 45.49 -3.75 5.70
CA MET B 88 44.23 -3.95 6.42
C MET B 88 43.18 -4.35 5.40
N GLU B 89 42.84 -5.64 5.37
CA GLU B 89 41.86 -6.14 4.41
C GLU B 89 41.09 -7.29 5.04
N ILE B 90 39.87 -7.49 4.54
CA ILE B 90 38.99 -8.55 4.98
C ILE B 90 38.87 -9.57 3.85
N HIS B 91 39.17 -10.83 4.14
CA HIS B 91 39.23 -11.87 3.14
C HIS B 91 38.12 -12.89 3.38
N LEU B 92 37.31 -13.12 2.34
CA LEU B 92 36.31 -14.18 2.34
C LEU B 92 36.83 -15.35 1.52
N GLN B 93 36.85 -16.53 2.12
CA GLN B 93 37.32 -17.74 1.46
C GLN B 93 36.20 -18.75 1.40
N THR B 94 35.99 -19.34 0.23
CA THR B 94 34.96 -20.35 0.02
C THR B 94 35.62 -21.64 -0.43
N ASN B 95 35.31 -22.74 0.28
CA ASN B 95 35.84 -24.06 -0.02
C ASN B 95 34.66 -24.99 -0.26
N ALA B 96 34.25 -25.10 -1.52
CA ALA B 96 33.10 -25.95 -1.86
C ALA B 96 33.42 -27.42 -1.61
N GLU B 97 34.67 -27.83 -1.85
CA GLU B 97 35.04 -29.22 -1.64
C GLU B 97 34.91 -29.62 -0.18
N LYS B 98 35.37 -28.76 0.73
CA LYS B 98 35.26 -29.02 2.16
C LYS B 98 33.98 -28.49 2.78
N GLY B 99 33.19 -27.73 2.02
CA GLY B 99 31.96 -27.17 2.55
C GLY B 99 32.18 -26.20 3.69
N THR B 100 33.19 -25.34 3.58
CA THR B 100 33.52 -24.38 4.63
C THR B 100 33.71 -23.00 4.02
N ILE B 101 33.34 -21.98 4.79
CA ILE B 101 33.59 -20.59 4.44
C ILE B 101 34.50 -19.99 5.50
N THR B 102 35.59 -19.37 5.06
CA THR B 102 36.61 -18.84 5.94
C THR B 102 36.64 -17.32 5.86
N ILE B 103 36.51 -16.67 7.01
CA ILE B 103 36.65 -15.22 7.13
C ILE B 103 37.92 -14.92 7.90
N GLN B 104 38.76 -14.05 7.34
CA GLN B 104 40.03 -13.68 7.96
C GLN B 104 40.20 -12.17 7.90
N ASP B 105 40.66 -11.60 9.01
CA ASP B 105 40.93 -10.18 9.10
C ASP B 105 42.29 -9.96 9.78
N THR B 106 42.92 -8.83 9.46
CA THR B 106 44.21 -8.48 10.01
C THR B 106 44.10 -7.40 11.08
N GLY B 107 43.06 -7.46 11.91
CA GLY B 107 42.80 -6.44 12.91
C GLY B 107 43.59 -6.63 14.18
N ILE B 108 43.00 -6.20 15.29
CA ILE B 108 43.68 -6.25 16.58
C ILE B 108 43.96 -7.70 16.98
N GLY B 109 42.97 -8.57 16.78
CA GLY B 109 43.06 -9.91 17.31
C GLY B 109 42.59 -9.96 18.75
N MET B 110 42.70 -11.14 19.35
CA MET B 110 42.19 -11.35 20.70
C MET B 110 43.10 -12.30 21.46
N THR B 111 43.36 -11.97 22.72
CA THR B 111 44.16 -12.82 23.60
C THR B 111 43.28 -13.93 24.19
N GLN B 112 43.90 -14.76 25.02
CA GLN B 112 43.13 -15.80 25.71
C GLN B 112 42.06 -15.19 26.60
N GLU B 113 42.43 -14.17 27.38
CA GLU B 113 41.45 -13.49 28.23
C GLU B 113 40.37 -12.81 27.38
N GLU B 114 40.79 -12.14 26.30
CA GLU B 114 39.82 -11.48 25.44
C GLU B 114 38.91 -12.50 24.73
N LEU B 115 39.48 -13.62 24.30
CA LEU B 115 38.66 -14.66 23.67
C LEU B 115 37.64 -15.22 24.65
N VAL B 116 38.05 -15.47 25.89
CA VAL B 116 37.13 -16.01 26.88
C VAL B 116 36.05 -14.98 27.23
N SER B 117 36.45 -13.73 27.42
CA SER B 117 35.50 -12.72 27.89
C SER B 117 34.51 -12.32 26.79
N ASN B 118 34.99 -12.20 25.54
CA ASN B 118 34.14 -11.73 24.46
C ASN B 118 33.37 -12.88 23.81
N LEU B 119 34.09 -13.87 23.28
CA LEU B 119 33.44 -14.97 22.57
C LEU B 119 32.61 -15.82 23.52
N GLY B 120 33.11 -16.08 24.72
CA GLY B 120 32.44 -16.97 25.64
C GLY B 120 31.30 -16.38 26.42
N THR B 121 31.05 -15.08 26.31
CA THR B 121 29.97 -14.42 27.02
C THR B 121 28.96 -13.87 26.03
N ILE B 122 27.69 -14.22 26.22
CA ILE B 122 26.62 -13.74 25.36
C ILE B 122 26.30 -12.29 25.70
N ALA B 123 26.05 -11.49 24.67
CA ALA B 123 25.75 -10.06 24.82
C ALA B 123 26.88 -9.33 25.53
N ARG B 124 28.12 -9.74 25.29
CA ARG B 124 29.29 -9.04 25.79
C ARG B 124 30.16 -8.66 24.59
N SER B 125 30.31 -7.35 24.37
CA SER B 125 31.04 -6.84 23.23
C SER B 125 32.25 -6.05 23.69
N GLY B 126 33.41 -6.35 23.12
CA GLY B 126 34.60 -5.56 23.40
C GLY B 126 34.58 -4.19 22.76
N SER B 127 33.69 -3.98 21.79
CA SER B 127 33.55 -2.67 21.17
C SER B 127 33.05 -1.64 22.16
N LYS B 128 32.13 -2.02 23.05
CA LYS B 128 31.61 -1.09 24.04
C LYS B 128 32.73 -0.60 24.97
N ALA B 129 33.59 -1.52 25.42
CA ALA B 129 34.74 -1.11 26.21
C ALA B 129 35.69 -0.25 25.38
N PHE B 130 35.90 -0.61 24.12
CA PHE B 130 36.75 0.19 23.25
C PHE B 130 36.17 1.58 23.04
N LEU B 131 34.86 1.67 22.83
CA LEU B 131 34.22 2.97 22.67
C LEU B 131 34.32 3.81 23.94
N ASP B 132 34.13 3.18 25.09
CA ASP B 132 34.26 3.89 26.36
C ASP B 132 35.69 4.30 26.65
N ALA B 133 36.68 3.62 26.08
CA ALA B 133 38.07 3.94 26.28
C ALA B 133 38.61 4.93 25.25
N LEU B 134 37.77 5.40 24.33
CA LEU B 134 38.23 6.36 23.33
C LEU B 134 38.51 7.73 23.94
N GLN B 135 37.74 8.12 24.95
CA GLN B 135 37.88 9.41 25.63
C GLN B 135 37.59 10.59 24.72
N ASN B 136 37.20 10.32 23.48
CA ASN B 136 36.85 11.38 22.54
C ASN B 136 35.48 11.17 21.91
N GLN B 137 35.11 9.93 21.58
CA GLN B 137 33.82 9.61 20.96
C GLN B 137 33.59 10.42 19.68
N ALA B 138 34.66 10.64 18.93
CA ALA B 138 34.57 11.44 17.72
C ALA B 138 35.29 10.87 16.51
N GLU B 139 36.15 9.86 16.67
CA GLU B 139 36.91 9.30 15.57
C GLU B 139 36.48 7.90 15.20
N ALA B 140 36.48 6.97 16.16
CA ALA B 140 36.09 5.59 15.91
C ALA B 140 34.68 5.27 16.40
N SER B 141 34.04 6.17 17.12
CA SER B 141 32.68 5.93 17.58
C SER B 141 31.70 5.84 16.42
N SER B 142 31.99 6.54 15.33
CA SER B 142 31.15 6.49 14.13
C SER B 142 31.55 5.39 13.17
N LYS B 143 32.61 4.64 13.46
CA LYS B 143 33.09 3.59 12.57
C LYS B 143 33.08 2.21 13.22
N ILE B 144 32.41 2.06 14.37
CA ILE B 144 32.28 0.78 15.05
C ILE B 144 30.82 0.35 14.95
N ILE B 145 30.60 -0.85 14.42
CA ILE B 145 29.24 -1.33 14.18
C ILE B 145 28.69 -2.10 15.36
N GLY B 146 29.50 -2.99 15.94
CA GLY B 146 29.04 -3.83 17.03
C GLY B 146 28.59 -3.09 18.27
N GLN B 147 27.35 -3.35 18.70
CA GLN B 147 26.83 -2.73 19.91
C GLN B 147 26.07 -3.67 20.83
N PHE B 148 25.73 -4.88 20.39
CA PHE B 148 24.94 -5.80 21.21
C PHE B 148 25.81 -6.87 21.87
N GLY B 149 26.58 -7.62 21.08
CA GLY B 149 27.37 -8.71 21.59
C GLY B 149 26.88 -10.09 21.19
N VAL B 150 25.95 -10.19 20.23
CA VAL B 150 25.43 -11.46 19.77
C VAL B 150 25.69 -11.69 18.29
N GLY B 151 26.47 -10.80 17.66
CA GLY B 151 26.68 -10.92 16.22
C GLY B 151 27.45 -12.16 15.82
N PHE B 152 28.46 -12.54 16.61
CA PHE B 152 29.26 -13.72 16.29
C PHE B 152 28.42 -14.98 16.33
N TYR B 153 27.53 -15.10 17.31
CA TYR B 153 26.74 -16.31 17.48
C TYR B 153 25.74 -16.53 16.35
N SER B 154 25.53 -15.53 15.49
CA SER B 154 24.74 -15.75 14.28
C SER B 154 25.40 -16.76 13.35
N ALA B 155 26.71 -16.99 13.50
CA ALA B 155 27.38 -17.99 12.68
C ALA B 155 26.88 -19.40 12.99
N PHE B 156 26.38 -19.62 14.21
CA PHE B 156 25.85 -20.93 14.58
C PHE B 156 24.55 -21.27 13.87
N MET B 157 23.94 -20.31 13.17
CA MET B 157 22.74 -20.60 12.40
C MET B 157 23.02 -21.63 11.31
N VAL B 158 24.19 -21.52 10.68
CA VAL B 158 24.54 -22.40 9.55
C VAL B 158 25.71 -23.31 9.86
N ALA B 159 26.34 -23.19 11.02
CA ALA B 159 27.55 -23.93 11.34
C ALA B 159 27.29 -24.93 12.45
N ASP B 160 27.69 -26.18 12.22
CA ASP B 160 27.71 -27.20 13.25
C ASP B 160 29.06 -27.25 13.98
N ARG B 161 30.04 -26.49 13.51
CA ARG B 161 31.36 -26.44 14.14
C ARG B 161 32.06 -25.17 13.70
N VAL B 162 32.36 -24.28 14.65
CA VAL B 162 33.00 -23.00 14.37
C VAL B 162 34.43 -23.06 14.89
N GLU B 163 35.39 -22.77 14.01
CA GLU B 163 36.80 -22.79 14.35
C GLU B 163 37.38 -21.39 14.16
N VAL B 164 38.00 -20.86 15.20
CA VAL B 164 38.51 -19.49 15.20
C VAL B 164 40.00 -19.53 15.51
N TYR B 165 40.79 -18.90 14.64
CA TYR B 165 42.22 -18.71 14.85
C TYR B 165 42.45 -17.21 15.08
N SER B 166 42.79 -16.85 16.32
CA SER B 166 42.98 -15.46 16.69
C SER B 166 44.25 -15.29 17.49
N ARG B 167 44.97 -14.21 17.20
CA ARG B 167 46.12 -13.79 18.00
C ARG B 167 46.15 -12.27 18.01
N SER B 168 46.54 -11.71 19.15
CA SER B 168 46.50 -10.27 19.32
C SER B 168 47.60 -9.59 18.51
N ALA B 169 47.45 -8.29 18.32
CA ALA B 169 48.45 -7.47 17.64
C ALA B 169 49.54 -6.97 18.58
N ALA B 170 49.47 -7.33 19.86
CA ALA B 170 50.49 -6.91 20.81
C ALA B 170 51.83 -7.53 20.46
N PRO B 171 52.93 -6.85 20.77
CA PRO B 171 54.26 -7.38 20.40
C PRO B 171 54.68 -8.55 21.28
N GLY B 172 54.25 -9.75 20.92
CA GLY B 172 54.63 -10.94 21.66
C GLY B 172 53.46 -11.81 22.06
N SER B 173 52.30 -11.62 21.41
CA SER B 173 51.15 -12.44 21.68
C SER B 173 51.31 -13.82 21.04
N LEU B 174 50.50 -14.76 21.50
CA LEU B 174 50.54 -16.14 21.03
C LEU B 174 49.23 -16.50 20.36
N GLY B 175 49.32 -17.28 19.29
CA GLY B 175 48.11 -17.73 18.61
C GLY B 175 47.28 -18.64 19.50
N TYR B 176 45.97 -18.58 19.30
CA TYR B 176 45.03 -19.30 20.13
C TYR B 176 43.98 -19.99 19.26
N GLN B 177 43.40 -21.06 19.80
CA GLN B 177 42.40 -21.86 19.12
C GLN B 177 41.05 -21.71 19.82
N TRP B 178 39.98 -21.72 19.03
CA TRP B 178 38.64 -21.54 19.57
C TRP B 178 37.68 -22.39 18.75
N LEU B 179 37.23 -23.50 19.35
CA LEU B 179 36.27 -24.41 18.72
C LEU B 179 34.98 -24.42 19.52
N SER B 180 33.86 -24.47 18.81
CA SER B 180 32.55 -24.57 19.44
C SER B 180 31.55 -25.08 18.42
N ASP B 181 30.69 -25.99 18.84
CA ASP B 181 29.63 -26.52 18.00
C ASP B 181 28.30 -25.79 18.18
N GLY B 182 28.28 -24.74 19.00
CA GLY B 182 27.05 -24.01 19.27
C GLY B 182 26.16 -24.63 20.32
N SER B 183 26.62 -25.69 21.00
CA SER B 183 25.82 -26.38 22.01
C SER B 183 26.08 -25.87 23.41
N GLY B 184 26.50 -24.61 23.55
CA GLY B 184 26.71 -24.03 24.85
C GLY B 184 28.04 -24.33 25.51
N VAL B 185 28.89 -25.12 24.86
CA VAL B 185 30.20 -25.46 25.39
C VAL B 185 31.24 -25.17 24.32
N PHE B 186 32.25 -24.39 24.66
CA PHE B 186 33.34 -24.05 23.75
C PHE B 186 34.67 -24.37 24.40
N GLU B 187 35.59 -24.91 23.61
CA GLU B 187 36.92 -25.29 24.07
C GLU B 187 37.97 -24.38 23.44
N ILE B 188 38.91 -23.92 24.27
CA ILE B 188 39.96 -23.02 23.85
C ILE B 188 41.29 -23.76 23.92
N ALA B 189 42.27 -23.29 23.17
CA ALA B 189 43.58 -23.91 23.12
C ALA B 189 44.59 -22.89 22.61
N GLU B 190 45.83 -23.34 22.43
CA GLU B 190 46.91 -22.52 21.92
C GLU B 190 47.29 -22.99 20.53
N ALA B 191 47.44 -22.05 19.60
CA ALA B 191 47.73 -22.36 18.21
C ALA B 191 49.03 -21.70 17.79
N SER B 192 49.66 -22.28 16.77
CA SER B 192 50.92 -21.79 16.23
C SER B 192 50.78 -21.55 14.73
N GLY B 193 51.52 -20.58 14.22
CA GLY B 193 51.48 -20.24 12.82
C GLY B 193 50.31 -19.38 12.41
N VAL B 194 49.48 -18.94 13.36
CA VAL B 194 48.34 -18.10 13.04
C VAL B 194 48.82 -16.67 12.76
N ARG B 195 48.40 -16.13 11.63
CA ARG B 195 48.76 -14.77 11.27
C ARG B 195 48.10 -13.77 12.23
N THR B 196 48.74 -12.62 12.40
CA THR B 196 48.19 -11.58 13.26
C THR B 196 46.79 -11.17 12.79
N GLY B 197 45.86 -11.11 13.72
CA GLY B 197 44.48 -10.82 13.38
C GLY B 197 43.53 -11.89 13.88
N THR B 198 42.50 -12.19 13.10
CA THR B 198 41.52 -13.20 13.48
C THR B 198 41.01 -13.91 12.24
N LYS B 199 41.09 -15.24 12.25
CA LYS B 199 40.56 -16.06 11.17
C LYS B 199 39.51 -17.01 11.75
N ILE B 200 38.32 -16.99 11.17
CA ILE B 200 37.21 -17.82 11.63
C ILE B 200 36.83 -18.76 10.49
N ILE B 201 36.83 -20.06 10.79
CA ILE B 201 36.44 -21.08 9.82
C ILE B 201 35.09 -21.64 10.23
N ILE B 202 34.13 -21.63 9.30
CA ILE B 202 32.78 -22.08 9.55
C ILE B 202 32.55 -23.37 8.76
N HIS B 203 32.22 -24.44 9.46
CA HIS B 203 31.86 -25.71 8.84
C HIS B 203 30.35 -25.71 8.63
N LEU B 204 29.93 -25.67 7.37
CA LEU B 204 28.52 -25.46 7.06
C LEU B 204 27.69 -26.68 7.46
N LYS B 205 26.41 -26.42 7.75
CA LYS B 205 25.47 -27.49 8.04
C LYS B 205 25.14 -28.27 6.77
N SER B 206 24.45 -29.39 6.95
CA SER B 206 24.07 -30.22 5.81
C SER B 206 23.13 -29.48 4.88
N ASP B 207 22.15 -28.76 5.43
CA ASP B 207 21.16 -28.05 4.63
C ASP B 207 21.58 -26.63 4.29
N CYS B 208 22.70 -26.14 4.83
CA CYS B 208 23.16 -24.78 4.59
C CYS B 208 24.39 -24.74 3.71
N LYS B 209 24.56 -25.75 2.85
CA LYS B 209 25.73 -25.81 1.97
C LYS B 209 25.72 -24.75 0.88
N GLU B 210 24.60 -24.05 0.68
CA GLU B 210 24.55 -23.00 -0.34
C GLU B 210 25.51 -21.87 -0.05
N PHE B 211 25.90 -21.67 1.20
CA PHE B 211 26.85 -20.62 1.57
C PHE B 211 28.29 -21.02 1.29
N SER B 212 28.52 -22.25 0.84
CA SER B 212 29.84 -22.71 0.43
C SER B 212 30.08 -22.54 -1.07
N SER B 213 29.44 -21.55 -1.69
CA SER B 213 29.56 -21.31 -3.12
C SER B 213 29.92 -19.85 -3.36
N GLU B 214 30.60 -19.60 -4.48
CA GLU B 214 31.02 -18.24 -4.82
C GLU B 214 29.83 -17.33 -5.03
N ALA B 215 28.83 -17.78 -5.78
CA ALA B 215 27.73 -16.90 -6.18
C ALA B 215 26.91 -16.44 -4.98
N ARG B 216 26.58 -17.35 -4.07
CA ARG B 216 25.75 -17.00 -2.94
C ARG B 216 26.45 -16.00 -2.02
N VAL B 217 27.72 -16.26 -1.71
CA VAL B 217 28.48 -15.36 -0.86
C VAL B 217 28.63 -14.00 -1.52
N ARG B 218 28.92 -13.99 -2.82
CA ARG B 218 29.03 -12.72 -3.54
C ARG B 218 27.72 -11.94 -3.49
N ASP B 219 26.60 -12.63 -3.68
CA ASP B 219 25.30 -11.96 -3.64
C ASP B 219 25.03 -11.37 -2.27
N VAL B 220 25.31 -12.13 -1.20
CA VAL B 220 25.02 -11.63 0.13
C VAL B 220 25.93 -10.46 0.47
N VAL B 221 27.21 -10.53 0.12
CA VAL B 221 28.12 -9.43 0.41
C VAL B 221 27.72 -8.18 -0.37
N THR B 222 27.36 -8.34 -1.64
CA THR B 222 26.85 -7.20 -2.41
C THR B 222 25.52 -6.70 -1.84
N LYS B 223 24.78 -7.54 -1.14
CA LYS B 223 23.56 -7.07 -0.49
C LYS B 223 23.87 -6.24 0.75
N TYR B 224 24.89 -6.64 1.52
CA TYR B 224 25.09 -6.08 2.86
C TYR B 224 26.33 -5.21 3.00
N SER B 225 27.49 -5.69 2.56
CA SER B 225 28.77 -5.10 2.98
C SER B 225 29.64 -4.70 1.79
N ASN B 226 29.07 -3.97 0.83
CA ASN B 226 29.91 -3.39 -0.22
C ASN B 226 30.76 -2.25 0.33
N PHE B 227 30.20 -1.43 1.22
CA PHE B 227 30.82 -0.18 1.63
C PHE B 227 31.50 -0.26 2.99
N VAL B 228 32.13 -1.39 3.29
CA VAL B 228 32.93 -1.48 4.50
C VAL B 228 34.14 -0.55 4.39
N SER B 229 34.63 -0.09 5.54
CA SER B 229 35.68 0.90 5.58
C SER B 229 37.02 0.38 5.07
N PHE B 230 37.17 -0.93 4.89
CA PHE B 230 38.43 -1.52 4.51
C PHE B 230 38.24 -2.42 3.29
N PRO B 231 39.30 -2.64 2.50
CA PRO B 231 39.16 -3.49 1.32
C PRO B 231 38.69 -4.88 1.69
N LEU B 232 37.79 -5.42 0.86
CA LEU B 232 37.21 -6.74 1.08
C LEU B 232 37.56 -7.62 -0.11
N TYR B 233 38.09 -8.80 0.18
CA TYR B 233 38.49 -9.76 -0.85
C TYR B 233 37.66 -11.02 -0.71
N LEU B 234 37.07 -11.47 -1.82
CA LEU B 234 36.28 -12.69 -1.86
C LEU B 234 37.01 -13.70 -2.72
N ASN B 235 37.45 -14.79 -2.11
CA ASN B 235 38.18 -15.87 -2.80
C ASN B 235 39.43 -15.34 -3.50
N GLY B 236 40.09 -14.37 -2.89
CA GLY B 236 41.35 -13.86 -3.39
C GLY B 236 41.25 -12.65 -4.30
N ARG B 237 40.06 -12.30 -4.77
CA ARG B 237 39.88 -11.14 -5.64
C ARG B 237 39.04 -10.09 -4.93
N ARG B 238 39.51 -8.85 -4.95
CA ARG B 238 38.76 -7.76 -4.35
C ARG B 238 37.46 -7.53 -5.10
N MET B 239 36.38 -7.30 -4.35
CA MET B 239 35.06 -7.18 -4.95
C MET B 239 34.34 -5.90 -4.54
N ASN B 240 34.99 -4.99 -3.82
CA ASN B 240 34.36 -3.73 -3.47
C ASN B 240 34.43 -2.73 -4.63
N THR B 241 35.65 -2.32 -4.97
CA THR B 241 35.92 -1.46 -6.13
C THR B 241 35.08 -0.18 -6.12
N LEU B 242 34.50 0.18 -4.98
CA LEU B 242 33.60 1.33 -4.93
C LEU B 242 33.55 1.83 -3.48
N GLN B 243 34.11 3.02 -3.25
CA GLN B 243 34.07 3.61 -1.93
C GLN B 243 32.72 4.27 -1.67
N ALA B 244 32.41 4.46 -0.39
CA ALA B 244 31.17 5.09 0.03
C ALA B 244 31.35 6.60 -0.09
N ILE B 245 30.80 7.19 -1.17
CA ILE B 245 30.99 8.61 -1.42
C ILE B 245 30.04 9.50 -0.64
N TRP B 246 29.22 8.93 0.25
CA TRP B 246 28.31 9.71 1.06
C TRP B 246 28.90 10.06 2.42
N MET B 247 30.17 9.74 2.65
CA MET B 247 30.82 10.02 3.94
C MET B 247 31.54 11.36 3.94
N MET B 248 32.30 11.66 2.89
CA MET B 248 33.08 12.88 2.87
C MET B 248 32.22 14.06 2.41
N ASP B 249 32.85 15.23 2.33
CA ASP B 249 32.13 16.45 1.97
C ASP B 249 31.71 16.41 0.52
N PRO B 250 30.61 17.09 0.17
CA PRO B 250 30.18 17.12 -1.24
C PRO B 250 31.20 17.73 -2.18
N LYS B 251 32.05 18.62 -1.68
CA LYS B 251 33.07 19.22 -2.53
C LYS B 251 34.19 18.24 -2.87
N ASP B 252 34.38 17.19 -2.07
CA ASP B 252 35.45 16.23 -2.28
C ASP B 252 35.06 15.10 -3.23
N VAL B 253 33.81 15.03 -3.65
CA VAL B 253 33.33 13.98 -4.55
C VAL B 253 33.03 14.61 -5.90
N GLY B 254 33.56 13.99 -6.96
CA GLY B 254 33.40 14.50 -8.30
C GLY B 254 32.10 14.04 -8.96
N GLU B 255 31.88 14.54 -10.17
CA GLU B 255 30.67 14.18 -10.91
C GLU B 255 30.75 12.74 -11.41
N TRP B 256 31.94 12.27 -11.79
CA TRP B 256 32.09 10.89 -12.24
C TRP B 256 31.78 9.92 -11.11
N GLN B 257 32.25 10.22 -9.90
CA GLN B 257 31.92 9.38 -8.75
C GLN B 257 30.43 9.36 -8.49
N HIS B 258 29.77 10.53 -8.61
CA HIS B 258 28.33 10.58 -8.44
C HIS B 258 27.62 9.71 -9.47
N GLU B 259 28.04 9.79 -10.74
CA GLU B 259 27.41 8.98 -11.77
C GLU B 259 27.60 7.49 -11.52
N GLU B 260 28.82 7.10 -11.13
CA GLU B 260 29.09 5.68 -10.85
C GLU B 260 28.27 5.19 -9.67
N PHE B 261 28.18 5.99 -8.60
CA PHE B 261 27.40 5.59 -7.44
C PHE B 261 25.92 5.49 -7.77
N TYR B 262 25.41 6.43 -8.57
CA TYR B 262 24.01 6.35 -8.99
C TYR B 262 23.77 5.11 -9.83
N ARG B 263 24.71 4.80 -10.74
CA ARG B 263 24.57 3.59 -11.55
C ARG B 263 24.54 2.35 -10.68
N TYR B 264 25.37 2.32 -9.64
CA TYR B 264 25.38 1.16 -8.75
C TYR B 264 24.08 1.05 -7.96
N VAL B 265 23.65 2.14 -7.32
CA VAL B 265 22.51 2.06 -6.40
C VAL B 265 21.21 1.86 -7.16
N ALA B 266 21.05 2.52 -8.31
CA ALA B 266 19.82 2.43 -9.06
C ALA B 266 19.77 1.22 -9.99
N GLN B 267 20.88 0.49 -10.13
CA GLN B 267 20.96 -0.65 -11.04
C GLN B 267 20.57 -0.25 -12.46
N ALA B 268 21.02 0.93 -12.87
CA ALA B 268 20.71 1.47 -14.18
C ALA B 268 21.98 2.00 -14.83
N HIS B 269 21.96 2.09 -16.16
CA HIS B 269 23.12 2.48 -16.94
C HIS B 269 23.09 3.94 -17.37
N ASP B 270 22.14 4.73 -16.85
CA ASP B 270 22.04 6.14 -17.20
C ASP B 270 22.77 6.98 -16.16
N LYS B 271 22.61 8.30 -16.25
CA LYS B 271 23.23 9.25 -15.34
C LYS B 271 22.18 9.94 -14.48
N PRO B 272 22.55 10.43 -13.29
CA PRO B 272 21.55 11.11 -12.44
C PRO B 272 21.38 12.56 -12.86
N ARG B 273 20.12 12.95 -13.08
CA ARG B 273 19.86 14.34 -13.49
C ARG B 273 19.99 15.31 -12.32
N TYR B 274 19.73 14.85 -11.10
CA TYR B 274 19.84 15.70 -9.92
C TYR B 274 20.62 14.97 -8.84
N THR B 275 21.54 15.68 -8.20
CA THR B 275 22.39 15.12 -7.16
C THR B 275 22.23 15.96 -5.90
N LEU B 276 21.87 15.32 -4.80
CA LEU B 276 21.76 15.99 -3.50
C LEU B 276 22.62 15.25 -2.49
N HIS B 277 23.49 15.99 -1.80
CA HIS B 277 24.37 15.43 -0.78
C HIS B 277 24.03 16.11 0.53
N TYR B 278 23.19 15.45 1.34
CA TYR B 278 22.73 15.99 2.61
C TYR B 278 23.59 15.44 3.74
N LYS B 279 24.11 16.33 4.58
CA LYS B 279 24.94 15.95 5.72
C LYS B 279 24.61 16.90 6.86
N THR B 280 23.72 16.46 7.76
CA THR B 280 23.28 17.27 8.88
C THR B 280 23.52 16.53 10.18
N ASP B 281 23.74 17.29 11.25
CA ASP B 281 23.97 16.72 12.58
C ASP B 281 23.18 17.37 13.69
N ALA B 282 22.68 18.59 13.51
CA ALA B 282 21.93 19.25 14.58
C ALA B 282 20.65 18.51 14.94
N PRO B 283 19.78 18.11 14.01
CA PRO B 283 18.65 17.26 14.42
C PRO B 283 19.06 15.85 14.74
N LEU B 284 19.91 15.25 13.91
CA LEU B 284 20.45 13.90 14.09
C LEU B 284 21.49 13.66 13.02
N ASN B 285 22.44 12.78 13.32
CA ASN B 285 23.55 12.51 12.41
C ASN B 285 23.05 11.80 11.17
N ILE B 286 23.00 12.53 10.05
CA ILE B 286 22.54 12.00 8.78
C ILE B 286 23.59 12.31 7.72
N ARG B 287 23.99 11.28 6.97
CA ARG B 287 24.85 11.42 5.79
C ARG B 287 24.12 10.75 4.64
N SER B 288 23.22 11.50 4.00
CA SER B 288 22.33 10.95 2.98
C SER B 288 22.63 11.58 1.63
N ILE B 289 22.58 10.76 0.59
CA ILE B 289 22.78 11.21 -0.78
C ILE B 289 21.61 10.69 -1.63
N PHE B 290 21.08 11.55 -2.49
CA PHE B 290 19.90 11.23 -3.27
C PHE B 290 20.14 11.58 -4.74
N TYR B 291 19.56 10.78 -5.62
CA TYR B 291 19.69 10.97 -7.06
C TYR B 291 18.31 10.89 -7.71
N VAL B 292 18.14 11.66 -8.78
CA VAL B 292 16.93 11.64 -9.60
C VAL B 292 17.32 11.08 -10.96
N PRO B 293 16.73 9.96 -11.40
CA PRO B 293 17.13 9.37 -12.68
C PRO B 293 16.86 10.29 -13.85
N ASP B 294 17.76 10.27 -14.83
CA ASP B 294 17.58 11.07 -16.04
C ASP B 294 16.42 10.54 -16.88
N MET B 295 16.29 9.22 -16.99
CA MET B 295 15.22 8.64 -17.78
C MET B 295 13.87 8.78 -17.06
N LYS B 296 12.80 8.58 -17.82
CA LYS B 296 11.46 8.68 -17.27
C LYS B 296 11.22 7.53 -16.28
N PRO B 297 10.37 7.75 -15.29
CA PRO B 297 10.11 6.71 -14.29
C PRO B 297 9.49 5.47 -14.92
N SER B 298 9.82 4.31 -14.35
CA SER B 298 9.28 3.05 -14.79
C SER B 298 8.08 2.65 -13.93
N MET B 299 7.39 1.59 -14.36
CA MET B 299 6.25 1.10 -13.60
C MET B 299 6.67 0.50 -12.26
N PHE B 300 7.91 0.03 -12.13
CA PHE B 300 8.39 -0.40 -10.83
C PHE B 300 8.55 0.78 -9.88
N ASP B 301 8.92 1.95 -10.42
CA ASP B 301 9.03 3.14 -9.57
C ASP B 301 7.67 3.56 -9.02
N VAL B 302 6.62 3.49 -9.84
CA VAL B 302 5.29 3.91 -9.39
C VAL B 302 4.58 2.84 -8.59
N SER B 303 5.19 1.68 -8.38
CA SER B 303 4.59 0.59 -7.61
C SER B 303 5.48 0.28 -6.41
N ARG B 304 4.88 0.27 -5.22
CA ARG B 304 5.62 -0.04 -4.01
C ARG B 304 5.91 -1.53 -3.90
N SER B 308 11.54 1.23 -0.86
CA SER B 308 11.40 2.67 -1.06
C SER B 308 12.52 3.20 -1.95
N SER B 309 13.26 2.28 -2.57
CA SER B 309 14.37 2.58 -3.47
C SER B 309 15.51 3.32 -2.80
N VAL B 310 15.46 3.48 -1.47
CA VAL B 310 16.52 4.12 -0.71
C VAL B 310 16.98 3.14 0.35
N ALA B 311 18.30 2.90 0.41
CA ALA B 311 18.86 1.89 1.28
C ALA B 311 19.50 2.55 2.50
N LEU B 312 19.07 2.14 3.68
CA LEU B 312 19.70 2.61 4.91
C LEU B 312 21.08 2.02 5.08
N TYR B 313 21.96 2.77 5.74
CA TYR B 313 23.32 2.30 5.99
C TYR B 313 23.77 2.88 7.33
N SER B 314 23.60 2.10 8.39
CA SER B 314 24.07 2.50 9.72
C SER B 314 25.49 1.97 9.91
N ARG B 315 26.43 2.88 10.11
CA ARG B 315 27.85 2.53 10.22
C ARG B 315 28.32 1.75 9.00
N LYS B 316 27.86 2.17 7.82
CA LYS B 316 28.29 1.62 6.53
C LYS B 316 27.94 0.14 6.40
N VAL B 317 26.75 -0.25 6.85
CA VAL B 317 26.22 -1.59 6.63
C VAL B 317 24.72 -1.48 6.46
N LEU B 318 24.18 -2.33 5.59
CA LEU B 318 22.75 -2.26 5.26
C LEU B 318 21.89 -2.64 6.46
N ILE B 319 20.73 -2.00 6.54
CA ILE B 319 19.76 -2.28 7.60
C ILE B 319 18.69 -3.22 7.06
N GLN B 320 18.37 -3.09 5.76
CA GLN B 320 17.39 -3.93 5.09
C GLN B 320 16.02 -3.83 5.77
N THR B 321 15.45 -2.63 5.69
CA THR B 321 14.11 -2.42 6.21
C THR B 321 13.05 -2.87 5.20
N LYS B 322 13.00 -2.21 4.05
CA LYS B 322 12.17 -2.58 2.91
C LYS B 322 10.68 -2.49 3.23
N ALA B 323 10.34 -2.14 4.47
CA ALA B 323 8.95 -1.96 4.89
C ALA B 323 8.70 -0.73 5.72
N THR B 324 9.71 -0.15 6.38
CA THR B 324 9.48 1.00 7.24
C THR B 324 9.20 2.26 6.44
N ASP B 325 9.69 2.33 5.20
CA ASP B 325 9.51 3.49 4.32
C ASP B 325 10.07 4.75 4.99
N ILE B 326 11.40 4.73 5.16
CA ILE B 326 12.11 5.86 5.75
C ILE B 326 11.89 7.14 4.96
N LEU B 327 11.49 7.02 3.71
CA LEU B 327 11.18 8.14 2.85
C LEU B 327 9.70 8.13 2.50
N PRO B 328 9.07 9.29 2.33
CA PRO B 328 7.64 9.32 1.98
C PRO B 328 7.39 8.59 0.68
N LYS B 329 6.21 7.97 0.59
CA LYS B 329 5.90 7.10 -0.55
C LYS B 329 5.98 7.83 -1.87
N TRP B 330 5.63 9.11 -1.91
CA TRP B 330 5.68 9.85 -3.15
C TRP B 330 7.12 10.17 -3.59
N LEU B 331 8.06 10.17 -2.66
CA LEU B 331 9.47 10.42 -2.98
C LEU B 331 10.21 9.14 -3.32
N ARG B 332 9.50 8.03 -3.57
CA ARG B 332 10.15 6.77 -3.90
C ARG B 332 10.82 6.79 -5.27
N PHE B 333 10.57 7.81 -6.08
CA PHE B 333 11.16 7.87 -7.41
C PHE B 333 12.65 8.19 -7.39
N ILE B 334 13.18 8.63 -6.27
CA ILE B 334 14.61 8.95 -6.17
C ILE B 334 15.36 7.74 -5.67
N ARG B 335 16.63 7.64 -6.05
CA ARG B 335 17.50 6.55 -5.66
C ARG B 335 18.70 7.10 -4.91
N GLY B 336 19.05 6.43 -3.81
CA GLY B 336 20.17 6.88 -3.01
C GLY B 336 20.25 6.07 -1.72
N VAL B 337 21.14 6.52 -0.85
CA VAL B 337 21.34 5.88 0.44
C VAL B 337 21.29 6.93 1.54
N VAL B 338 20.96 6.48 2.75
CA VAL B 338 20.89 7.35 3.93
C VAL B 338 21.73 6.70 5.03
N ASP B 339 22.67 7.47 5.57
CA ASP B 339 23.53 7.02 6.66
C ASP B 339 23.10 7.70 7.95
N SER B 340 22.93 6.90 8.99
CA SER B 340 22.53 7.43 10.30
C SER B 340 23.05 6.49 11.38
N GLU B 341 23.85 7.03 12.29
CA GLU B 341 24.40 6.25 13.39
C GLU B 341 23.51 6.21 14.61
N ASP B 342 22.42 6.97 14.61
CA ASP B 342 21.54 7.09 15.77
C ASP B 342 20.26 6.28 15.66
N ILE B 343 20.00 5.67 14.51
CA ILE B 343 18.75 4.92 14.35
C ILE B 343 18.77 3.71 15.29
N PRO B 344 17.68 3.44 16.01
CA PRO B 344 17.66 2.30 16.95
C PRO B 344 17.42 1.00 16.20
N LEU B 345 18.33 0.05 16.37
CA LEU B 345 18.23 -1.26 15.74
C LEU B 345 17.89 -2.31 16.79
N ASN B 346 17.04 -3.26 16.41
CA ASN B 346 16.69 -4.34 17.30
C ASN B 346 17.83 -5.37 17.35
N LEU B 347 17.60 -6.46 18.10
CA LEU B 347 18.62 -7.49 18.22
C LEU B 347 18.91 -8.15 16.87
N SER B 348 17.94 -8.12 15.95
CA SER B 348 18.11 -8.68 14.62
C SER B 348 18.80 -7.73 13.66
N ARG B 349 19.35 -6.62 14.17
CA ARG B 349 20.00 -5.59 13.35
C ARG B 349 19.03 -5.05 12.29
N GLU B 350 17.78 -4.86 12.69
CA GLU B 350 16.75 -4.29 11.84
C GLU B 350 16.18 -3.04 12.50
N LEU B 351 15.62 -2.16 11.67
CA LEU B 351 15.08 -0.91 12.18
C LEU B 351 13.94 -1.16 13.15
N LEU B 352 13.95 -0.46 14.28
CA LEU B 352 12.88 -0.57 15.26
C LEU B 352 11.65 0.14 14.73
N GLN B 353 10.63 -0.64 14.37
CA GLN B 353 9.43 -0.08 13.76
C GLN B 353 8.71 0.85 14.75
N GLU B 354 8.07 1.87 14.20
CA GLU B 354 7.32 2.86 14.98
C GLU B 354 8.24 3.54 16.00
N SER B 355 9.26 4.22 15.47
CA SER B 355 10.23 4.94 16.27
C SER B 355 10.10 6.43 16.04
N ALA B 356 10.20 7.21 17.12
CA ALA B 356 10.14 8.66 16.98
C ALA B 356 11.34 9.18 16.19
N LEU B 357 12.51 8.61 16.41
CA LEU B 357 13.71 9.06 15.71
C LEU B 357 13.59 8.83 14.21
N ILE B 358 13.08 7.66 13.81
CA ILE B 358 12.95 7.38 12.38
C ILE B 358 11.85 8.25 11.76
N ARG B 359 10.80 8.58 12.51
CA ARG B 359 9.76 9.47 12.00
C ARG B 359 10.31 10.88 11.80
N LYS B 360 11.09 11.37 12.76
CA LYS B 360 11.70 12.69 12.58
C LYS B 360 12.72 12.67 11.45
N LEU B 361 13.42 11.54 11.25
CA LEU B 361 14.32 11.41 10.12
C LEU B 361 13.56 11.49 8.80
N ARG B 362 12.41 10.81 8.72
CA ARG B 362 11.59 10.87 7.51
C ARG B 362 11.10 12.29 7.24
N ASP B 363 10.64 12.98 8.29
CA ASP B 363 10.18 14.35 8.11
C ASP B 363 11.31 15.27 7.67
N VAL B 364 12.48 15.12 8.27
CA VAL B 364 13.63 15.95 7.91
C VAL B 364 14.03 15.69 6.46
N LEU B 365 14.06 14.42 6.06
CA LEU B 365 14.41 14.09 4.68
C LEU B 365 13.39 14.65 3.70
N GLN B 366 12.10 14.56 4.04
CA GLN B 366 11.06 15.07 3.15
C GLN B 366 11.19 16.58 2.98
N GLN B 367 11.36 17.30 4.09
CA GLN B 367 11.47 18.76 3.98
C GLN B 367 12.75 19.17 3.28
N ARG B 368 13.85 18.45 3.52
CA ARG B 368 15.11 18.73 2.83
C ARG B 368 14.97 18.52 1.33
N LEU B 369 14.31 17.43 0.92
CA LEU B 369 14.14 17.17 -0.50
C LEU B 369 13.21 18.19 -1.15
N ILE B 370 12.16 18.62 -0.43
CA ILE B 370 11.28 19.65 -0.95
C ILE B 370 12.05 20.96 -1.15
N LYS B 371 12.86 21.34 -0.15
CA LYS B 371 13.67 22.55 -0.28
C LYS B 371 14.67 22.43 -1.42
N PHE B 372 15.27 21.25 -1.59
CA PHE B 372 16.23 21.05 -2.67
C PHE B 372 15.55 21.18 -4.03
N PHE B 373 14.34 20.62 -4.17
CA PHE B 373 13.63 20.74 -5.43
C PHE B 373 13.24 22.19 -5.71
N ILE B 374 12.82 22.92 -4.66
CA ILE B 374 12.51 24.34 -4.84
C ILE B 374 13.74 25.11 -5.28
N ASP B 375 14.89 24.82 -4.66
CA ASP B 375 16.13 25.51 -5.02
C ASP B 375 16.54 25.17 -6.45
N GLN B 376 16.36 23.91 -6.86
CA GLN B 376 16.67 23.53 -8.23
C GLN B 376 15.75 24.25 -9.21
N SER B 377 14.47 24.38 -8.87
CA SER B 377 13.54 25.11 -9.73
C SER B 377 13.95 26.58 -9.85
N LYS B 378 14.37 27.19 -8.74
CA LYS B 378 14.84 28.57 -8.78
C LYS B 378 16.10 28.71 -9.60
N LYS B 379 17.03 27.75 -9.48
CA LYS B 379 18.30 27.84 -10.17
C LYS B 379 18.14 27.72 -11.68
N ASP B 380 17.41 26.70 -12.14
CA ASP B 380 17.27 26.44 -13.55
C ASP B 380 15.79 26.23 -13.87
N ALA B 381 15.39 26.67 -15.07
CA ALA B 381 14.00 26.62 -15.51
C ALA B 381 13.72 25.45 -16.44
N GLU B 382 14.51 25.29 -17.50
CA GLU B 382 14.26 24.23 -18.46
C GLU B 382 14.51 22.85 -17.85
N LYS B 383 15.58 22.72 -17.06
CA LYS B 383 15.86 21.43 -16.43
C LYS B 383 14.76 21.04 -15.46
N TYR B 384 14.30 22.00 -14.65
CA TYR B 384 13.21 21.69 -13.72
C TYR B 384 11.90 21.44 -14.45
N ALA B 385 11.66 22.12 -15.57
CA ALA B 385 10.47 21.84 -16.36
C ALA B 385 10.49 20.42 -16.90
N LYS B 386 11.66 19.97 -17.39
CA LYS B 386 11.79 18.58 -17.82
C LYS B 386 11.59 17.62 -16.67
N PHE B 387 12.16 17.93 -15.51
CA PHE B 387 12.01 17.07 -14.34
C PHE B 387 10.54 16.97 -13.94
N PHE B 388 9.81 18.09 -13.99
CA PHE B 388 8.40 18.07 -13.63
C PHE B 388 7.58 17.28 -14.65
N GLU B 389 7.78 17.55 -15.95
CA GLU B 389 7.03 16.78 -16.94
C GLU B 389 7.41 15.30 -16.94
N ASP B 390 8.53 14.94 -16.31
CA ASP B 390 8.87 13.53 -16.16
C ASP B 390 8.28 12.89 -14.90
N TYR B 391 8.31 13.60 -13.76
CA TYR B 391 7.96 13.01 -12.47
C TYR B 391 6.80 13.72 -11.80
N GLY B 392 5.89 14.32 -12.57
CA GLY B 392 4.77 15.02 -11.98
C GLY B 392 3.86 14.14 -11.14
N LEU B 393 3.60 12.92 -11.61
CA LEU B 393 2.65 12.04 -10.92
C LEU B 393 3.09 11.77 -9.49
N PHE B 394 4.40 11.78 -9.21
CA PHE B 394 4.86 11.53 -7.85
C PHE B 394 4.48 12.68 -6.92
N MET B 395 4.69 13.93 -7.36
CA MET B 395 4.25 15.06 -6.55
C MET B 395 2.73 15.12 -6.45
N ARG B 396 2.02 14.72 -7.50
CA ARG B 396 0.57 14.65 -7.44
C ARG B 396 0.11 13.65 -6.38
N GLU B 397 0.75 12.48 -6.35
CA GLU B 397 0.42 11.48 -5.33
C GLU B 397 0.78 11.98 -3.93
N GLY B 398 1.89 12.73 -3.83
CA GLY B 398 2.26 13.29 -2.54
C GLY B 398 1.24 14.29 -2.03
N ILE B 399 0.72 15.14 -2.93
CA ILE B 399 -0.32 16.08 -2.54
C ILE B 399 -1.58 15.34 -2.13
N VAL B 400 -1.93 14.28 -2.88
CA VAL B 400 -3.14 13.52 -2.56
C VAL B 400 -3.01 12.86 -1.19
N THR B 401 -1.87 12.24 -0.92
CA THR B 401 -1.69 11.43 0.27
C THR B 401 -1.32 12.24 1.51
N ALA B 402 -0.98 13.52 1.36
CA ALA B 402 -0.58 14.32 2.50
C ALA B 402 -1.79 14.62 3.39
N THR B 403 -1.50 14.86 4.67
CA THR B 403 -2.53 15.20 5.65
C THR B 403 -2.37 16.60 6.20
N GLU B 404 -1.19 16.94 6.70
CA GLU B 404 -0.95 18.29 7.21
C GLU B 404 -0.91 19.29 6.05
N GLN B 405 -1.46 20.47 6.28
CA GLN B 405 -1.48 21.48 5.24
C GLN B 405 -0.09 22.03 4.94
N GLU B 406 0.83 21.96 5.91
CA GLU B 406 2.17 22.48 5.69
C GLU B 406 2.90 21.69 4.62
N VAL B 407 2.92 20.36 4.75
CA VAL B 407 3.55 19.54 3.72
C VAL B 407 2.78 19.62 2.41
N LYS B 408 1.46 19.80 2.49
CA LYS B 408 0.66 20.02 1.28
C LYS B 408 1.17 21.22 0.50
N GLU B 409 1.33 22.36 1.18
CA GLU B 409 1.83 23.56 0.51
C GLU B 409 3.27 23.38 0.05
N ASP B 410 4.09 22.70 0.86
CA ASP B 410 5.48 22.49 0.48
C ASP B 410 5.59 21.70 -0.81
N ILE B 411 4.78 20.64 -0.95
CA ILE B 411 4.80 19.85 -2.19
C ILE B 411 4.17 20.66 -3.33
N ALA B 412 3.10 21.39 -3.05
CA ALA B 412 2.45 22.18 -4.09
C ALA B 412 3.34 23.28 -4.63
N LYS B 413 4.31 23.74 -3.85
CA LYS B 413 5.28 24.71 -4.37
C LYS B 413 6.06 24.15 -5.54
N LEU B 414 6.12 22.82 -5.68
CA LEU B 414 6.82 22.19 -6.78
C LEU B 414 6.00 22.12 -8.07
N LEU B 415 4.70 22.39 -8.00
CA LEU B 415 3.84 22.26 -9.17
C LEU B 415 4.16 23.34 -10.19
N ARG B 416 3.96 22.99 -11.46
CA ARG B 416 4.19 23.92 -12.57
C ARG B 416 3.03 23.77 -13.56
N TYR B 417 2.17 24.79 -13.62
CA TYR B 417 1.03 24.81 -14.52
C TYR B 417 1.12 26.04 -15.40
N GLU B 418 1.08 25.86 -16.71
CA GLU B 418 1.02 27.00 -17.62
C GLU B 418 -0.36 27.63 -17.58
N SER B 419 -0.41 28.95 -17.71
CA SER B 419 -1.65 29.69 -17.56
C SER B 419 -2.00 30.41 -18.86
N SER B 420 -3.17 31.03 -18.86
CA SER B 420 -3.64 31.76 -20.05
C SER B 420 -2.88 33.07 -20.24
N ALA B 421 -2.39 33.66 -19.16
CA ALA B 421 -1.67 34.93 -19.26
C ALA B 421 -0.30 34.79 -19.88
N LEU B 422 0.17 33.57 -20.10
CA LEU B 422 1.49 33.33 -20.65
C LEU B 422 1.39 32.50 -21.93
N PRO B 423 2.35 32.64 -22.85
CA PRO B 423 2.30 31.88 -24.10
C PRO B 423 2.48 30.39 -23.86
N SER B 424 2.29 29.63 -24.95
CA SER B 424 2.34 28.18 -24.88
C SER B 424 3.74 27.71 -24.51
N GLY B 425 3.80 26.62 -23.75
CA GLY B 425 5.08 26.05 -23.36
C GLY B 425 5.81 26.81 -22.28
N GLN B 426 5.12 27.66 -21.53
CA GLN B 426 5.72 28.44 -20.44
C GLN B 426 5.01 28.05 -19.15
N LEU B 427 5.58 27.06 -18.46
CA LEU B 427 4.98 26.58 -17.22
C LEU B 427 5.16 27.61 -16.10
N THR B 428 4.13 27.76 -15.27
CA THR B 428 4.15 28.72 -14.18
C THR B 428 3.85 28.02 -12.87
N SER B 429 4.38 28.57 -11.79
CA SER B 429 4.19 28.00 -10.47
C SER B 429 2.98 28.63 -9.78
N LEU B 430 2.51 27.96 -8.73
CA LEU B 430 1.38 28.49 -7.96
C LEU B 430 1.77 29.72 -7.17
N SER B 431 2.98 29.74 -6.62
CA SER B 431 3.41 30.88 -5.80
C SER B 431 3.49 32.16 -6.62
N GLU B 432 4.10 32.08 -7.81
CA GLU B 432 4.19 33.27 -8.66
C GLU B 432 2.83 33.66 -9.21
N TYR B 433 1.95 32.69 -9.47
CA TYR B 433 0.60 33.02 -9.89
C TYR B 433 -0.13 33.80 -8.81
N ALA B 434 -0.01 33.36 -7.55
CA ALA B 434 -0.64 34.09 -6.45
C ALA B 434 0.00 35.46 -6.25
N SER B 435 1.31 35.56 -6.42
CA SER B 435 2.01 36.84 -6.29
C SER B 435 1.61 37.84 -7.35
N ARG B 436 1.41 37.41 -8.60
CA ARG B 436 1.13 38.34 -9.70
C ARG B 436 -0.35 38.58 -9.94
N MET B 437 -1.25 37.95 -9.19
CA MET B 437 -2.67 38.14 -9.40
C MET B 437 -3.18 39.26 -8.50
N ARG B 438 -4.49 39.48 -8.50
CA ARG B 438 -5.08 40.52 -7.66
C ARG B 438 -4.95 40.16 -6.18
N ALA B 439 -4.58 41.15 -5.37
CA ALA B 439 -4.44 40.94 -3.95
C ALA B 439 -5.76 41.01 -3.21
N GLY B 440 -6.81 41.54 -3.84
CA GLY B 440 -8.10 41.68 -3.21
C GLY B 440 -9.01 40.47 -3.25
N THR B 441 -8.64 39.44 -4.01
CA THR B 441 -9.46 38.24 -4.13
C THR B 441 -8.64 37.01 -3.76
N ARG B 442 -9.20 36.16 -2.91
CA ARG B 442 -8.57 34.92 -2.48
C ARG B 442 -9.04 33.74 -3.34
N ASN B 443 -8.89 33.85 -4.66
CA ASN B 443 -9.37 32.83 -5.58
C ASN B 443 -8.28 32.47 -6.57
N ILE B 444 -8.09 31.17 -6.78
CA ILE B 444 -7.18 30.65 -7.79
C ILE B 444 -7.98 29.76 -8.73
N TYR B 445 -7.96 30.08 -10.01
CA TYR B 445 -8.78 29.40 -11.02
C TYR B 445 -7.89 28.49 -11.87
N TYR B 446 -8.31 27.24 -12.01
CA TYR B 446 -7.61 26.26 -12.84
C TYR B 446 -8.60 25.58 -13.77
N LEU B 447 -8.14 25.26 -14.97
CA LEU B 447 -8.96 24.60 -15.97
C LEU B 447 -8.26 23.33 -16.43
N CYS B 448 -9.03 22.26 -16.59
CA CYS B 448 -8.51 20.96 -17.02
C CYS B 448 -8.91 20.70 -18.46
N ALA B 449 -7.93 20.37 -19.30
CA ALA B 449 -8.16 20.08 -20.70
C ALA B 449 -7.04 19.19 -21.20
N PRO B 450 -7.27 18.39 -22.24
CA PRO B 450 -6.18 17.57 -22.80
C PRO B 450 -5.01 18.39 -23.32
N ASN B 451 -5.25 19.58 -23.85
CA ASN B 451 -4.20 20.37 -24.47
C ASN B 451 -4.46 21.85 -24.19
N ARG B 452 -3.40 22.65 -24.36
CA ARG B 452 -3.53 24.10 -24.15
C ARG B 452 -4.50 24.71 -25.15
N HIS B 453 -4.46 24.25 -26.41
CA HIS B 453 -5.38 24.77 -27.41
C HIS B 453 -6.82 24.47 -27.04
N LEU B 454 -7.08 23.26 -26.52
CA LEU B 454 -8.42 22.91 -26.08
C LEU B 454 -8.85 23.78 -24.92
N ALA B 455 -7.94 24.04 -23.97
CA ALA B 455 -8.27 24.88 -22.83
C ALA B 455 -8.59 26.30 -23.26
N GLU B 456 -7.82 26.83 -24.23
CA GLU B 456 -8.08 28.18 -24.71
C GLU B 456 -9.41 28.27 -25.45
N HIS B 457 -9.90 27.15 -25.97
CA HIS B 457 -11.19 27.11 -26.65
C HIS B 457 -12.22 26.28 -25.89
N SER B 458 -11.95 25.98 -24.62
CA SER B 458 -12.92 25.25 -23.82
C SER B 458 -14.14 26.11 -23.55
N PRO B 459 -15.35 25.52 -23.57
CA PRO B 459 -16.55 26.33 -23.30
C PRO B 459 -16.55 26.97 -21.93
N TYR B 460 -16.00 26.29 -20.91
CA TYR B 460 -15.94 26.89 -19.58
C TYR B 460 -15.00 28.08 -19.55
N TYR B 461 -13.86 27.97 -20.23
CA TYR B 461 -12.94 29.11 -20.31
C TYR B 461 -13.59 30.29 -21.02
N GLU B 462 -14.31 30.03 -22.12
CA GLU B 462 -14.98 31.10 -22.84
C GLU B 462 -16.07 31.75 -21.99
N ALA B 463 -16.80 30.93 -21.22
CA ALA B 463 -17.82 31.49 -20.32
C ALA B 463 -17.17 32.33 -19.23
N MET B 464 -16.00 31.91 -18.75
CA MET B 464 -15.28 32.65 -17.72
C MET B 464 -14.65 33.94 -18.27
N LYS B 465 -14.55 34.08 -19.59
CA LYS B 465 -13.87 35.23 -20.18
C LYS B 465 -14.53 36.55 -19.81
N LYS B 466 -15.78 36.52 -19.33
CA LYS B 466 -16.40 37.73 -18.79
C LYS B 466 -15.56 38.30 -17.64
N LYS B 467 -15.08 37.43 -16.77
CA LYS B 467 -14.16 37.86 -15.71
C LYS B 467 -12.78 38.12 -16.29
N ASP B 468 -12.10 39.13 -15.76
CA ASP B 468 -10.75 39.50 -16.18
C ASP B 468 -9.79 38.95 -15.14
N THR B 469 -9.40 37.69 -15.29
CA THR B 469 -8.52 37.03 -14.34
C THR B 469 -7.71 35.96 -15.05
N GLU B 470 -6.61 35.57 -14.41
CA GLU B 470 -5.71 34.56 -14.96
C GLU B 470 -6.08 33.18 -14.44
N VAL B 471 -6.07 32.20 -15.34
CA VAL B 471 -6.48 30.83 -15.02
C VAL B 471 -5.36 29.87 -15.38
N LEU B 472 -5.06 28.95 -14.47
CA LEU B 472 -4.10 27.90 -14.75
C LEU B 472 -4.72 26.80 -15.60
N PHE B 473 -3.88 26.11 -16.35
CA PHE B 473 -4.31 25.03 -17.23
C PHE B 473 -3.68 23.72 -16.77
N CYS B 474 -4.52 22.68 -16.65
CA CYS B 474 -4.08 21.37 -16.22
C CYS B 474 -4.31 20.38 -17.36
N PHE B 475 -3.30 19.56 -17.63
CA PHE B 475 -3.36 18.58 -18.71
C PHE B 475 -3.20 17.14 -18.24
N GLU B 476 -2.28 16.88 -17.31
CA GLU B 476 -2.06 15.52 -16.86
C GLU B 476 -3.24 15.00 -16.05
N GLN B 477 -3.40 13.68 -16.04
CA GLN B 477 -4.45 13.06 -15.26
C GLN B 477 -4.14 13.16 -13.77
N PHE B 478 -5.19 13.03 -12.96
CA PHE B 478 -5.09 13.14 -11.51
C PHE B 478 -4.52 14.51 -11.10
N ASP B 479 -4.86 15.53 -11.87
CA ASP B 479 -4.44 16.89 -11.58
C ASP B 479 -5.50 17.66 -10.80
N GLU B 480 -6.73 17.70 -11.30
CA GLU B 480 -7.82 18.30 -10.54
C GLU B 480 -8.03 17.57 -9.22
N LEU B 481 -7.72 16.28 -9.17
CA LEU B 481 -7.82 15.54 -7.92
C LEU B 481 -6.90 16.15 -6.87
N THR B 482 -5.65 16.45 -7.26
CA THR B 482 -4.72 17.10 -6.36
C THR B 482 -5.13 18.54 -6.08
N LEU B 483 -5.77 19.22 -7.04
CA LEU B 483 -6.26 20.57 -6.78
C LEU B 483 -7.32 20.57 -5.68
N LEU B 484 -8.24 19.61 -5.72
CA LEU B 484 -9.21 19.49 -4.64
C LEU B 484 -8.59 19.04 -3.32
N HIS B 485 -7.61 18.13 -3.34
CA HIS B 485 -6.95 17.77 -2.09
C HIS B 485 -6.21 18.96 -1.48
N LEU B 486 -5.53 19.75 -2.30
CA LEU B 486 -4.81 20.90 -1.76
C LEU B 486 -5.77 21.91 -1.15
N ARG B 487 -6.79 22.32 -1.91
CA ARG B 487 -7.96 23.05 -1.40
C ARG B 487 -7.60 24.44 -0.90
N GLU B 488 -6.30 24.76 -0.86
CA GLU B 488 -5.86 26.02 -0.28
C GLU B 488 -4.39 26.22 -0.62
N PHE B 489 -4.01 27.48 -0.86
CA PHE B 489 -2.61 27.82 -1.13
C PHE B 489 -2.40 29.27 -0.77
N ASP B 490 -1.56 29.52 0.24
CA ASP B 490 -1.27 30.87 0.72
C ASP B 490 -2.55 31.62 1.10
N LYS B 491 -3.43 30.91 1.81
CA LYS B 491 -4.72 31.46 2.24
C LYS B 491 -5.57 31.91 1.05
N LYS B 492 -5.47 31.16 -0.05
CA LYS B 492 -6.26 31.42 -1.24
C LYS B 492 -6.94 30.12 -1.67
N LYS B 493 -8.25 30.19 -1.89
CA LYS B 493 -9.01 28.99 -2.22
C LYS B 493 -8.76 28.56 -3.66
N LEU B 494 -8.91 27.27 -3.91
CA LEU B 494 -8.73 26.67 -5.23
C LEU B 494 -10.11 26.35 -5.79
N ILE B 495 -10.50 27.05 -6.85
CA ILE B 495 -11.81 26.87 -7.48
C ILE B 495 -11.60 26.61 -8.96
N SER B 496 -12.20 25.54 -9.48
CA SER B 496 -12.12 25.25 -10.89
C SER B 496 -13.03 26.20 -11.68
N VAL B 497 -12.76 26.27 -12.99
CA VAL B 497 -13.55 27.16 -13.84
C VAL B 497 -15.01 26.71 -13.88
N GLU B 498 -15.24 25.40 -14.01
CA GLU B 498 -16.60 24.89 -14.05
C GLU B 498 -17.34 25.20 -12.76
N THR B 499 -16.70 24.96 -11.61
CA THR B 499 -17.31 25.26 -10.33
C THR B 499 -17.59 26.76 -10.19
N ASP B 500 -16.64 27.59 -10.63
CA ASP B 500 -16.82 29.03 -10.54
C ASP B 500 -18.01 29.50 -11.37
N ILE B 501 -18.14 29.00 -12.60
CA ILE B 501 -19.20 29.47 -13.47
C ILE B 501 -20.55 28.95 -13.03
N VAL B 502 -20.59 27.71 -12.51
CA VAL B 502 -21.88 27.17 -12.07
C VAL B 502 -22.31 27.85 -10.77
N VAL B 503 -21.35 28.22 -9.92
CA VAL B 503 -21.68 28.96 -8.70
C VAL B 503 -22.13 30.37 -9.03
N ASP B 504 -21.43 31.04 -9.94
CA ASP B 504 -21.81 32.39 -10.33
C ASP B 504 -23.15 32.38 -11.07
N HIS B 505 -23.96 33.39 -10.81
CA HIS B 505 -25.28 33.48 -11.41
C HIS B 505 -25.30 34.52 -12.53
N CYS B 520 -29.37 35.19 -33.23
CA CYS B 520 -30.02 34.70 -32.01
C CYS B 520 -31.43 34.22 -32.29
N LEU B 521 -32.17 33.90 -31.22
CA LEU B 521 -33.52 33.42 -31.32
C LEU B 521 -34.44 34.26 -30.45
N SER B 522 -35.72 34.29 -30.81
CA SER B 522 -36.68 35.06 -30.05
C SER B 522 -36.98 34.39 -28.71
N GLU B 523 -37.62 35.14 -27.81
CA GLU B 523 -37.84 34.68 -26.45
C GLU B 523 -38.75 33.46 -26.43
N LYS B 524 -39.92 33.57 -27.08
CA LYS B 524 -40.88 32.48 -27.08
C LYS B 524 -40.34 31.27 -27.84
N GLU B 525 -39.64 31.51 -28.95
CA GLU B 525 -39.03 30.41 -29.69
C GLU B 525 -38.00 29.68 -28.83
N THR B 526 -37.19 30.44 -28.09
CA THR B 526 -36.25 29.82 -27.16
C THR B 526 -36.98 29.00 -26.11
N GLU B 527 -38.09 29.53 -25.58
CA GLU B 527 -38.83 28.80 -24.55
C GLU B 527 -39.37 27.48 -25.09
N GLU B 528 -39.96 27.50 -26.28
CA GLU B 528 -40.53 26.28 -26.82
C GLU B 528 -39.43 25.28 -27.19
N LEU B 529 -38.29 25.78 -27.69
CA LEU B 529 -37.17 24.89 -27.97
C LEU B 529 -36.67 24.22 -26.70
N MET B 530 -36.49 24.99 -25.63
CA MET B 530 -36.05 24.43 -24.36
C MET B 530 -37.06 23.44 -23.80
N ALA B 531 -38.35 23.75 -23.93
CA ALA B 531 -39.37 22.82 -23.46
C ALA B 531 -39.30 21.51 -24.22
N TRP B 532 -39.11 21.58 -25.55
CA TRP B 532 -39.02 20.36 -26.36
C TRP B 532 -37.78 19.54 -25.98
N MET B 533 -36.64 20.20 -25.81
CA MET B 533 -35.43 19.47 -25.41
C MET B 533 -35.58 18.83 -24.04
N ARG B 534 -36.17 19.57 -23.09
CA ARG B 534 -36.40 18.99 -21.76
C ARG B 534 -37.40 17.84 -21.82
N ASN B 535 -38.37 17.92 -22.73
CA ASN B 535 -39.31 16.82 -22.91
C ASN B 535 -38.57 15.57 -23.38
N VAL B 536 -37.68 15.73 -24.36
CA VAL B 536 -36.95 14.58 -24.89
C VAL B 536 -35.68 14.27 -24.11
N LEU B 537 -35.34 15.09 -23.10
CA LEU B 537 -34.22 14.80 -22.20
C LEU B 537 -34.62 14.96 -20.74
N GLY B 538 -35.87 14.62 -20.41
CA GLY B 538 -36.31 14.78 -19.03
C GLY B 538 -35.58 13.86 -18.07
N SER B 539 -35.41 12.60 -18.46
CA SER B 539 -34.73 11.64 -17.58
C SER B 539 -33.23 11.88 -17.54
N ARG B 540 -32.62 12.15 -18.69
CA ARG B 540 -31.16 12.32 -18.76
C ARG B 540 -30.68 13.64 -18.19
N VAL B 541 -31.41 14.73 -18.42
CA VAL B 541 -30.99 16.06 -17.99
C VAL B 541 -32.03 16.60 -17.02
N THR B 542 -31.57 17.04 -15.84
CA THR B 542 -32.47 17.52 -14.80
C THR B 542 -32.78 19.00 -14.90
N ASN B 543 -32.03 19.77 -15.68
CA ASN B 543 -32.27 21.20 -15.79
C ASN B 543 -31.55 21.75 -17.01
N VAL B 544 -32.22 22.63 -17.75
CA VAL B 544 -31.66 23.29 -18.92
C VAL B 544 -31.86 24.79 -18.77
N LYS B 545 -30.81 25.56 -19.02
CA LYS B 545 -30.87 27.02 -18.95
C LYS B 545 -30.26 27.61 -20.22
N VAL B 546 -30.39 28.93 -20.36
CA VAL B 546 -29.88 29.68 -21.51
C VAL B 546 -28.75 30.58 -21.02
N THR B 547 -27.61 30.49 -21.68
CA THR B 547 -26.43 31.29 -21.33
C THR B 547 -25.90 31.98 -22.58
N LEU B 548 -25.72 33.30 -22.49
CA LEU B 548 -25.18 34.08 -23.59
C LEU B 548 -23.67 34.19 -23.57
N ARG B 549 -23.02 33.69 -22.51
CA ARG B 549 -21.56 33.78 -22.42
C ARG B 549 -20.89 32.90 -23.47
N LEU B 550 -21.46 31.73 -23.75
CA LEU B 550 -20.88 30.84 -24.75
C LEU B 550 -20.94 31.49 -26.13
N ASP B 551 -19.88 31.29 -26.91
CA ASP B 551 -19.78 31.86 -28.24
C ASP B 551 -19.55 30.81 -29.34
N THR B 552 -18.73 29.80 -29.08
CA THR B 552 -18.40 28.79 -30.08
C THR B 552 -18.83 27.39 -29.65
N HIS B 553 -19.58 27.27 -28.55
CA HIS B 553 -20.06 25.98 -28.11
C HIS B 553 -21.57 25.99 -27.97
N PRO B 554 -22.29 25.18 -28.74
CA PRO B 554 -23.76 25.23 -28.69
C PRO B 554 -24.35 24.79 -27.36
N ALA B 555 -23.61 24.04 -26.55
CA ALA B 555 -24.14 23.56 -25.28
C ALA B 555 -22.99 23.34 -24.30
N MET B 556 -23.35 23.22 -23.03
CA MET B 556 -22.36 23.01 -21.97
C MET B 556 -23.05 22.39 -20.78
N VAL B 557 -22.48 21.29 -20.27
CA VAL B 557 -22.99 20.62 -19.08
C VAL B 557 -22.21 21.14 -17.87
N THR B 558 -22.93 21.58 -16.85
CA THR B 558 -22.32 22.14 -15.65
C THR B 558 -22.79 21.34 -14.42
N VAL B 559 -21.83 20.95 -13.59
CA VAL B 559 -22.09 20.28 -12.32
C VAL B 559 -21.35 21.06 -11.23
N LEU B 560 -21.97 21.14 -10.05
CA LEU B 560 -21.40 21.94 -8.97
C LEU B 560 -20.01 21.44 -8.59
N GLU B 561 -19.89 20.16 -8.29
CA GLU B 561 -18.60 19.53 -7.98
C GLU B 561 -18.03 18.81 -9.18
N MET B 562 -17.72 19.56 -10.24
CA MET B 562 -17.26 18.94 -11.48
C MET B 562 -15.95 18.18 -11.28
N GLY B 563 -15.00 18.78 -10.56
CA GLY B 563 -13.74 18.10 -10.33
C GLY B 563 -13.90 16.82 -9.54
N ALA B 564 -14.75 16.84 -8.51
CA ALA B 564 -15.01 15.63 -7.74
C ALA B 564 -15.83 14.63 -8.56
N ALA B 565 -16.80 15.10 -9.34
CA ALA B 565 -17.64 14.20 -10.12
C ALA B 565 -16.85 13.47 -11.18
N ARG B 566 -15.90 14.15 -11.83
CA ARG B 566 -15.10 13.50 -12.87
C ARG B 566 -14.31 12.33 -12.31
N HIS B 567 -13.71 12.49 -11.13
CA HIS B 567 -12.96 11.39 -10.54
C HIS B 567 -13.89 10.34 -9.96
N PHE B 568 -15.06 10.74 -9.45
CA PHE B 568 -16.00 9.77 -8.92
C PHE B 568 -16.54 8.87 -10.01
N LEU B 569 -16.69 9.39 -11.23
CA LEU B 569 -17.20 8.59 -12.33
C LEU B 569 -16.26 7.44 -12.66
N ARG B 570 -14.95 7.65 -12.53
CA ARG B 570 -13.98 6.63 -12.87
C ARG B 570 -14.00 5.45 -11.92
N MET B 571 -14.66 5.56 -10.76
CA MET B 571 -14.76 4.46 -9.82
C MET B 571 -16.19 3.92 -9.68
N GLN B 572 -17.19 4.71 -10.02
CA GLN B 572 -18.57 4.20 -10.08
C GLN B 572 -19.23 4.62 -11.38
N THR B 577 -27.91 2.13 -17.22
CA THR B 577 -26.53 2.61 -17.27
C THR B 577 -26.48 4.13 -17.26
N GLN B 578 -26.93 4.75 -18.36
CA GLN B 578 -26.91 6.20 -18.44
C GLN B 578 -27.88 6.83 -17.44
N GLU B 579 -29.01 6.18 -17.16
CA GLU B 579 -29.98 6.74 -16.22
C GLU B 579 -29.39 6.85 -14.83
N GLU B 580 -28.69 5.81 -14.37
CA GLU B 580 -28.08 5.85 -13.04
C GLU B 580 -27.03 6.95 -12.95
N ARG B 581 -26.20 7.10 -13.99
CA ARG B 581 -25.17 8.14 -13.99
C ARG B 581 -25.80 9.52 -13.98
N ALA B 582 -26.87 9.71 -14.76
CA ALA B 582 -27.58 10.98 -14.75
C ALA B 582 -28.18 11.28 -13.38
N GLN B 583 -28.73 10.26 -12.73
CA GLN B 583 -29.31 10.45 -11.41
C GLN B 583 -28.23 10.83 -10.38
N LEU B 584 -27.07 10.19 -10.48
CA LEU B 584 -26.00 10.47 -9.51
C LEU B 584 -25.10 11.62 -9.93
N LEU B 585 -25.39 12.27 -11.06
CA LEU B 585 -24.59 13.40 -11.51
C LEU B 585 -25.40 14.66 -11.77
N GLN B 586 -26.67 14.54 -12.14
CA GLN B 586 -27.51 15.67 -12.54
C GLN B 586 -26.82 16.50 -13.62
N PRO B 587 -26.69 15.99 -14.84
CA PRO B 587 -26.04 16.78 -15.89
C PRO B 587 -26.87 17.96 -16.33
N THR B 588 -26.79 19.06 -15.59
CA THR B 588 -27.56 20.26 -15.90
C THR B 588 -27.09 20.84 -17.23
N LEU B 589 -27.92 20.70 -18.26
CA LEU B 589 -27.58 21.22 -19.58
C LEU B 589 -27.65 22.75 -19.58
N GLU B 590 -26.87 23.34 -20.48
CA GLU B 590 -26.81 24.80 -20.58
C GLU B 590 -26.38 25.13 -22.01
N ILE B 591 -27.33 25.51 -22.85
CA ILE B 591 -27.09 25.63 -24.28
C ILE B 591 -26.90 27.10 -24.65
N ASN B 592 -26.37 27.32 -25.84
CA ASN B 592 -26.12 28.66 -26.36
C ASN B 592 -27.03 28.93 -27.55
N PRO B 593 -28.06 29.75 -27.41
CA PRO B 593 -28.95 30.02 -28.56
C PRO B 593 -28.25 30.67 -29.73
N ARG B 594 -27.21 31.48 -29.48
CA ARG B 594 -26.54 32.19 -30.56
C ARG B 594 -25.77 31.26 -31.50
N HIS B 595 -25.52 30.03 -31.09
CA HIS B 595 -24.80 29.09 -31.94
C HIS B 595 -25.64 28.74 -33.17
N ALA B 596 -24.97 28.58 -34.31
CA ALA B 596 -25.67 28.28 -35.56
C ALA B 596 -26.33 26.91 -35.51
N LEU B 597 -25.73 25.96 -34.78
CA LEU B 597 -26.34 24.63 -34.67
C LEU B 597 -27.69 24.68 -33.97
N ILE B 598 -27.79 25.46 -32.88
CA ILE B 598 -29.06 25.61 -32.19
C ILE B 598 -30.08 26.30 -33.10
N LYS B 599 -29.64 27.31 -33.85
CA LYS B 599 -30.54 27.97 -34.78
C LYS B 599 -31.06 27.00 -35.83
N LYS B 600 -30.20 26.13 -36.34
CA LYS B 600 -30.63 25.14 -37.32
C LYS B 600 -31.60 24.14 -36.69
N LEU B 601 -31.33 23.69 -35.46
CA LEU B 601 -32.25 22.79 -34.78
C LEU B 601 -33.59 23.45 -34.53
N ASN B 602 -33.61 24.78 -34.38
CA ASN B 602 -34.86 25.49 -34.15
C ASN B 602 -35.89 25.20 -35.25
N GLN B 603 -35.43 25.15 -36.50
CA GLN B 603 -36.32 24.80 -37.60
C GLN B 603 -36.31 23.33 -37.95
N LEU B 604 -35.28 22.57 -37.55
CA LEU B 604 -35.32 21.13 -37.75
C LEU B 604 -36.26 20.43 -36.77
N ARG B 605 -36.66 21.09 -35.69
CA ARG B 605 -37.56 20.45 -34.73
C ARG B 605 -38.92 20.11 -35.34
N ALA B 606 -39.33 20.81 -36.40
CA ALA B 606 -40.62 20.59 -37.03
C ALA B 606 -40.52 19.76 -38.30
N SER B 607 -39.58 20.08 -39.19
CA SER B 607 -39.46 19.36 -40.45
C SER B 607 -39.06 17.90 -40.22
N GLU B 608 -38.08 17.68 -39.36
CA GLU B 608 -37.56 16.34 -39.07
C GLU B 608 -37.51 16.12 -37.57
N PRO B 609 -38.64 15.79 -36.94
CA PRO B 609 -38.62 15.56 -35.48
C PRO B 609 -37.68 14.45 -35.06
N GLY B 610 -37.59 13.36 -35.83
CA GLY B 610 -36.67 12.30 -35.48
C GLY B 610 -35.22 12.73 -35.58
N LEU B 611 -34.88 13.43 -36.67
CA LEU B 611 -33.52 13.94 -36.80
C LEU B 611 -33.23 14.99 -35.73
N ALA B 612 -34.24 15.78 -35.34
CA ALA B 612 -34.06 16.74 -34.26
C ALA B 612 -33.78 16.03 -32.94
N GLN B 613 -34.50 14.95 -32.66
CA GLN B 613 -34.23 14.18 -31.44
C GLN B 613 -32.83 13.59 -31.47
N LEU B 614 -32.43 13.03 -32.61
CA LEU B 614 -31.07 12.50 -32.73
C LEU B 614 -30.04 13.59 -32.51
N LEU B 615 -30.29 14.79 -33.04
CA LEU B 615 -29.31 15.87 -32.94
C LEU B 615 -29.23 16.40 -31.52
N VAL B 616 -30.36 16.48 -30.81
CA VAL B 616 -30.32 16.94 -29.43
C VAL B 616 -29.62 15.91 -28.55
N ASP B 617 -29.84 14.63 -28.82
CA ASP B 617 -29.08 13.60 -28.11
C ASP B 617 -27.59 13.73 -28.40
N GLN B 618 -27.24 13.99 -29.66
CA GLN B 618 -25.83 14.11 -30.03
C GLN B 618 -25.17 15.31 -29.37
N ILE B 619 -25.87 16.45 -29.33
CA ILE B 619 -25.27 17.63 -28.70
C ILE B 619 -25.17 17.45 -27.19
N TYR B 620 -26.14 16.76 -26.59
CA TYR B 620 -26.01 16.42 -25.17
C TYR B 620 -24.79 15.55 -24.93
N GLU B 621 -24.58 14.55 -25.78
CA GLU B 621 -23.40 13.69 -25.65
C GLU B 621 -22.11 14.48 -25.83
N ASN B 622 -22.10 15.39 -26.80
CA ASN B 622 -20.91 16.20 -27.04
C ASN B 622 -20.60 17.09 -25.84
N ALA B 623 -21.63 17.71 -25.26
CA ALA B 623 -21.42 18.53 -24.08
C ALA B 623 -20.94 17.69 -22.90
N MET B 624 -21.47 16.48 -22.76
CA MET B 624 -21.02 15.59 -21.70
C MET B 624 -19.54 15.21 -21.89
N ILE B 625 -19.14 14.95 -23.13
CA ILE B 625 -17.75 14.62 -23.40
C ILE B 625 -16.85 15.82 -23.10
N ALA B 626 -17.28 17.02 -23.51
CA ALA B 626 -16.52 18.21 -23.21
C ALA B 626 -16.38 18.44 -21.71
N ALA B 627 -17.36 17.97 -20.94
CA ALA B 627 -17.29 18.03 -19.48
C ALA B 627 -16.40 16.94 -18.89
N GLY B 628 -15.99 15.95 -19.68
CA GLY B 628 -15.26 14.84 -19.14
C GLY B 628 -16.09 13.89 -18.31
N LEU B 629 -17.41 13.89 -18.51
CA LEU B 629 -18.34 13.08 -17.72
C LEU B 629 -18.82 11.86 -18.50
N VAL B 630 -17.96 11.26 -19.32
CA VAL B 630 -18.29 10.04 -20.05
C VAL B 630 -17.32 8.95 -19.61
N ASP B 631 -17.87 7.83 -19.16
CA ASP B 631 -17.02 6.70 -18.76
C ASP B 631 -16.43 6.00 -19.98
N ASP B 632 -17.23 5.85 -21.03
CA ASP B 632 -16.80 5.19 -22.25
C ASP B 632 -17.60 5.73 -23.43
N PRO B 633 -16.97 6.41 -24.38
CA PRO B 633 -17.70 7.02 -25.49
C PRO B 633 -18.07 6.07 -26.63
N ARG B 634 -17.97 4.77 -26.42
CA ARG B 634 -18.31 3.82 -27.48
C ARG B 634 -19.81 3.77 -27.73
N ALA B 635 -20.63 4.06 -26.73
CA ALA B 635 -22.07 3.95 -26.89
C ALA B 635 -22.62 4.94 -27.92
N MET B 636 -22.10 6.17 -27.92
CA MET B 636 -22.62 7.20 -28.80
C MET B 636 -22.21 7.02 -30.25
N VAL B 637 -21.29 6.09 -30.54
CA VAL B 637 -20.79 5.92 -31.90
C VAL B 637 -21.91 5.51 -32.84
N GLY B 638 -22.75 4.57 -32.41
CA GLY B 638 -23.82 4.10 -33.27
C GLY B 638 -24.82 5.18 -33.61
N ARG B 639 -25.25 5.95 -32.61
CA ARG B 639 -26.20 7.02 -32.88
C ARG B 639 -25.57 8.16 -33.65
N LEU B 640 -24.28 8.42 -33.45
CA LEU B 640 -23.60 9.41 -34.29
C LEU B 640 -23.55 8.97 -35.74
N ASN B 641 -23.26 7.69 -35.98
CA ASN B 641 -23.26 7.18 -37.35
C ASN B 641 -24.65 7.26 -37.97
N GLU B 642 -25.68 6.93 -37.20
CA GLU B 642 -27.05 7.05 -37.71
C GLU B 642 -27.38 8.51 -38.04
N LEU B 643 -26.99 9.44 -37.17
CA LEU B 643 -27.20 10.85 -37.44
C LEU B 643 -26.48 11.29 -38.70
N LEU B 644 -25.24 10.85 -38.88
CA LEU B 644 -24.48 11.24 -40.07
C LEU B 644 -25.11 10.68 -41.34
N VAL B 645 -25.56 9.43 -41.30
CA VAL B 645 -26.10 8.82 -42.52
C VAL B 645 -27.47 9.40 -42.85
N LYS B 646 -28.26 9.76 -41.85
CA LYS B 646 -29.60 10.30 -42.09
C LYS B 646 -29.66 11.82 -42.09
N ALA B 647 -28.53 12.50 -41.92
CA ALA B 647 -28.50 13.96 -41.87
C ALA B 647 -28.00 14.60 -43.15
N LEU B 648 -26.82 14.20 -43.63
CA LEU B 648 -26.24 14.78 -44.83
C LEU B 648 -26.63 14.03 -46.09
N GLU B 649 -27.67 13.20 -46.03
CA GLU B 649 -28.14 12.50 -47.21
C GLU B 649 -28.71 13.45 -48.27
N ARG B 650 -29.11 14.66 -47.87
CA ARG B 650 -29.64 15.64 -48.82
C ARG B 650 -28.57 16.21 -49.74
N HIS B 651 -27.29 16.02 -49.42
CA HIS B 651 -26.21 16.54 -50.25
C HIS B 651 -26.09 15.74 -51.55
N PRO C 11 -45.43 28.24 17.92
CA PRO C 11 -44.48 27.11 17.85
C PRO C 11 -44.45 26.46 16.48
N ARG C 12 -43.38 26.69 15.73
CA ARG C 12 -43.20 26.13 14.38
C ARG C 12 -41.96 25.24 14.40
N ILE C 13 -42.15 23.97 14.74
CA ILE C 13 -41.06 23.00 14.78
C ILE C 13 -40.83 22.47 13.38
N LYS C 14 -39.60 22.62 12.88
CA LYS C 14 -39.23 22.17 11.55
C LYS C 14 -38.47 20.85 11.66
N LYS C 15 -38.87 19.88 10.84
CA LYS C 15 -38.23 18.56 10.82
C LYS C 15 -37.17 18.53 9.73
N PHE C 16 -35.92 18.28 10.12
CA PHE C 16 -34.80 18.17 9.20
C PHE C 16 -34.26 16.75 9.22
N ALA C 17 -34.13 16.15 8.04
CA ALA C 17 -33.59 14.80 7.88
C ALA C 17 -32.23 14.92 7.23
N ILE C 18 -31.17 14.83 8.03
CA ILE C 18 -29.82 15.11 7.58
C ILE C 18 -29.03 13.82 7.47
N TYR C 19 -28.41 13.63 6.31
CA TYR C 19 -27.51 12.51 6.06
C TYR C 19 -26.23 12.68 6.87
N ARG C 20 -25.75 11.57 7.45
CA ARG C 20 -24.57 11.62 8.29
C ARG C 20 -23.71 10.40 8.04
N TRP C 21 -22.40 10.60 7.96
CA TRP C 21 -21.44 9.52 7.77
C TRP C 21 -20.10 9.99 8.32
N ASP C 22 -19.67 9.38 9.43
CA ASP C 22 -18.41 9.75 10.06
C ASP C 22 -17.33 8.76 9.67
N PRO C 23 -16.30 9.17 8.92
CA PRO C 23 -15.23 8.22 8.56
C PRO C 23 -14.50 7.65 9.77
N ASP C 24 -14.34 8.44 10.83
CA ASP C 24 -13.61 7.97 12.01
C ASP C 24 -14.45 7.08 12.91
N LYS C 25 -15.76 7.03 12.70
CA LYS C 25 -16.62 6.19 13.52
C LYS C 25 -16.34 4.72 13.25
N ALA C 26 -16.36 3.92 14.31
CA ALA C 26 -16.10 2.48 14.18
C ALA C 26 -17.34 1.79 13.62
N GLY C 27 -17.20 1.19 12.44
CA GLY C 27 -18.31 0.50 11.80
C GLY C 27 -19.44 1.41 11.39
N ASP C 28 -19.14 2.62 10.95
CA ASP C 28 -20.18 3.54 10.51
C ASP C 28 -20.82 3.05 9.22
N LYS C 29 -22.14 3.14 9.16
CA LYS C 29 -22.93 2.77 8.00
C LYS C 29 -23.91 3.90 7.69
N PRO C 30 -24.33 4.03 6.43
CA PRO C 30 -25.30 5.07 6.09
C PRO C 30 -26.60 4.90 6.88
N HIS C 31 -26.91 5.92 7.67
CA HIS C 31 -28.10 5.90 8.52
C HIS C 31 -28.74 7.28 8.49
N MET C 32 -30.04 7.30 8.79
CA MET C 32 -30.86 8.50 8.68
C MET C 32 -31.19 9.03 10.07
N GLN C 33 -31.08 10.35 10.25
CA GLN C 33 -31.42 11.01 11.49
C GLN C 33 -32.37 12.17 11.21
N THR C 34 -33.21 12.47 12.19
CA THR C 34 -34.17 13.57 12.10
C THR C 34 -33.82 14.63 13.13
N TYR C 35 -33.76 15.89 12.68
CA TYR C 35 -33.44 17.02 13.53
C TYR C 35 -34.61 17.99 13.57
N GLU C 36 -34.98 18.42 14.78
CA GLU C 36 -36.10 19.32 14.99
C GLU C 36 -35.58 20.69 15.43
N VAL C 37 -35.86 21.71 14.65
CA VAL C 37 -35.43 23.07 14.93
C VAL C 37 -36.63 24.00 14.80
N ASP C 38 -36.82 24.86 15.81
CA ASP C 38 -37.93 25.80 15.79
C ASP C 38 -37.65 26.89 14.75
N LEU C 39 -38.66 27.19 13.94
CA LEU C 39 -38.51 28.20 12.89
C LEU C 39 -38.68 29.62 13.42
N ASN C 40 -39.22 29.79 14.62
CA ASN C 40 -39.42 31.13 15.18
C ASN C 40 -38.13 31.77 15.65
N LYS C 41 -37.09 30.97 15.93
CA LYS C 41 -35.80 31.49 16.39
C LYS C 41 -34.65 31.10 15.48
N CYS C 42 -34.95 30.78 14.22
CA CYS C 42 -33.92 30.38 13.27
C CYS C 42 -34.08 31.19 11.98
N GLY C 43 -32.96 31.40 11.30
CA GLY C 43 -32.95 32.14 10.05
C GLY C 43 -33.72 31.42 8.97
N PRO C 44 -34.40 32.20 8.11
CA PRO C 44 -35.16 31.58 7.01
C PRO C 44 -34.30 30.77 6.06
N MET C 45 -33.04 31.16 5.85
CA MET C 45 -32.18 30.45 4.92
C MET C 45 -31.82 29.07 5.45
N VAL C 46 -31.53 28.16 4.53
CA VAL C 46 -31.20 26.79 4.89
C VAL C 46 -29.89 26.73 5.66
N LEU C 47 -28.92 27.57 5.28
CA LEU C 47 -27.60 27.53 5.92
C LEU C 47 -27.69 27.89 7.40
N ASP C 48 -28.65 28.73 7.79
CA ASP C 48 -28.79 29.10 9.20
C ASP C 48 -29.14 27.89 10.06
N ALA C 49 -30.02 27.02 9.55
CA ALA C 49 -30.40 25.83 10.30
C ALA C 49 -29.21 24.90 10.51
N LEU C 50 -28.36 24.74 9.49
CA LEU C 50 -27.17 23.90 9.63
C LEU C 50 -26.24 24.46 10.69
N ILE C 51 -26.02 25.77 10.69
CA ILE C 51 -25.16 26.38 11.71
C ILE C 51 -25.79 26.26 13.09
N LYS C 52 -27.12 26.35 13.17
CA LYS C 52 -27.80 26.31 14.45
C LYS C 52 -27.58 24.98 15.15
N ILE C 53 -27.72 23.87 14.42
CA ILE C 53 -27.51 22.56 15.03
C ILE C 53 -26.04 22.34 15.33
N LYS C 54 -25.14 22.94 14.54
CA LYS C 54 -23.71 22.78 14.78
C LYS C 54 -23.30 23.36 16.12
N ASN C 55 -23.83 24.52 16.47
CA ASN C 55 -23.46 25.19 17.71
C ASN C 55 -24.32 24.75 18.90
N GLU C 56 -25.52 24.24 18.65
CA GLU C 56 -26.45 23.91 19.72
C GLU C 56 -26.77 22.42 19.80
N VAL C 57 -27.19 21.81 18.70
CA VAL C 57 -27.67 20.43 18.75
C VAL C 57 -26.51 19.45 18.67
N ASP C 58 -25.78 19.46 17.56
CA ASP C 58 -24.70 18.51 17.34
C ASP C 58 -23.68 19.11 16.38
N SER C 59 -22.42 19.14 16.79
CA SER C 59 -21.34 19.67 15.97
C SER C 59 -20.68 18.60 15.11
N THR C 60 -21.17 17.37 15.13
CA THR C 60 -20.58 16.32 14.32
C THR C 60 -20.69 16.62 12.83
N LEU C 61 -21.85 17.13 12.40
CA LEU C 61 -22.04 17.47 11.00
C LEU C 61 -21.07 18.57 10.57
N THR C 62 -20.43 18.38 9.43
CA THR C 62 -19.44 19.31 8.90
C THR C 62 -19.95 19.90 7.61
N PHE C 63 -19.89 21.23 7.50
CA PHE C 63 -20.31 21.93 6.29
C PHE C 63 -19.40 23.13 6.08
N ARG C 64 -19.31 23.56 4.83
CA ARG C 64 -18.44 24.67 4.45
C ARG C 64 -19.26 25.91 4.15
N ARG C 65 -18.99 26.99 4.88
CA ARG C 65 -19.64 28.26 4.63
C ARG C 65 -18.66 29.38 4.96
N SER C 66 -18.57 30.37 4.07
CA SER C 66 -17.65 31.49 4.24
C SER C 66 -18.35 32.83 4.28
N CYS C 67 -19.26 33.09 3.34
CA CYS C 67 -19.83 34.42 3.16
C CYS C 67 -21.34 34.49 3.35
N ARG C 68 -22.00 33.34 3.63
CA ARG C 68 -23.44 33.23 3.88
C ARG C 68 -24.26 34.14 2.98
N GLU C 69 -23.83 34.31 1.73
CA GLU C 69 -24.49 35.19 0.78
C GLU C 69 -24.69 34.58 -0.59
N GLY C 70 -23.92 33.56 -0.98
CA GLY C 70 -24.01 32.98 -2.29
C GLY C 70 -22.91 33.36 -3.25
N ILE C 71 -21.70 33.65 -2.77
CA ILE C 71 -20.62 34.09 -3.62
C ILE C 71 -19.47 33.07 -3.69
N CYS C 72 -19.25 32.28 -2.63
CA CYS C 72 -18.16 31.32 -2.63
C CYS C 72 -18.59 29.95 -3.14
N GLY C 73 -19.87 29.60 -2.99
CA GLY C 73 -20.36 28.33 -3.49
C GLY C 73 -20.13 27.15 -2.58
N SER C 74 -19.56 27.36 -1.39
CA SER C 74 -19.30 26.25 -0.47
C SER C 74 -20.57 25.74 0.18
N CYS C 75 -21.67 26.49 0.10
CA CYS C 75 -22.92 26.15 0.76
C CYS C 75 -23.89 25.38 -0.14
N ALA C 76 -23.41 24.87 -1.27
CA ALA C 76 -24.27 24.20 -2.25
C ALA C 76 -24.35 22.71 -1.92
N MET C 77 -25.57 22.25 -1.64
CA MET C 77 -25.86 20.83 -1.50
C MET C 77 -27.17 20.49 -2.20
N ASN C 78 -27.62 19.26 -2.01
CA ASN C 78 -28.81 18.73 -2.68
C ASN C 78 -29.95 18.62 -1.67
N ILE C 79 -31.14 19.11 -2.06
CA ILE C 79 -32.35 18.99 -1.26
C ILE C 79 -33.46 18.46 -2.16
N ASN C 80 -34.20 17.47 -1.66
CA ASN C 80 -35.33 16.87 -2.36
C ASN C 80 -34.94 16.38 -3.75
N GLY C 81 -33.72 15.84 -3.82
CA GLY C 81 -33.20 15.34 -5.08
C GLY C 81 -32.74 16.44 -6.02
N GLY C 82 -32.65 17.65 -5.51
CA GLY C 82 -32.25 18.79 -6.34
C GLY C 82 -31.13 19.57 -5.70
N ASN C 83 -30.09 19.83 -6.50
CA ASN C 83 -28.91 20.55 -6.03
C ASN C 83 -29.26 22.02 -5.90
N THR C 84 -29.06 22.58 -4.72
CA THR C 84 -29.38 23.99 -4.47
C THR C 84 -28.29 24.65 -3.63
N LEU C 85 -28.57 25.86 -3.16
CA LEU C 85 -27.65 26.60 -2.31
C LEU C 85 -28.34 26.95 -0.99
N ALA C 86 -27.67 26.65 0.12
CA ALA C 86 -28.29 26.81 1.43
C ALA C 86 -28.40 28.27 1.85
N CYS C 87 -27.43 29.10 1.47
CA CYS C 87 -27.41 30.50 1.88
C CYS C 87 -28.25 31.39 0.97
N THR C 88 -28.88 30.83 -0.05
CA THR C 88 -29.83 31.55 -0.89
C THR C 88 -31.25 31.03 -0.76
N ARG C 89 -31.45 29.72 -0.92
CA ARG C 89 -32.77 29.12 -0.80
C ARG C 89 -33.18 29.08 0.67
N ARG C 90 -34.45 29.42 0.92
CA ARG C 90 -34.97 29.46 2.28
C ARG C 90 -35.53 28.10 2.68
N ILE C 91 -35.93 28.01 3.95
CA ILE C 91 -36.48 26.77 4.50
C ILE C 91 -37.98 26.72 4.25
N ASP C 92 -38.46 25.57 3.80
CA ASP C 92 -39.90 25.39 3.59
C ASP C 92 -40.65 25.50 4.90
N THR C 93 -41.77 26.20 4.87
CA THR C 93 -42.57 26.45 6.07
C THR C 93 -43.66 25.41 6.31
N ASN C 94 -43.74 24.38 5.47
CA ASN C 94 -44.77 23.37 5.63
C ASN C 94 -44.46 22.47 6.81
N LEU C 95 -45.38 22.41 7.78
CA LEU C 95 -45.17 21.56 8.96
C LEU C 95 -45.18 20.09 8.59
N ASN C 96 -46.16 19.68 7.78
CA ASN C 96 -46.27 18.26 7.40
C ASN C 96 -45.07 17.82 6.57
N LYS C 97 -44.64 18.64 5.62
CA LYS C 97 -43.53 18.29 4.76
C LYS C 97 -42.22 18.34 5.54
N VAL C 98 -41.35 17.37 5.28
CA VAL C 98 -40.03 17.28 5.91
C VAL C 98 -38.97 17.50 4.85
N SER C 99 -37.97 18.32 5.18
CA SER C 99 -36.89 18.61 4.24
C SER C 99 -35.96 17.42 4.11
N LYS C 100 -35.61 17.08 2.88
CA LYS C 100 -34.68 15.98 2.60
C LYS C 100 -33.27 16.56 2.44
N ILE C 101 -32.54 16.65 3.54
CA ILE C 101 -31.18 17.20 3.55
C ILE C 101 -30.24 16.07 3.16
N TYR C 102 -29.68 16.16 1.96
CA TYR C 102 -28.75 15.19 1.42
C TYR C 102 -27.49 15.91 0.97
N PRO C 103 -26.36 15.21 0.92
CA PRO C 103 -25.15 15.81 0.31
C PRO C 103 -25.29 15.87 -1.19
N LEU C 104 -24.21 16.24 -1.88
CA LEU C 104 -24.21 16.25 -3.33
C LEU C 104 -24.45 14.83 -3.82
N PRO C 105 -25.02 14.63 -5.04
CA PRO C 105 -25.75 13.40 -5.37
C PRO C 105 -25.20 12.11 -4.77
N HIS C 106 -23.93 11.78 -5.04
CA HIS C 106 -23.25 10.77 -4.24
C HIS C 106 -22.06 11.35 -3.50
N MET C 107 -21.05 11.84 -4.24
CA MET C 107 -19.95 12.67 -3.75
C MET C 107 -19.54 12.36 -2.32
N TYR C 108 -19.21 11.10 -2.04
CA TYR C 108 -18.85 10.66 -0.70
C TYR C 108 -17.40 11.02 -0.39
N VAL C 109 -16.84 10.39 0.64
CA VAL C 109 -15.52 10.74 1.17
C VAL C 109 -14.39 10.49 0.18
N ILE C 110 -14.69 10.09 -1.07
CA ILE C 110 -13.71 9.85 -2.11
C ILE C 110 -12.64 10.95 -2.13
N LYS C 111 -13.04 12.18 -1.80
CA LYS C 111 -12.07 13.27 -1.72
C LYS C 111 -10.98 12.96 -0.68
N ASP C 112 -11.28 12.10 0.30
CA ASP C 112 -10.32 11.76 1.34
C ASP C 112 -10.08 10.25 1.44
N LEU C 113 -10.54 9.47 0.45
CA LEU C 113 -10.26 8.04 0.48
C LEU C 113 -8.81 7.72 0.17
N VAL C 114 -8.07 8.64 -0.45
CA VAL C 114 -6.66 8.47 -0.78
C VAL C 114 -6.47 7.19 -1.57
N PRO C 115 -6.87 7.14 -2.85
CA PRO C 115 -6.70 5.91 -3.62
C PRO C 115 -5.24 5.52 -3.74
N ASP C 116 -4.99 4.20 -3.74
CA ASP C 116 -3.64 3.67 -3.81
C ASP C 116 -3.22 3.31 -5.23
N LEU C 117 -4.10 2.61 -5.96
CA LEU C 117 -3.82 2.15 -7.33
C LEU C 117 -2.54 1.33 -7.37
N SER C 118 -2.42 0.38 -6.44
CA SER C 118 -1.24 -0.46 -6.36
C SER C 118 -1.27 -1.54 -7.44
N ASN C 119 -0.28 -2.42 -7.39
CA ASN C 119 -0.12 -3.51 -8.37
C ASN C 119 -0.06 -2.96 -9.80
N PHE C 120 0.66 -1.84 -9.97
CA PHE C 120 0.71 -1.18 -11.26
C PHE C 120 1.83 -1.75 -12.15
N TYR C 121 2.98 -2.10 -11.55
CA TYR C 121 4.06 -2.70 -12.33
C TYR C 121 3.67 -4.05 -12.87
N ALA C 122 2.97 -4.86 -12.07
CA ALA C 122 2.56 -6.18 -12.54
C ALA C 122 1.64 -6.09 -13.74
N GLN C 123 0.88 -5.00 -13.85
CA GLN C 123 0.07 -4.79 -15.05
C GLN C 123 0.94 -4.61 -16.28
N TYR C 124 2.03 -3.86 -16.15
CA TYR C 124 2.98 -3.71 -17.27
C TYR C 124 3.68 -5.03 -17.56
N LYS C 125 4.03 -5.78 -16.52
CA LYS C 125 4.71 -7.06 -16.70
C LYS C 125 3.88 -8.03 -17.53
N SER C 126 2.57 -7.83 -17.58
CA SER C 126 1.68 -8.66 -18.37
C SER C 126 1.47 -8.14 -19.79
N ILE C 127 2.14 -7.06 -20.15
CA ILE C 127 1.94 -6.39 -21.43
C ILE C 127 3.01 -6.78 -22.45
N GLU C 128 4.28 -6.75 -22.05
CA GLU C 128 5.36 -7.00 -23.00
C GLU C 128 5.45 -8.42 -23.56
N PRO C 129 4.95 -9.49 -22.91
CA PRO C 129 4.96 -10.79 -23.60
C PRO C 129 4.16 -10.78 -24.89
N TYR C 130 3.06 -10.03 -24.93
CA TYR C 130 2.29 -9.90 -26.16
C TYR C 130 2.99 -8.99 -27.17
N LEU C 131 3.72 -7.99 -26.70
CA LEU C 131 4.44 -7.09 -27.58
C LEU C 131 5.91 -7.49 -27.69
#